data_2ARF
#
_entry.id   2ARF
#
_entity_poly.entity_id   1
_entity_poly.type   'polypeptide(L)'
_entity_poly.pdbx_seq_one_letter_code
;AGHMVPRVMRVLLLGDVATLPLRKVLAVVGTAEASSEHPLGVAVTKYCKEELGTETLGYCTDFQAVPGCGIGCKVSNVEG
ILAHSERPLSAPASHLNEAGSLPAEKDAVPQTFSVLIGNREWLRRNGLTISSDVSDAMTDHEMKGQTAILVAIDGVLCGM
IAIAD
;
_entity_poly.pdbx_strand_id   A
#
# COMPACT_ATOMS: atom_id res chain seq x y z
N ALA A 1 -14.50 -23.58 7.05
CA ALA A 1 -14.51 -24.82 6.28
C ALA A 1 -13.10 -25.39 6.23
N GLY A 2 -12.19 -24.63 5.66
CA GLY A 2 -10.81 -25.05 5.55
C GLY A 2 -9.86 -23.88 5.75
N HIS A 3 -8.57 -24.16 5.60
CA HIS A 3 -7.54 -23.14 5.77
C HIS A 3 -6.37 -23.44 4.83
N MET A 4 -6.25 -22.59 3.82
CA MET A 4 -5.17 -22.75 2.85
C MET A 4 -4.96 -21.46 2.06
N VAL A 5 -3.73 -20.98 2.09
CA VAL A 5 -3.38 -19.76 1.38
C VAL A 5 -2.72 -20.12 0.04
N PRO A 6 -3.27 -19.52 -1.05
CA PRO A 6 -2.75 -19.77 -2.38
C PRO A 6 -1.42 -19.04 -2.60
N ARG A 7 -1.07 -18.91 -3.87
CA ARG A 7 0.18 -18.24 -4.22
C ARG A 7 -0.06 -17.29 -5.40
N VAL A 8 0.80 -16.28 -5.48
CA VAL A 8 0.70 -15.30 -6.55
C VAL A 8 1.15 -15.93 -7.86
N MET A 9 0.40 -15.65 -8.91
CA MET A 9 0.71 -16.19 -10.22
C MET A 9 1.34 -15.11 -11.12
N ARG A 10 0.73 -13.93 -11.08
CA ARG A 10 1.22 -12.82 -11.87
C ARG A 10 0.53 -11.52 -11.46
N VAL A 11 1.18 -10.42 -11.75
CA VAL A 11 0.65 -9.11 -11.41
C VAL A 11 0.42 -8.30 -12.69
N LEU A 12 -0.71 -7.61 -12.72
CA LEU A 12 -1.06 -6.79 -13.87
C LEU A 12 -1.14 -5.32 -13.46
N LEU A 13 -0.83 -4.45 -14.41
CA LEU A 13 -0.87 -3.03 -14.14
C LEU A 13 -2.32 -2.55 -14.17
N LEU A 14 -2.65 -1.71 -13.20
CA LEU A 14 -4.00 -1.18 -13.10
C LEU A 14 -3.93 0.26 -12.57
N GLY A 15 -2.77 0.87 -12.77
CA GLY A 15 -2.57 2.24 -12.33
C GLY A 15 -2.23 3.15 -13.51
N ASP A 16 -1.48 4.21 -13.21
CA ASP A 16 -1.08 5.16 -14.23
C ASP A 16 -0.33 6.31 -13.58
N VAL A 17 0.39 7.05 -14.42
CA VAL A 17 1.17 8.18 -13.94
C VAL A 17 0.33 9.46 -14.06
N ALA A 18 -0.97 9.28 -14.06
CA ALA A 18 -1.89 10.40 -14.18
C ALA A 18 -2.31 10.85 -12.78
N THR A 19 -1.99 10.02 -11.80
CA THR A 19 -2.34 10.32 -10.42
C THR A 19 -1.07 10.43 -9.57
N LEU A 20 -0.09 9.60 -9.91
CA LEU A 20 1.16 9.60 -9.19
C LEU A 20 2.15 8.66 -9.89
N PRO A 21 3.44 8.76 -9.47
CA PRO A 21 4.48 7.92 -10.05
C PRO A 21 4.38 6.49 -9.55
N LEU A 22 4.47 5.56 -10.49
CA LEU A 22 4.40 4.15 -10.15
C LEU A 22 5.64 3.75 -9.36
N ARG A 23 6.71 4.49 -9.60
CA ARG A 23 7.97 4.22 -8.91
C ARG A 23 7.82 4.45 -7.41
N LYS A 24 7.25 5.61 -7.08
CA LYS A 24 7.04 5.96 -5.69
C LYS A 24 6.04 5.00 -5.06
N VAL A 25 4.94 4.80 -5.77
CA VAL A 25 3.89 3.90 -5.29
C VAL A 25 4.47 2.50 -5.10
N LEU A 26 5.36 2.14 -6.02
CA LEU A 26 5.99 0.83 -5.95
C LEU A 26 6.92 0.77 -4.73
N ALA A 27 7.51 1.92 -4.43
CA ALA A 27 8.42 2.00 -3.29
C ALA A 27 7.64 1.69 -2.01
N VAL A 28 6.51 2.36 -1.85
CA VAL A 28 5.68 2.16 -0.68
C VAL A 28 5.04 0.77 -0.75
N VAL A 29 4.55 0.44 -1.93
CA VAL A 29 3.92 -0.85 -2.15
C VAL A 29 4.89 -1.96 -1.79
N GLY A 30 6.16 -1.72 -2.09
CA GLY A 30 7.20 -2.70 -1.80
C GLY A 30 7.51 -2.74 -0.30
N THR A 31 7.46 -1.57 0.31
CA THR A 31 7.73 -1.46 1.73
C THR A 31 6.74 -2.30 2.53
N ALA A 32 5.48 -2.25 2.09
CA ALA A 32 4.43 -2.99 2.75
C ALA A 32 4.41 -4.43 2.22
N GLU A 33 4.58 -4.55 0.92
CA GLU A 33 4.58 -5.86 0.28
C GLU A 33 5.62 -6.76 0.93
N ALA A 34 6.80 -6.20 1.14
CA ALA A 34 7.89 -6.94 1.76
C ALA A 34 7.63 -7.06 3.26
N SER A 35 6.82 -6.15 3.77
CA SER A 35 6.48 -6.15 5.18
C SER A 35 5.76 -7.45 5.55
N SER A 36 5.35 -8.17 4.52
CA SER A 36 4.65 -9.44 4.72
C SER A 36 3.14 -9.20 4.69
N GLU A 37 2.42 -10.24 4.28
CA GLU A 37 0.98 -10.17 4.20
C GLU A 37 0.44 -11.25 3.26
N HIS A 38 1.27 -11.61 2.29
CA HIS A 38 0.91 -12.63 1.33
C HIS A 38 1.98 -13.71 1.27
N PRO A 39 1.51 -14.98 1.16
CA PRO A 39 2.42 -16.12 1.11
C PRO A 39 3.09 -16.20 -0.27
N LEU A 40 3.53 -15.06 -0.76
CA LEU A 40 4.19 -14.99 -2.04
C LEU A 40 4.45 -13.53 -2.41
N GLY A 41 3.50 -12.69 -2.06
CA GLY A 41 3.61 -11.26 -2.34
C GLY A 41 4.89 -10.69 -1.72
N VAL A 42 5.20 -11.17 -0.53
CA VAL A 42 6.37 -10.71 0.18
C VAL A 42 7.62 -11.06 -0.63
N ALA A 43 7.67 -12.32 -1.06
CA ALA A 43 8.79 -12.80 -1.85
C ALA A 43 8.80 -12.09 -3.20
N VAL A 44 7.62 -11.79 -3.69
CA VAL A 44 7.47 -11.11 -4.97
C VAL A 44 8.09 -9.71 -4.87
N THR A 45 7.67 -8.98 -3.85
CA THR A 45 8.18 -7.64 -3.63
C THR A 45 9.68 -7.68 -3.31
N LYS A 46 10.03 -8.52 -2.35
CA LYS A 46 11.41 -8.66 -1.94
C LYS A 46 12.26 -9.05 -3.14
N TYR A 47 11.68 -9.88 -3.99
CA TYR A 47 12.37 -10.33 -5.20
C TYR A 47 12.60 -9.17 -6.16
N CYS A 48 11.52 -8.44 -6.44
CA CYS A 48 11.59 -7.31 -7.34
C CYS A 48 12.58 -6.29 -6.75
N LYS A 49 12.58 -6.21 -5.43
CA LYS A 49 13.46 -5.28 -4.74
C LYS A 49 14.92 -5.64 -5.05
N GLU A 50 15.21 -6.94 -4.94
CA GLU A 50 16.56 -7.42 -5.20
C GLU A 50 16.94 -7.15 -6.66
N GLU A 51 15.95 -7.27 -7.53
CA GLU A 51 16.17 -7.05 -8.95
C GLU A 51 16.22 -5.55 -9.25
N LEU A 52 15.63 -4.78 -8.34
CA LEU A 52 15.60 -3.33 -8.50
C LEU A 52 16.90 -2.74 -7.97
N GLY A 53 17.54 -3.48 -7.08
CA GLY A 53 18.78 -3.04 -6.48
C GLY A 53 18.55 -1.96 -5.43
N THR A 54 17.38 -2.04 -4.81
CA THR A 54 17.01 -1.08 -3.78
C THR A 54 16.37 -1.80 -2.59
N GLU A 55 16.98 -1.62 -1.43
CA GLU A 55 16.47 -2.24 -0.21
C GLU A 55 15.56 -1.27 0.53
N THR A 56 14.97 -0.36 -0.23
CA THR A 56 14.08 0.63 0.35
C THR A 56 13.26 0.00 1.49
N LEU A 57 12.96 0.82 2.48
CA LEU A 57 12.19 0.37 3.63
C LEU A 57 12.25 1.43 4.72
N GLY A 58 11.08 2.00 5.01
CA GLY A 58 10.97 3.02 6.03
C GLY A 58 9.59 3.67 6.02
N TYR A 59 8.59 2.83 5.77
CA TYR A 59 7.21 3.30 5.73
C TYR A 59 6.39 2.65 6.86
N CYS A 60 5.34 3.36 7.25
CA CYS A 60 4.46 2.87 8.30
C CYS A 60 3.12 2.48 7.67
N THR A 61 2.84 1.19 7.72
CA THR A 61 1.60 0.68 7.15
C THR A 61 0.52 0.59 8.24
N ASP A 62 -0.71 0.41 7.78
CA ASP A 62 -1.84 0.31 8.70
C ASP A 62 -3.02 -0.34 7.98
N PHE A 63 -2.97 -1.67 7.91
CA PHE A 63 -4.03 -2.42 7.26
C PHE A 63 -5.30 -2.43 8.10
N GLN A 64 -6.39 -2.85 7.48
CA GLN A 64 -7.67 -2.91 8.15
C GLN A 64 -8.74 -3.45 7.21
N ALA A 65 -9.69 -4.18 7.80
CA ALA A 65 -10.77 -4.76 7.03
C ALA A 65 -12.06 -3.98 7.28
N VAL A 66 -12.71 -3.60 6.19
CA VAL A 66 -13.95 -2.85 6.28
C VAL A 66 -15.09 -3.69 5.73
N PRO A 67 -16.20 -3.75 6.52
CA PRO A 67 -17.36 -4.52 6.11
C PRO A 67 -18.15 -3.79 5.03
N GLY A 68 -18.80 -4.57 4.18
CA GLY A 68 -19.59 -4.01 3.09
C GLY A 68 -18.74 -3.09 2.22
N CYS A 69 -17.46 -3.44 2.12
CA CYS A 69 -16.53 -2.66 1.32
C CYS A 69 -15.45 -3.59 0.78
N GLY A 70 -14.62 -4.07 1.70
CA GLY A 70 -13.54 -4.97 1.35
C GLY A 70 -12.36 -4.82 2.30
N ILE A 71 -11.18 -4.69 1.72
CA ILE A 71 -9.97 -4.54 2.52
C ILE A 71 -9.34 -3.18 2.22
N GLY A 72 -8.56 -2.71 3.18
CA GLY A 72 -7.89 -1.41 3.04
C GLY A 72 -6.67 -1.33 3.94
N CYS A 73 -5.81 -0.37 3.63
CA CYS A 73 -4.59 -0.17 4.41
C CYS A 73 -4.04 1.21 4.09
N LYS A 74 -3.23 1.73 5.01
CA LYS A 74 -2.63 3.03 4.84
C LYS A 74 -1.12 2.93 5.07
N VAL A 75 -0.41 3.85 4.44
CA VAL A 75 1.04 3.88 4.56
C VAL A 75 1.53 5.33 4.56
N SER A 76 2.30 5.67 5.58
CA SER A 76 2.83 7.02 5.71
C SER A 76 4.17 6.99 6.44
N ASN A 77 5.07 7.84 6.00
CA ASN A 77 6.39 7.93 6.61
C ASN A 77 7.34 8.66 5.66
N VAL A 78 7.10 8.46 4.38
CA VAL A 78 7.94 9.09 3.36
C VAL A 78 8.16 10.56 3.73
N GLU A 79 7.20 11.11 4.46
CA GLU A 79 7.28 12.49 4.89
C GLU A 79 8.38 12.66 5.94
N GLY A 80 8.37 11.76 6.91
CA GLY A 80 9.35 11.79 7.98
C GLY A 80 10.76 11.61 7.43
N ILE A 81 10.87 10.77 6.41
CA ILE A 81 12.16 10.50 5.79
C ILE A 81 12.59 11.73 4.99
N LEU A 82 11.62 12.37 4.36
CA LEU A 82 11.88 13.56 3.56
C LEU A 82 12.43 14.66 4.47
N ALA A 83 11.87 14.74 5.66
CA ALA A 83 12.29 15.75 6.62
C ALA A 83 12.87 15.04 7.86
N HIS A 84 14.19 15.11 7.97
CA HIS A 84 14.87 14.48 9.10
C HIS A 84 14.17 14.87 10.40
N SER A 85 14.59 14.23 11.48
CA SER A 85 14.02 14.49 12.78
C SER A 85 14.89 15.47 13.56
N GLU A 86 14.48 15.75 14.78
CA GLU A 86 15.22 16.66 15.64
C GLU A 86 15.15 16.19 17.10
N ARG A 87 15.72 15.03 17.35
CA ARG A 87 15.73 14.46 18.68
C ARG A 87 14.31 14.36 19.23
N PRO A 88 13.57 13.35 18.72
CA PRO A 88 12.20 13.12 19.14
C PRO A 88 12.15 12.50 20.54
N LEU A 89 12.48 13.34 21.53
CA LEU A 89 12.47 12.88 22.90
C LEU A 89 11.99 14.02 23.81
N SER A 90 10.69 14.06 24.02
CA SER A 90 10.09 15.09 24.86
C SER A 90 9.98 14.58 26.30
N ALA A 91 9.64 15.51 27.18
CA ALA A 91 9.48 15.17 28.60
C ALA A 91 8.26 15.90 29.16
N PRO A 92 7.06 15.38 28.79
CA PRO A 92 5.81 15.97 29.25
C PRO A 92 5.55 15.62 30.72
N ALA A 93 5.56 16.65 31.55
CA ALA A 93 5.33 16.48 32.97
C ALA A 93 5.22 17.85 33.64
N SER A 94 4.81 17.83 34.90
CA SER A 94 4.66 19.06 35.65
C SER A 94 3.51 19.89 35.08
N HIS A 95 2.38 19.82 35.77
CA HIS A 95 1.20 20.56 35.34
C HIS A 95 0.67 21.41 36.50
N LEU A 96 0.65 20.80 37.67
CA LEU A 96 0.18 21.48 38.87
C LEU A 96 1.01 22.74 39.08
N ASN A 97 2.14 22.80 38.40
CA ASN A 97 3.04 23.94 38.53
C ASN A 97 2.21 25.22 38.61
N GLU A 98 2.70 26.16 39.41
CA GLU A 98 2.02 27.42 39.58
C GLU A 98 1.70 28.05 38.22
N ALA A 99 2.75 28.28 37.47
CA ALA A 99 2.59 28.88 36.15
C ALA A 99 3.66 28.32 35.21
N GLY A 100 3.51 27.04 34.87
CA GLY A 100 4.45 26.38 34.00
C GLY A 100 4.02 26.51 32.53
N SER A 101 3.15 25.60 32.11
CA SER A 101 2.66 25.60 30.75
C SER A 101 3.78 25.19 29.79
N LEU A 102 3.77 23.91 29.43
CA LEU A 102 4.77 23.37 28.52
C LEU A 102 4.33 23.64 27.08
N PRO A 103 5.32 24.09 26.26
CA PRO A 103 5.06 24.39 24.87
C PRO A 103 4.92 23.10 24.04
N ALA A 104 3.78 22.45 24.23
CA ALA A 104 3.51 21.21 23.51
C ALA A 104 2.18 21.33 22.77
N GLU A 105 2.28 21.78 21.52
CA GLU A 105 1.09 21.95 20.69
C GLU A 105 1.50 22.08 19.21
N LYS A 106 0.49 22.26 18.38
CA LYS A 106 0.72 22.40 16.95
C LYS A 106 1.21 21.07 16.38
N ASP A 107 0.45 20.57 15.41
CA ASP A 107 0.79 19.30 14.78
C ASP A 107 0.19 19.26 13.38
N ALA A 108 1.06 19.07 12.40
CA ALA A 108 0.62 19.02 11.01
C ALA A 108 0.89 17.61 10.45
N VAL A 109 -0.12 16.76 10.58
CA VAL A 109 -0.01 15.40 10.10
C VAL A 109 0.68 15.39 8.73
N PRO A 110 1.62 14.42 8.56
CA PRO A 110 2.36 14.31 7.30
C PRO A 110 1.48 13.69 6.22
N GLN A 111 2.08 13.53 5.05
CA GLN A 111 1.37 12.95 3.92
C GLN A 111 1.15 11.45 4.13
N THR A 112 -0.11 11.07 4.12
CA THR A 112 -0.46 9.67 4.31
C THR A 112 -1.23 9.14 3.10
N PHE A 113 -0.83 7.96 2.65
CA PHE A 113 -1.48 7.34 1.50
C PHE A 113 -2.35 6.17 1.94
N SER A 114 -3.48 6.03 1.27
CA SER A 114 -4.42 4.95 1.58
C SER A 114 -4.60 4.06 0.34
N VAL A 115 -4.40 2.77 0.55
CA VAL A 115 -4.55 1.81 -0.52
C VAL A 115 -5.67 0.82 -0.18
N LEU A 116 -6.62 0.72 -1.09
CA LEU A 116 -7.76 -0.17 -0.90
C LEU A 116 -7.62 -1.38 -1.83
N ILE A 117 -7.92 -2.54 -1.30
CA ILE A 117 -7.84 -3.77 -2.07
C ILE A 117 -9.10 -4.60 -1.85
N GLY A 118 -9.41 -5.43 -2.83
CA GLY A 118 -10.59 -6.28 -2.76
C GLY A 118 -11.05 -6.70 -4.16
N ASN A 119 -12.29 -7.15 -4.23
CA ASN A 119 -12.86 -7.58 -5.49
C ASN A 119 -13.04 -6.37 -6.41
N ARG A 120 -13.07 -6.66 -7.71
CA ARG A 120 -13.23 -5.60 -8.69
C ARG A 120 -14.56 -4.88 -8.47
N GLU A 121 -15.55 -5.64 -8.03
CA GLU A 121 -16.87 -5.08 -7.78
C GLU A 121 -16.79 -4.03 -6.66
N TRP A 122 -15.94 -4.30 -5.69
CA TRP A 122 -15.77 -3.38 -4.57
C TRP A 122 -15.27 -2.05 -5.13
N LEU A 123 -14.20 -2.12 -5.91
CA LEU A 123 -13.62 -0.94 -6.51
C LEU A 123 -14.65 -0.28 -7.44
N ARG A 124 -15.36 -1.12 -8.17
CA ARG A 124 -16.37 -0.64 -9.09
C ARG A 124 -17.41 0.21 -8.34
N ARG A 125 -17.89 -0.34 -7.24
CA ARG A 125 -18.88 0.35 -6.43
C ARG A 125 -18.24 1.54 -5.72
N ASN A 126 -16.93 1.46 -5.53
CA ASN A 126 -16.19 2.51 -4.87
C ASN A 126 -16.27 3.79 -5.72
N GLY A 127 -16.03 3.62 -7.01
CA GLY A 127 -16.07 4.73 -7.93
C GLY A 127 -15.31 4.41 -9.23
N LEU A 128 -15.74 3.33 -9.86
CA LEU A 128 -15.12 2.89 -11.10
C LEU A 128 -16.19 2.78 -12.19
N THR A 129 -15.86 2.03 -13.22
CA THR A 129 -16.77 1.84 -14.34
C THR A 129 -17.34 0.42 -14.32
N ILE A 130 -18.02 0.08 -15.41
CA ILE A 130 -18.63 -1.24 -15.53
C ILE A 130 -19.62 -1.45 -14.38
N SER A 131 -20.51 -2.41 -14.59
CA SER A 131 -21.51 -2.72 -13.59
C SER A 131 -20.88 -3.52 -12.44
N SER A 132 -21.36 -3.25 -11.24
CA SER A 132 -20.87 -3.95 -10.06
C SER A 132 -21.20 -5.44 -10.14
N ASP A 133 -22.37 -5.71 -10.69
CA ASP A 133 -22.82 -7.09 -10.84
C ASP A 133 -22.00 -7.79 -11.91
N VAL A 134 -21.72 -7.05 -12.97
CA VAL A 134 -20.94 -7.57 -14.08
C VAL A 134 -19.52 -7.89 -13.58
N SER A 135 -18.92 -6.91 -12.93
CA SER A 135 -17.58 -7.06 -12.40
C SER A 135 -17.58 -8.08 -11.25
N ASP A 136 -18.66 -8.06 -10.50
CA ASP A 136 -18.81 -8.97 -9.37
C ASP A 136 -18.86 -10.41 -9.88
N ALA A 137 -19.65 -10.60 -10.93
CA ALA A 137 -19.80 -11.92 -11.51
C ALA A 137 -18.47 -12.36 -12.11
N MET A 138 -17.76 -11.39 -12.66
CA MET A 138 -16.47 -11.66 -13.27
C MET A 138 -15.45 -12.09 -12.23
N THR A 139 -15.36 -11.31 -11.16
CA THR A 139 -14.43 -11.59 -10.09
C THR A 139 -14.79 -12.92 -9.41
N ASP A 140 -16.06 -13.06 -9.09
CA ASP A 140 -16.54 -14.27 -8.45
C ASP A 140 -16.31 -15.46 -9.38
N HIS A 141 -16.60 -15.25 -10.65
CA HIS A 141 -16.42 -16.29 -11.64
C HIS A 141 -14.99 -16.82 -11.59
N GLU A 142 -14.05 -15.88 -11.54
CA GLU A 142 -12.64 -16.24 -11.48
C GLU A 142 -12.37 -17.13 -10.27
N MET A 143 -13.06 -16.82 -9.18
CA MET A 143 -12.90 -17.59 -7.95
C MET A 143 -13.31 -19.04 -8.16
N LYS A 144 -13.91 -19.31 -9.31
CA LYS A 144 -14.36 -20.65 -9.64
C LYS A 144 -13.20 -21.41 -10.29
N GLY A 145 -12.02 -20.82 -10.23
CA GLY A 145 -10.83 -21.42 -10.80
C GLY A 145 -9.57 -20.81 -10.21
N GLN A 146 -9.46 -19.49 -10.33
CA GLN A 146 -8.31 -18.78 -9.82
C GLN A 146 -8.76 -17.66 -8.87
N THR A 147 -7.77 -17.02 -8.26
CA THR A 147 -8.04 -15.94 -7.34
C THR A 147 -7.63 -14.60 -7.94
N ALA A 148 -8.62 -13.72 -8.08
CA ALA A 148 -8.37 -12.40 -8.64
C ALA A 148 -8.57 -11.34 -7.56
N ILE A 149 -7.57 -10.47 -7.45
CA ILE A 149 -7.63 -9.40 -6.45
C ILE A 149 -7.18 -8.09 -7.10
N LEU A 150 -8.00 -7.06 -6.92
CA LEU A 150 -7.69 -5.75 -7.47
C LEU A 150 -7.15 -4.84 -6.37
N VAL A 151 -6.13 -4.09 -6.71
CA VAL A 151 -5.51 -3.18 -5.77
C VAL A 151 -5.62 -1.74 -6.29
N ALA A 152 -6.30 -0.92 -5.51
CA ALA A 152 -6.49 0.48 -5.88
C ALA A 152 -5.83 1.38 -4.84
N ILE A 153 -5.37 2.53 -5.29
CA ILE A 153 -4.72 3.49 -4.42
C ILE A 153 -5.64 4.69 -4.21
N ASP A 154 -6.07 4.86 -2.97
CA ASP A 154 -6.95 5.96 -2.63
C ASP A 154 -8.17 5.94 -3.53
N GLY A 155 -8.65 4.73 -3.80
CA GLY A 155 -9.82 4.55 -4.64
C GLY A 155 -9.47 4.83 -6.11
N VAL A 156 -8.17 4.86 -6.39
CA VAL A 156 -7.69 5.11 -7.74
C VAL A 156 -7.00 3.85 -8.26
N LEU A 157 -7.00 3.72 -9.58
CA LEU A 157 -6.37 2.57 -10.22
C LEU A 157 -4.88 2.56 -9.88
N CYS A 158 -4.35 1.37 -9.68
CA CYS A 158 -2.95 1.21 -9.35
C CYS A 158 -2.45 -0.08 -10.01
N GLY A 159 -3.03 -1.20 -9.57
CA GLY A 159 -2.66 -2.50 -10.10
C GLY A 159 -3.44 -3.61 -9.41
N MET A 160 -3.50 -4.76 -10.08
CA MET A 160 -4.21 -5.90 -9.54
C MET A 160 -3.28 -7.12 -9.45
N ILE A 161 -3.56 -7.95 -8.46
CA ILE A 161 -2.77 -9.15 -8.25
C ILE A 161 -3.59 -10.38 -8.65
N ALA A 162 -2.97 -11.24 -9.45
CA ALA A 162 -3.64 -12.44 -9.92
C ALA A 162 -2.97 -13.67 -9.27
N ILE A 163 -3.78 -14.43 -8.56
CA ILE A 163 -3.29 -15.62 -7.88
C ILE A 163 -3.80 -16.86 -8.62
N ALA A 164 -2.89 -17.82 -8.79
CA ALA A 164 -3.24 -19.06 -9.47
C ALA A 164 -2.55 -20.23 -8.76
N ASP A 165 -3.36 -21.00 -8.06
CA ASP A 165 -2.86 -22.15 -7.32
C ASP A 165 -1.91 -22.95 -8.24
N ALA A 1 -7.01 -22.79 9.11
CA ALA A 1 -7.36 -24.05 8.47
C ALA A 1 -6.26 -24.43 7.47
N GLY A 2 -5.72 -25.62 7.67
CA GLY A 2 -4.66 -26.12 6.80
C GLY A 2 -3.35 -25.39 7.06
N HIS A 3 -2.28 -25.94 6.49
CA HIS A 3 -0.97 -25.35 6.65
C HIS A 3 -0.32 -25.14 5.28
N MET A 4 -0.94 -24.27 4.50
CA MET A 4 -0.44 -23.97 3.18
C MET A 4 -1.03 -22.66 2.64
N VAL A 5 -0.16 -21.67 2.52
CA VAL A 5 -0.58 -20.37 2.02
C VAL A 5 -0.29 -20.27 0.53
N PRO A 6 -1.25 -19.64 -0.20
CA PRO A 6 -1.10 -19.48 -1.64
C PRO A 6 -0.09 -18.38 -1.97
N ARG A 7 0.17 -18.23 -3.26
CA ARG A 7 1.12 -17.23 -3.72
C ARG A 7 0.55 -16.46 -4.91
N VAL A 8 1.12 -15.28 -5.15
CA VAL A 8 0.68 -14.45 -6.25
C VAL A 8 1.18 -15.04 -7.57
N MET A 9 0.26 -15.13 -8.52
CA MET A 9 0.61 -15.67 -9.83
C MET A 9 1.06 -14.56 -10.78
N ARG A 10 0.35 -13.45 -10.72
CA ARG A 10 0.67 -12.30 -11.56
C ARG A 10 -0.10 -11.06 -11.10
N VAL A 11 0.45 -9.90 -11.43
CA VAL A 11 -0.17 -8.65 -11.05
C VAL A 11 -0.54 -7.86 -12.32
N LEU A 12 -1.72 -7.27 -12.28
CA LEU A 12 -2.20 -6.49 -13.41
C LEU A 12 -2.12 -5.00 -13.07
N LEU A 13 -1.84 -4.20 -14.09
CA LEU A 13 -1.74 -2.77 -13.91
C LEU A 13 -3.13 -2.14 -13.98
N LEU A 14 -3.47 -1.38 -12.95
CA LEU A 14 -4.76 -0.73 -12.88
C LEU A 14 -4.60 0.67 -12.28
N GLY A 15 -3.42 1.24 -12.51
CA GLY A 15 -3.11 2.57 -12.00
C GLY A 15 -2.49 3.44 -13.08
N ASP A 16 -3.20 4.52 -13.40
CA ASP A 16 -2.72 5.45 -14.41
C ASP A 16 -1.53 6.23 -13.86
N VAL A 17 -0.43 6.17 -14.60
CA VAL A 17 0.78 6.87 -14.20
C VAL A 17 0.83 8.24 -14.89
N ALA A 18 -0.36 8.79 -15.12
CA ALA A 18 -0.47 10.07 -15.77
C ALA A 18 -0.55 11.17 -14.71
N THR A 19 -0.82 10.74 -13.49
CA THR A 19 -0.93 11.67 -12.37
C THR A 19 -0.04 11.22 -11.22
N LEU A 20 0.04 9.91 -11.05
CA LEU A 20 0.85 9.33 -9.99
C LEU A 20 2.08 8.67 -10.60
N PRO A 21 3.22 8.77 -9.85
CA PRO A 21 4.47 8.19 -10.32
C PRO A 21 4.46 6.67 -10.14
N LEU A 22 4.88 5.98 -11.19
CA LEU A 22 4.92 4.52 -11.17
C LEU A 22 6.15 4.07 -10.37
N ARG A 23 7.21 4.85 -10.50
CA ARG A 23 8.46 4.54 -9.81
C ARG A 23 8.27 4.66 -8.30
N LYS A 24 7.53 5.69 -7.91
CA LYS A 24 7.28 5.93 -6.49
C LYS A 24 6.30 4.87 -5.97
N VAL A 25 5.22 4.69 -6.72
CA VAL A 25 4.20 3.71 -6.35
C VAL A 25 4.85 2.32 -6.31
N LEU A 26 5.75 2.09 -7.25
CA LEU A 26 6.43 0.81 -7.32
C LEU A 26 7.26 0.60 -6.06
N ALA A 27 7.97 1.65 -5.66
CA ALA A 27 8.80 1.58 -4.48
C ALA A 27 7.92 1.40 -3.25
N VAL A 28 6.85 2.17 -3.20
CA VAL A 28 5.92 2.10 -2.09
C VAL A 28 5.34 0.67 -2.00
N VAL A 29 4.93 0.17 -3.16
CA VAL A 29 4.36 -1.17 -3.22
C VAL A 29 5.46 -2.19 -2.90
N GLY A 30 6.66 -1.88 -3.33
CA GLY A 30 7.80 -2.75 -3.09
C GLY A 30 8.05 -2.94 -1.59
N THR A 31 8.04 -1.82 -0.89
CA THR A 31 8.26 -1.84 0.55
C THR A 31 7.03 -2.37 1.27
N ALA A 32 5.87 -2.10 0.67
CA ALA A 32 4.61 -2.53 1.25
C ALA A 32 4.56 -4.07 1.26
N GLU A 33 4.75 -4.64 0.08
CA GLU A 33 4.73 -6.08 -0.06
C GLU A 33 5.86 -6.72 0.74
N ALA A 34 7.05 -6.14 0.59
CA ALA A 34 8.21 -6.63 1.30
C ALA A 34 7.99 -6.50 2.80
N SER A 35 7.11 -5.58 3.16
CA SER A 35 6.79 -5.34 4.56
C SER A 35 5.42 -5.95 4.89
N SER A 36 4.98 -6.86 4.04
CA SER A 36 3.69 -7.51 4.23
C SER A 36 3.90 -8.89 4.88
N GLU A 37 2.99 -9.79 4.56
CA GLU A 37 3.06 -11.13 5.10
C GLU A 37 2.79 -12.16 4.00
N HIS A 38 3.10 -11.76 2.77
CA HIS A 38 2.91 -12.63 1.63
C HIS A 38 4.18 -13.43 1.37
N PRO A 39 4.01 -14.77 1.22
CA PRO A 39 5.14 -15.65 0.98
C PRO A 39 5.62 -15.52 -0.47
N LEU A 40 4.98 -14.62 -1.20
CA LEU A 40 5.34 -14.39 -2.58
C LEU A 40 5.52 -12.90 -2.82
N GLY A 41 4.58 -12.12 -2.30
CA GLY A 41 4.62 -10.68 -2.44
C GLY A 41 5.90 -10.11 -1.83
N VAL A 42 6.26 -10.66 -0.67
CA VAL A 42 7.45 -10.21 0.02
C VAL A 42 8.70 -10.71 -0.71
N ALA A 43 8.57 -11.92 -1.25
CA ALA A 43 9.68 -12.51 -1.99
C ALA A 43 9.89 -11.75 -3.29
N VAL A 44 8.78 -11.30 -3.87
CA VAL A 44 8.84 -10.55 -5.12
C VAL A 44 9.51 -9.20 -4.86
N THR A 45 9.05 -8.53 -3.82
CA THR A 45 9.59 -7.23 -3.47
C THR A 45 11.04 -7.37 -3.00
N LYS A 46 11.24 -8.32 -2.09
CA LYS A 46 12.56 -8.58 -1.55
C LYS A 46 13.53 -8.88 -2.69
N TYR A 47 13.03 -9.59 -3.68
CA TYR A 47 13.83 -9.96 -4.83
C TYR A 47 14.24 -8.71 -5.63
N CYS A 48 13.25 -7.89 -5.93
CA CYS A 48 13.49 -6.68 -6.69
C CYS A 48 14.47 -5.81 -5.89
N LYS A 49 14.34 -5.87 -4.58
CA LYS A 49 15.21 -5.10 -3.70
C LYS A 49 16.66 -5.57 -3.89
N GLU A 50 16.82 -6.88 -3.96
CA GLU A 50 18.13 -7.47 -4.14
C GLU A 50 18.73 -7.03 -5.47
N GLU A 51 17.87 -6.94 -6.47
CA GLU A 51 18.30 -6.53 -7.80
C GLU A 51 18.48 -5.01 -7.86
N LEU A 52 17.83 -4.34 -6.92
CA LEU A 52 17.91 -2.89 -6.86
C LEU A 52 19.17 -2.49 -6.10
N GLY A 53 19.65 -3.40 -5.27
CA GLY A 53 20.84 -3.16 -4.48
C GLY A 53 20.49 -2.48 -3.15
N THR A 54 19.21 -2.51 -2.82
CA THR A 54 18.73 -1.91 -1.58
C THR A 54 17.73 -2.83 -0.90
N GLU A 55 18.07 -3.21 0.33
CA GLU A 55 17.20 -4.09 1.11
C GLU A 55 16.39 -3.27 2.12
N THR A 56 16.99 -2.18 2.57
CA THR A 56 16.34 -1.31 3.53
C THR A 56 14.85 -1.16 3.18
N LEU A 57 14.07 -0.87 4.22
CA LEU A 57 12.64 -0.70 4.03
C LEU A 57 12.25 0.74 4.38
N GLY A 58 10.95 0.97 4.47
CA GLY A 58 10.45 2.29 4.79
C GLY A 58 8.94 2.38 4.55
N TYR A 59 8.26 1.30 4.90
CA TYR A 59 6.82 1.23 4.74
C TYR A 59 6.13 0.86 6.06
N CYS A 60 5.19 1.70 6.46
CA CYS A 60 4.46 1.47 7.69
C CYS A 60 3.14 0.77 7.34
N THR A 61 2.86 -0.30 8.06
CA THR A 61 1.64 -1.05 7.84
C THR A 61 0.53 -0.59 8.79
N ASP A 62 -0.67 -0.48 8.25
CA ASP A 62 -1.81 -0.05 9.03
C ASP A 62 -3.09 -0.25 8.22
N PHE A 63 -3.52 -1.49 8.17
CA PHE A 63 -4.73 -1.83 7.44
C PHE A 63 -5.90 -2.15 8.39
N GLN A 64 -6.95 -2.70 7.81
CA GLN A 64 -8.12 -3.05 8.61
C GLN A 64 -9.21 -3.63 7.70
N ALA A 65 -10.18 -4.28 8.34
CA ALA A 65 -11.28 -4.89 7.61
C ALA A 65 -12.51 -3.98 7.70
N VAL A 66 -13.11 -3.75 6.55
CA VAL A 66 -14.30 -2.91 6.48
C VAL A 66 -15.51 -3.76 6.06
N PRO A 67 -16.57 -3.71 6.90
CA PRO A 67 -17.78 -4.46 6.62
C PRO A 67 -18.59 -3.80 5.50
N GLY A 68 -19.35 -4.63 4.81
CA GLY A 68 -20.17 -4.15 3.71
C GLY A 68 -19.35 -3.26 2.76
N CYS A 69 -18.06 -3.53 2.73
CA CYS A 69 -17.16 -2.78 1.87
C CYS A 69 -16.12 -3.74 1.29
N GLY A 70 -15.18 -4.12 2.16
CA GLY A 70 -14.12 -5.04 1.76
C GLY A 70 -12.95 -4.97 2.73
N ILE A 71 -11.77 -4.73 2.17
CA ILE A 71 -10.56 -4.64 2.97
C ILE A 71 -9.78 -3.38 2.56
N GLY A 72 -9.30 -2.67 3.57
CA GLY A 72 -8.54 -1.46 3.33
C GLY A 72 -7.22 -1.48 4.11
N CYS A 73 -6.13 -1.25 3.39
CA CYS A 73 -4.81 -1.24 3.99
C CYS A 73 -4.23 0.17 3.84
N LYS A 74 -3.56 0.60 4.90
CA LYS A 74 -2.94 1.92 4.90
C LYS A 74 -1.43 1.78 5.14
N VAL A 75 -0.69 2.76 4.63
CA VAL A 75 0.74 2.76 4.79
C VAL A 75 1.24 4.18 5.03
N SER A 76 2.33 4.28 5.77
CA SER A 76 2.91 5.58 6.08
C SER A 76 4.43 5.45 6.26
N ASN A 77 5.12 6.53 5.93
CA ASN A 77 6.58 6.55 6.04
C ASN A 77 7.16 7.31 4.86
N VAL A 78 6.85 6.83 3.66
CA VAL A 78 7.33 7.46 2.45
C VAL A 78 7.04 8.96 2.49
N GLU A 79 6.11 9.32 3.37
CA GLU A 79 5.72 10.71 3.52
C GLU A 79 6.91 11.54 4.01
N GLY A 80 7.59 11.01 5.02
CA GLY A 80 8.75 11.69 5.58
C GLY A 80 10.00 11.44 4.73
N ILE A 81 10.08 10.23 4.20
CA ILE A 81 11.21 9.85 3.38
C ILE A 81 11.23 10.72 2.13
N LEU A 82 10.04 11.09 1.68
CA LEU A 82 9.91 11.91 0.49
C LEU A 82 9.98 13.39 0.89
N ALA A 83 9.38 13.70 2.03
CA ALA A 83 9.36 15.06 2.53
C ALA A 83 10.54 15.25 3.50
N HIS A 84 10.41 16.26 4.35
CA HIS A 84 11.45 16.56 5.32
C HIS A 84 12.72 17.00 4.60
N SER A 85 13.15 18.20 4.91
CA SER A 85 14.36 18.75 4.30
C SER A 85 14.95 19.84 5.20
N GLU A 86 16.26 19.75 5.38
CA GLU A 86 16.97 20.72 6.21
C GLU A 86 16.37 20.74 7.62
N ARG A 87 16.69 19.70 8.38
CA ARG A 87 16.19 19.59 9.75
C ARG A 87 16.78 20.70 10.61
N PRO A 88 15.96 21.16 11.59
CA PRO A 88 16.38 22.22 12.50
C PRO A 88 17.37 21.69 13.54
N LEU A 89 18.19 22.60 14.06
CA LEU A 89 19.18 22.22 15.05
C LEU A 89 18.54 21.29 16.07
N SER A 90 17.72 21.87 16.94
CA SER A 90 17.04 21.10 17.96
C SER A 90 18.07 20.29 18.77
N ALA A 91 18.94 21.01 19.46
CA ALA A 91 19.97 20.38 20.27
C ALA A 91 19.86 20.88 21.70
N PRO A 92 20.33 20.02 22.65
CA PRO A 92 20.29 20.36 24.06
C PRO A 92 21.36 21.40 24.40
N ALA A 93 20.89 22.57 24.80
CA ALA A 93 21.81 23.65 25.16
C ALA A 93 21.12 24.54 26.20
N SER A 94 21.80 25.64 26.52
CA SER A 94 21.28 26.59 27.49
C SER A 94 21.50 26.05 28.91
N HIS A 95 20.87 24.93 29.20
CA HIS A 95 21.00 24.31 30.51
C HIS A 95 20.05 24.99 31.49
N LEU A 96 20.11 26.32 31.49
CA LEU A 96 19.26 27.10 32.38
C LEU A 96 17.79 26.76 32.12
N ASN A 97 17.57 26.10 30.99
CA ASN A 97 16.23 25.70 30.61
C ASN A 97 15.44 25.33 31.87
N GLU A 98 14.51 26.21 32.22
CA GLU A 98 13.68 25.98 33.40
C GLU A 98 12.80 24.74 33.21
N ALA A 99 13.32 23.62 33.69
CA ALA A 99 12.60 22.36 33.57
C ALA A 99 12.28 22.08 32.10
N GLY A 100 11.58 20.98 31.87
CA GLY A 100 11.22 20.60 30.52
C GLY A 100 9.96 19.73 30.52
N SER A 101 8.88 20.31 31.03
CA SER A 101 7.61 19.60 31.10
C SER A 101 6.61 20.23 30.13
N LEU A 102 6.74 19.87 28.86
CA LEU A 102 5.86 20.39 27.83
C LEU A 102 5.17 19.23 27.13
N PRO A 103 3.85 19.43 26.84
CA PRO A 103 3.07 18.41 26.17
C PRO A 103 3.41 18.34 24.68
N ALA A 104 2.85 17.35 24.02
CA ALA A 104 3.09 17.16 22.60
C ALA A 104 2.74 18.45 21.86
N GLU A 105 3.34 18.60 20.68
CA GLU A 105 3.09 19.78 19.86
C GLU A 105 2.91 19.38 18.40
N LYS A 106 3.87 18.61 17.90
CA LYS A 106 3.82 18.15 16.52
C LYS A 106 3.92 19.36 15.59
N ASP A 107 4.32 19.08 14.36
CA ASP A 107 4.47 20.12 13.36
C ASP A 107 4.47 19.51 11.97
N ALA A 108 3.77 20.17 11.06
CA ALA A 108 3.66 19.69 9.69
C ALA A 108 2.94 18.34 9.68
N VAL A 109 1.62 18.42 9.73
CA VAL A 109 0.80 17.23 9.73
C VAL A 109 1.40 16.20 8.76
N PRO A 110 1.43 14.92 9.21
CA PRO A 110 1.97 13.85 8.39
C PRO A 110 1.00 13.47 7.27
N GLN A 111 1.53 12.79 6.28
CA GLN A 111 0.72 12.36 5.15
C GLN A 111 0.61 10.84 5.12
N THR A 112 -0.60 10.37 5.39
CA THR A 112 -0.86 8.94 5.40
C THR A 112 -1.64 8.52 4.14
N PHE A 113 -1.21 7.41 3.57
CA PHE A 113 -1.85 6.90 2.37
C PHE A 113 -2.73 5.68 2.69
N SER A 114 -3.93 5.70 2.14
CA SER A 114 -4.86 4.60 2.36
C SER A 114 -5.22 3.94 1.03
N VAL A 115 -5.15 2.62 1.02
CA VAL A 115 -5.46 1.86 -0.18
C VAL A 115 -6.65 0.94 0.11
N LEU A 116 -7.54 0.87 -0.88
CA LEU A 116 -8.73 0.05 -0.76
C LEU A 116 -8.58 -1.19 -1.64
N ILE A 117 -8.65 -2.34 -1.00
CA ILE A 117 -8.53 -3.60 -1.72
C ILE A 117 -9.82 -4.41 -1.55
N GLY A 118 -10.08 -5.27 -2.53
CA GLY A 118 -11.28 -6.10 -2.50
C GLY A 118 -11.62 -6.60 -3.90
N ASN A 119 -12.78 -7.25 -4.00
CA ASN A 119 -13.23 -7.79 -5.26
C ASN A 119 -13.59 -6.63 -6.21
N ARG A 120 -13.90 -7.00 -7.44
CA ARG A 120 -14.27 -6.01 -8.44
C ARG A 120 -15.54 -5.27 -8.03
N GLU A 121 -16.38 -5.99 -7.28
CA GLU A 121 -17.63 -5.42 -6.81
C GLU A 121 -17.37 -4.27 -5.85
N TRP A 122 -16.43 -4.50 -4.93
CA TRP A 122 -16.07 -3.48 -3.95
C TRP A 122 -15.53 -2.27 -4.70
N LEU A 123 -14.65 -2.55 -5.66
CA LEU A 123 -14.05 -1.49 -6.46
C LEU A 123 -15.14 -0.77 -7.24
N ARG A 124 -16.12 -1.54 -7.69
CA ARG A 124 -17.23 -0.99 -8.45
C ARG A 124 -17.95 0.10 -7.63
N ARG A 125 -18.27 -0.27 -6.41
CA ARG A 125 -18.96 0.66 -5.52
C ARG A 125 -18.01 1.79 -5.09
N ASN A 126 -16.73 1.48 -5.11
CA ASN A 126 -15.72 2.44 -4.73
C ASN A 126 -15.75 3.62 -5.71
N GLY A 127 -15.86 3.28 -6.98
CA GLY A 127 -15.90 4.29 -8.02
C GLY A 127 -15.38 3.73 -9.35
N LEU A 128 -16.01 2.65 -9.78
CA LEU A 128 -15.63 2.00 -11.03
C LEU A 128 -16.86 1.88 -11.93
N THR A 129 -16.67 2.25 -13.19
CA THR A 129 -17.74 2.19 -14.16
C THR A 129 -18.09 0.73 -14.49
N ILE A 130 -18.85 0.57 -15.56
CA ILE A 130 -19.25 -0.77 -15.99
C ILE A 130 -20.42 -1.24 -15.13
N SER A 131 -21.13 -2.22 -15.65
CA SER A 131 -22.28 -2.77 -14.94
C SER A 131 -21.80 -3.55 -13.70
N SER A 132 -22.59 -3.46 -12.65
CA SER A 132 -22.27 -4.15 -11.41
C SER A 132 -22.35 -5.66 -11.61
N ASP A 133 -23.29 -6.06 -12.46
CA ASP A 133 -23.48 -7.47 -12.76
C ASP A 133 -22.30 -7.99 -13.59
N VAL A 134 -21.81 -7.11 -14.46
CA VAL A 134 -20.69 -7.45 -15.31
C VAL A 134 -19.41 -7.54 -14.48
N SER A 135 -19.20 -6.49 -13.69
CA SER A 135 -18.02 -6.44 -12.83
C SER A 135 -18.09 -7.54 -11.77
N ASP A 136 -19.26 -7.66 -11.16
CA ASP A 136 -19.47 -8.66 -10.13
C ASP A 136 -19.31 -10.06 -10.75
N ALA A 137 -19.91 -10.23 -11.92
CA ALA A 137 -19.83 -11.50 -12.62
C ALA A 137 -18.37 -11.80 -12.98
N MET A 138 -17.65 -10.75 -13.33
CA MET A 138 -16.26 -10.88 -13.68
C MET A 138 -15.41 -11.31 -12.48
N THR A 139 -15.62 -10.60 -11.38
CA THR A 139 -14.90 -10.89 -10.15
C THR A 139 -15.23 -12.30 -9.65
N ASP A 140 -16.53 -12.58 -9.62
CA ASP A 140 -17.01 -13.88 -9.16
C ASP A 140 -16.50 -14.96 -10.11
N HIS A 141 -16.52 -14.63 -11.40
CA HIS A 141 -16.07 -15.56 -12.43
C HIS A 141 -14.63 -16.00 -12.11
N GLU A 142 -13.80 -15.02 -11.82
CA GLU A 142 -12.41 -15.29 -11.51
C GLU A 142 -12.30 -16.21 -10.30
N MET A 143 -13.09 -15.88 -9.28
CA MET A 143 -13.09 -16.67 -8.06
C MET A 143 -13.58 -18.09 -8.32
N LYS A 144 -14.11 -18.29 -9.53
CA LYS A 144 -14.62 -19.59 -9.91
C LYS A 144 -13.48 -20.43 -10.50
N GLY A 145 -12.27 -19.92 -10.33
CA GLY A 145 -11.09 -20.61 -10.82
C GLY A 145 -9.83 -20.14 -10.09
N GLN A 146 -9.60 -18.85 -10.13
CA GLN A 146 -8.44 -18.27 -9.48
C GLN A 146 -8.86 -17.13 -8.55
N THR A 147 -7.89 -16.62 -7.81
CA THR A 147 -8.16 -15.54 -6.88
C THR A 147 -7.73 -14.20 -7.48
N ALA A 148 -8.70 -13.31 -7.61
CA ALA A 148 -8.44 -12.00 -8.18
C ALA A 148 -8.74 -10.92 -7.13
N ILE A 149 -7.76 -10.06 -6.91
CA ILE A 149 -7.90 -8.99 -5.94
C ILE A 149 -7.47 -7.66 -6.58
N LEU A 150 -8.34 -6.66 -6.43
CA LEU A 150 -8.07 -5.35 -6.98
C LEU A 150 -7.67 -4.40 -5.85
N VAL A 151 -6.64 -3.61 -6.12
CA VAL A 151 -6.15 -2.66 -5.14
C VAL A 151 -6.26 -1.24 -5.72
N ALA A 152 -6.84 -0.35 -4.92
CA ALA A 152 -7.02 1.03 -5.33
C ALA A 152 -6.32 1.95 -4.32
N ILE A 153 -5.81 3.06 -4.85
CA ILE A 153 -5.13 4.03 -4.01
C ILE A 153 -5.99 5.29 -3.88
N ASP A 154 -6.24 5.67 -2.64
CA ASP A 154 -7.04 6.85 -2.36
C ASP A 154 -8.41 6.70 -3.05
N GLY A 155 -8.89 5.46 -3.07
CA GLY A 155 -10.17 5.17 -3.69
C GLY A 155 -10.09 5.26 -5.21
N VAL A 156 -8.85 5.24 -5.71
CA VAL A 156 -8.62 5.31 -7.14
C VAL A 156 -7.89 4.06 -7.60
N LEU A 157 -8.05 3.75 -8.88
CA LEU A 157 -7.41 2.57 -9.46
C LEU A 157 -5.90 2.70 -9.32
N CYS A 158 -5.26 1.56 -9.15
CA CYS A 158 -3.81 1.52 -9.00
C CYS A 158 -3.29 0.24 -9.66
N GLY A 159 -3.76 -0.89 -9.15
CA GLY A 159 -3.36 -2.18 -9.67
C GLY A 159 -4.04 -3.32 -8.92
N MET A 160 -4.11 -4.46 -9.58
CA MET A 160 -4.73 -5.64 -8.99
C MET A 160 -3.75 -6.82 -8.94
N ILE A 161 -3.92 -7.63 -7.91
CA ILE A 161 -3.06 -8.79 -7.73
C ILE A 161 -3.87 -10.06 -8.00
N ALA A 162 -3.26 -10.96 -8.76
CA ALA A 162 -3.90 -12.22 -9.10
C ALA A 162 -3.13 -13.38 -8.48
N ILE A 163 -3.84 -14.19 -7.72
CA ILE A 163 -3.23 -15.33 -7.06
C ILE A 163 -3.74 -16.62 -7.71
N ALA A 164 -2.82 -17.56 -7.90
CA ALA A 164 -3.16 -18.83 -8.50
C ALA A 164 -2.50 -19.97 -7.71
N ASP A 165 -3.31 -20.62 -6.90
CA ASP A 165 -2.81 -21.73 -6.08
C ASP A 165 -1.37 -21.44 -5.67
N ALA A 1 -11.66 -19.80 2.54
CA ALA A 1 -11.91 -21.19 2.87
C ALA A 1 -10.79 -22.06 2.28
N GLY A 2 -10.22 -22.90 3.12
CA GLY A 2 -9.15 -23.78 2.71
C GLY A 2 -7.82 -23.38 3.35
N HIS A 3 -6.87 -24.31 3.29
CA HIS A 3 -5.56 -24.07 3.86
C HIS A 3 -4.49 -24.26 2.78
N MET A 4 -4.44 -23.28 1.88
CA MET A 4 -3.47 -23.33 0.80
C MET A 4 -3.69 -22.18 -0.18
N VAL A 5 -2.64 -21.39 -0.36
CA VAL A 5 -2.70 -20.25 -1.27
C VAL A 5 -1.57 -20.35 -2.29
N PRO A 6 -1.92 -20.05 -3.57
CA PRO A 6 -0.95 -20.11 -4.64
C PRO A 6 0.00 -18.90 -4.59
N ARG A 7 0.87 -18.84 -5.58
CA ARG A 7 1.83 -17.74 -5.67
C ARG A 7 1.41 -16.76 -6.75
N VAL A 8 2.03 -15.58 -6.70
CA VAL A 8 1.74 -14.55 -7.68
C VAL A 8 2.22 -14.99 -9.06
N MET A 9 1.32 -14.91 -10.02
CA MET A 9 1.64 -15.30 -11.38
C MET A 9 2.04 -14.09 -12.22
N ARG A 10 1.29 -13.02 -12.04
CA ARG A 10 1.57 -11.79 -12.77
C ARG A 10 0.77 -10.63 -12.18
N VAL A 11 1.26 -9.42 -12.41
CA VAL A 11 0.61 -8.23 -11.91
C VAL A 11 0.29 -7.30 -13.08
N LEU A 12 -0.91 -6.73 -13.04
CA LEU A 12 -1.35 -5.82 -14.09
C LEU A 12 -1.22 -4.38 -13.59
N LEU A 13 -0.70 -3.53 -14.46
CA LEU A 13 -0.53 -2.13 -14.12
C LEU A 13 -1.85 -1.39 -14.31
N LEU A 14 -2.28 -0.73 -13.25
CA LEU A 14 -3.53 0.02 -13.28
C LEU A 14 -3.33 1.37 -12.59
N GLY A 15 -2.08 1.79 -12.54
CA GLY A 15 -1.75 3.06 -11.91
C GLY A 15 -0.97 3.96 -12.88
N ASP A 16 -1.57 5.08 -13.21
CA ASP A 16 -0.95 6.04 -14.11
C ASP A 16 0.26 6.66 -13.42
N VAL A 17 1.32 6.81 -14.20
CA VAL A 17 2.55 7.40 -13.68
C VAL A 17 2.84 8.71 -14.42
N ALA A 18 1.77 9.37 -14.81
CA ALA A 18 1.89 10.64 -15.52
C ALA A 18 1.85 11.78 -14.52
N THR A 19 1.40 11.46 -13.31
CA THR A 19 1.31 12.46 -12.26
C THR A 19 2.02 11.96 -10.99
N LEU A 20 1.90 10.66 -10.76
CA LEU A 20 2.53 10.05 -9.60
C LEU A 20 3.74 9.23 -10.05
N PRO A 21 4.75 9.17 -9.15
CA PRO A 21 5.96 8.42 -9.43
C PRO A 21 5.72 6.91 -9.32
N LEU A 22 6.21 6.19 -10.32
CA LEU A 22 6.05 4.75 -10.34
C LEU A 22 7.03 4.11 -9.35
N ARG A 23 8.22 4.69 -9.30
CA ARG A 23 9.26 4.20 -8.41
C ARG A 23 8.82 4.35 -6.94
N LYS A 24 8.32 5.54 -6.64
CA LYS A 24 7.87 5.83 -5.28
C LYS A 24 6.63 4.98 -4.97
N VAL A 25 5.75 4.88 -5.97
CA VAL A 25 4.54 4.11 -5.82
C VAL A 25 4.90 2.65 -5.52
N LEU A 26 5.84 2.13 -6.29
CA LEU A 26 6.28 0.76 -6.13
C LEU A 26 6.97 0.62 -4.77
N ALA A 27 7.63 1.69 -4.36
CA ALA A 27 8.34 1.70 -3.09
C ALA A 27 7.33 1.50 -1.95
N VAL A 28 6.25 2.28 -2.01
CA VAL A 28 5.22 2.20 -1.00
C VAL A 28 4.46 0.87 -1.15
N VAL A 29 4.09 0.58 -2.39
CA VAL A 29 3.37 -0.65 -2.68
C VAL A 29 4.21 -1.85 -2.23
N GLY A 30 5.52 -1.69 -2.36
CA GLY A 30 6.43 -2.75 -1.96
C GLY A 30 6.53 -2.86 -0.44
N THR A 31 6.48 -1.70 0.20
CA THR A 31 6.57 -1.65 1.65
C THR A 31 5.35 -2.33 2.28
N ALA A 32 4.22 -2.16 1.62
CA ALA A 32 2.97 -2.74 2.11
C ALA A 32 2.89 -4.19 1.64
N GLU A 33 3.08 -4.37 0.33
CA GLU A 33 3.02 -5.70 -0.26
C GLU A 33 3.99 -6.64 0.46
N ALA A 34 5.16 -6.11 0.78
CA ALA A 34 6.18 -6.89 1.46
C ALA A 34 5.80 -7.04 2.93
N SER A 35 4.98 -6.12 3.39
CA SER A 35 4.52 -6.13 4.77
C SER A 35 3.04 -6.52 4.84
N SER A 36 2.60 -7.21 3.80
CA SER A 36 1.22 -7.64 3.72
C SER A 36 0.85 -8.47 4.96
N GLU A 37 1.88 -9.11 5.52
CA GLU A 37 1.69 -9.94 6.70
C GLU A 37 1.28 -11.35 6.29
N HIS A 38 1.18 -11.56 4.99
CA HIS A 38 0.80 -12.86 4.46
C HIS A 38 2.06 -13.67 4.15
N PRO A 39 2.01 -14.97 4.53
CA PRO A 39 3.13 -15.86 4.30
C PRO A 39 3.22 -16.26 2.82
N LEU A 40 3.30 -15.25 1.98
CA LEU A 40 3.39 -15.47 0.55
C LEU A 40 3.54 -14.13 -0.17
N GLY A 41 2.58 -13.25 0.07
CA GLY A 41 2.60 -11.94 -0.55
C GLY A 41 3.87 -11.18 -0.17
N VAL A 42 4.30 -11.38 1.07
CA VAL A 42 5.49 -10.72 1.56
C VAL A 42 6.70 -11.20 0.75
N ALA A 43 6.73 -12.51 0.52
CA ALA A 43 7.82 -13.10 -0.24
C ALA A 43 7.77 -12.61 -1.68
N VAL A 44 6.55 -12.41 -2.16
CA VAL A 44 6.35 -11.94 -3.52
C VAL A 44 6.99 -10.56 -3.68
N THR A 45 6.69 -9.69 -2.73
CA THR A 45 7.23 -8.34 -2.76
C THR A 45 8.75 -8.37 -2.56
N LYS A 46 9.18 -9.19 -1.61
CA LYS A 46 10.59 -9.32 -1.31
C LYS A 46 11.34 -9.80 -2.56
N TYR A 47 10.66 -10.65 -3.32
CA TYR A 47 11.25 -11.18 -4.54
C TYR A 47 11.42 -10.08 -5.59
N CYS A 48 10.33 -9.37 -5.84
CA CYS A 48 10.34 -8.29 -6.81
C CYS A 48 11.32 -7.21 -6.31
N LYS A 49 11.36 -7.06 -5.00
CA LYS A 49 12.24 -6.08 -4.39
C LYS A 49 13.70 -6.42 -4.72
N GLU A 50 14.03 -7.70 -4.55
CA GLU A 50 15.38 -8.16 -4.82
C GLU A 50 15.70 -8.00 -6.31
N GLU A 51 14.68 -8.23 -7.12
CA GLU A 51 14.85 -8.11 -8.57
C GLU A 51 14.88 -6.63 -8.98
N LEU A 52 14.33 -5.80 -8.11
CA LEU A 52 14.28 -4.37 -8.37
C LEU A 52 15.62 -3.74 -7.96
N GLY A 53 16.29 -4.41 -7.03
CA GLY A 53 17.57 -3.93 -6.55
C GLY A 53 17.41 -3.17 -5.23
N THR A 54 16.29 -3.43 -4.57
CA THR A 54 16.00 -2.78 -3.30
C THR A 54 15.44 -3.79 -2.30
N GLU A 55 16.13 -3.90 -1.18
CA GLU A 55 15.71 -4.83 -0.13
C GLU A 55 15.45 -4.07 1.16
N THR A 56 15.10 -2.80 1.01
CA THR A 56 14.81 -1.96 2.17
C THR A 56 13.61 -1.05 1.87
N LEU A 57 12.78 -0.87 2.89
CA LEU A 57 11.61 -0.04 2.75
C LEU A 57 11.76 1.20 3.63
N GLY A 58 10.64 1.86 3.88
CA GLY A 58 10.65 3.06 4.70
C GLY A 58 9.27 3.72 4.70
N TYR A 59 8.24 2.89 4.68
CA TYR A 59 6.87 3.37 4.68
C TYR A 59 6.09 2.80 5.85
N CYS A 60 5.13 3.59 6.34
CA CYS A 60 4.31 3.16 7.45
C CYS A 60 3.02 2.57 6.89
N THR A 61 2.85 1.27 7.11
CA THR A 61 1.67 0.57 6.64
C THR A 61 0.60 0.53 7.73
N ASP A 62 -0.64 0.40 7.29
CA ASP A 62 -1.76 0.35 8.22
C ASP A 62 -2.91 -0.44 7.58
N PHE A 63 -2.76 -1.75 7.57
CA PHE A 63 -3.77 -2.62 7.00
C PHE A 63 -5.01 -2.69 7.90
N GLN A 64 -6.14 -2.93 7.27
CA GLN A 64 -7.40 -3.02 8.00
C GLN A 64 -8.46 -3.72 7.14
N ALA A 65 -9.09 -4.73 7.73
CA ALA A 65 -10.11 -5.49 7.04
C ALA A 65 -11.47 -4.84 7.29
N VAL A 66 -12.16 -4.56 6.20
CA VAL A 66 -13.48 -3.93 6.29
C VAL A 66 -14.54 -4.91 5.78
N PRO A 67 -15.54 -5.20 6.65
CA PRO A 67 -16.62 -6.11 6.30
C PRO A 67 -17.59 -5.44 5.33
N GLY A 68 -18.12 -6.26 4.42
CA GLY A 68 -19.06 -5.78 3.43
C GLY A 68 -18.40 -4.80 2.47
N CYS A 69 -17.07 -4.81 2.49
CA CYS A 69 -16.30 -3.93 1.62
C CYS A 69 -15.17 -4.75 1.00
N GLY A 70 -14.15 -5.00 1.82
CA GLY A 70 -13.01 -5.77 1.35
C GLY A 70 -11.81 -5.56 2.28
N ILE A 71 -10.68 -5.19 1.67
CA ILE A 71 -9.46 -4.96 2.42
C ILE A 71 -8.88 -3.61 2.04
N GLY A 72 -8.33 -2.93 3.04
CA GLY A 72 -7.74 -1.61 2.80
C GLY A 72 -6.61 -1.35 3.81
N CYS A 73 -5.56 -0.72 3.31
CA CYS A 73 -4.42 -0.41 4.14
C CYS A 73 -3.96 1.02 3.81
N LYS A 74 -3.20 1.59 4.73
CA LYS A 74 -2.70 2.94 4.55
C LYS A 74 -1.17 2.92 4.55
N VAL A 75 -0.60 3.92 3.88
CA VAL A 75 0.84 4.02 3.80
C VAL A 75 1.25 5.50 3.86
N SER A 76 2.13 5.80 4.81
CA SER A 76 2.60 7.16 4.98
C SER A 76 4.01 7.14 5.58
N ASN A 77 4.86 8.00 5.04
CA ASN A 77 6.23 8.10 5.51
C ASN A 77 7.04 8.97 4.55
N VAL A 78 6.77 8.78 3.27
CA VAL A 78 7.46 9.55 2.24
C VAL A 78 7.37 11.04 2.56
N GLU A 79 6.37 11.38 3.38
CA GLU A 79 6.16 12.75 3.77
C GLU A 79 7.33 13.25 4.62
N GLY A 80 7.72 12.42 5.58
CA GLY A 80 8.83 12.77 6.46
C GLY A 80 10.17 12.50 5.78
N ILE A 81 10.16 11.56 4.85
CA ILE A 81 11.36 11.21 4.11
C ILE A 81 11.73 12.34 3.16
N LEU A 82 10.71 12.91 2.54
CA LEU A 82 10.90 14.00 1.60
C LEU A 82 11.09 15.30 2.38
N ALA A 83 10.35 15.42 3.47
CA ALA A 83 10.43 16.61 4.31
C ALA A 83 10.97 16.21 5.69
N HIS A 84 12.15 16.72 6.00
CA HIS A 84 12.77 16.43 7.28
C HIS A 84 13.04 17.74 8.02
N SER A 85 12.05 18.18 8.79
CA SER A 85 12.16 19.41 9.54
C SER A 85 13.27 19.27 10.60
N GLU A 86 14.23 20.16 10.53
CA GLU A 86 15.35 20.15 11.46
C GLU A 86 16.33 21.27 11.13
N ARG A 87 16.02 22.45 11.65
CA ARG A 87 16.86 23.61 11.43
C ARG A 87 18.31 23.31 11.84
N PRO A 88 19.26 23.76 10.98
CA PRO A 88 20.67 23.54 11.25
C PRO A 88 21.17 24.48 12.35
N LEU A 89 21.88 23.89 13.30
CA LEU A 89 22.43 24.66 14.40
C LEU A 89 21.30 25.04 15.36
N SER A 90 21.47 24.63 16.62
CA SER A 90 20.47 24.92 17.63
C SER A 90 20.99 24.49 19.01
N ALA A 91 21.88 25.31 19.55
CA ALA A 91 22.45 25.04 20.86
C ALA A 91 23.63 25.98 21.10
N PRO A 92 24.58 25.98 20.13
CA PRO A 92 25.76 26.83 20.23
C PRO A 92 25.40 28.29 19.92
N ALA A 93 25.70 29.15 20.88
CA ALA A 93 25.41 30.57 20.73
C ALA A 93 23.98 30.74 20.23
N SER A 94 23.63 32.00 19.95
CA SER A 94 22.30 32.31 19.47
C SER A 94 21.25 31.91 20.52
N HIS A 95 21.12 32.75 21.53
CA HIS A 95 20.17 32.50 22.60
C HIS A 95 20.52 31.19 23.29
N LEU A 96 21.74 31.13 23.81
CA LEU A 96 22.21 29.94 24.49
C LEU A 96 21.28 29.64 25.68
N ASN A 97 20.51 30.65 26.05
CA ASN A 97 19.57 30.50 27.16
C ASN A 97 18.75 29.23 26.97
N GLU A 98 18.22 28.74 28.08
CA GLU A 98 17.42 27.53 28.05
C GLU A 98 16.03 27.82 27.51
N ALA A 99 15.39 26.79 26.99
CA ALA A 99 14.05 26.93 26.44
C ALA A 99 14.06 27.99 25.34
N GLY A 100 12.92 28.12 24.68
CA GLY A 100 12.79 29.09 23.59
C GLY A 100 11.33 29.49 23.39
N SER A 101 10.85 29.23 22.18
CA SER A 101 9.48 29.56 21.84
C SER A 101 8.79 28.33 21.23
N LEU A 102 7.56 28.09 21.69
CA LEU A 102 6.79 26.97 21.19
C LEU A 102 6.23 27.30 19.80
N PRO A 103 6.09 26.24 18.97
CA PRO A 103 5.57 26.41 17.63
C PRO A 103 4.06 26.64 17.65
N ALA A 104 3.54 27.08 16.51
CA ALA A 104 2.12 27.35 16.39
C ALA A 104 1.37 26.02 16.18
N GLU A 105 0.25 25.89 16.88
CA GLU A 105 -0.56 24.69 16.78
C GLU A 105 -0.60 24.19 15.33
N LYS A 106 -1.12 25.05 14.46
CA LYS A 106 -1.22 24.71 13.06
C LYS A 106 0.05 23.99 12.61
N ASP A 107 -0.12 23.10 11.64
CA ASP A 107 1.01 22.35 11.12
C ASP A 107 0.65 21.81 9.73
N ALA A 108 1.61 21.95 8.82
CA ALA A 108 1.41 21.49 7.46
C ALA A 108 1.05 20.00 7.47
N VAL A 109 -0.24 19.73 7.38
CA VAL A 109 -0.73 18.36 7.38
C VAL A 109 0.21 17.49 6.55
N PRO A 110 0.53 16.30 7.10
CA PRO A 110 1.42 15.37 6.43
C PRO A 110 0.71 14.67 5.27
N GLN A 111 1.50 14.25 4.29
CA GLN A 111 0.95 13.57 3.13
C GLN A 111 0.80 12.08 3.41
N THR A 112 -0.45 11.62 3.40
CA THR A 112 -0.74 10.23 3.65
C THR A 112 -1.48 9.61 2.46
N PHE A 113 -1.04 8.42 2.07
CA PHE A 113 -1.65 7.72 0.96
C PHE A 113 -2.54 6.57 1.45
N SER A 114 -3.66 6.40 0.76
CA SER A 114 -4.60 5.34 1.12
C SER A 114 -4.55 4.23 0.07
N VAL A 115 -4.43 3.00 0.56
CA VAL A 115 -4.37 1.84 -0.31
C VAL A 115 -5.66 1.04 -0.18
N LEU A 116 -6.15 0.59 -1.32
CA LEU A 116 -7.38 -0.19 -1.34
C LEU A 116 -7.14 -1.49 -2.12
N ILE A 117 -7.69 -2.57 -1.58
CA ILE A 117 -7.55 -3.88 -2.21
C ILE A 117 -8.85 -4.66 -2.05
N GLY A 118 -9.18 -5.41 -3.10
CA GLY A 118 -10.38 -6.22 -3.08
C GLY A 118 -10.79 -6.63 -4.50
N ASN A 119 -11.97 -7.21 -4.60
CA ASN A 119 -12.48 -7.65 -5.89
C ASN A 119 -12.94 -6.44 -6.70
N ARG A 120 -12.92 -6.59 -8.01
CA ARG A 120 -13.34 -5.52 -8.90
C ARG A 120 -14.66 -4.93 -8.42
N GLU A 121 -15.50 -5.79 -7.88
CA GLU A 121 -16.80 -5.35 -7.38
C GLU A 121 -16.63 -4.50 -6.12
N TRP A 122 -15.61 -4.86 -5.33
CA TRP A 122 -15.34 -4.15 -4.10
C TRP A 122 -14.97 -2.70 -4.47
N LEU A 123 -14.01 -2.58 -5.38
CA LEU A 123 -13.56 -1.27 -5.82
C LEU A 123 -14.71 -0.57 -6.54
N ARG A 124 -15.42 -1.33 -7.35
CA ARG A 124 -16.54 -0.80 -8.10
C ARG A 124 -17.57 -0.18 -7.15
N ARG A 125 -17.87 -0.92 -6.10
CA ARG A 125 -18.84 -0.47 -5.11
C ARG A 125 -18.26 0.71 -4.32
N ASN A 126 -16.94 0.74 -4.25
CA ASN A 126 -16.26 1.79 -3.52
C ASN A 126 -16.51 3.14 -4.22
N GLY A 127 -16.10 3.19 -5.47
CA GLY A 127 -16.29 4.40 -6.26
C GLY A 127 -15.85 4.19 -7.70
N LEU A 128 -16.47 3.21 -8.34
CA LEU A 128 -16.17 2.90 -9.73
C LEU A 128 -17.45 2.49 -10.46
N THR A 129 -17.54 2.91 -11.70
CA THR A 129 -18.70 2.60 -12.52
C THR A 129 -18.92 1.08 -12.58
N ILE A 130 -19.73 0.67 -13.54
CA ILE A 130 -20.03 -0.74 -13.70
C ILE A 130 -20.76 -1.27 -12.46
N SER A 131 -21.56 -2.30 -12.67
CA SER A 131 -22.31 -2.90 -11.58
C SER A 131 -21.39 -3.76 -10.72
N SER A 132 -21.63 -3.71 -9.42
CA SER A 132 -20.83 -4.48 -8.48
C SER A 132 -21.09 -5.98 -8.68
N ASP A 133 -22.33 -6.30 -9.03
CA ASP A 133 -22.71 -7.68 -9.26
C ASP A 133 -22.06 -8.17 -10.56
N VAL A 134 -22.05 -7.30 -11.55
CA VAL A 134 -21.47 -7.64 -12.84
C VAL A 134 -19.98 -7.90 -12.67
N SER A 135 -19.32 -6.93 -12.03
CA SER A 135 -17.89 -7.04 -11.79
C SER A 135 -17.60 -8.15 -10.78
N ASP A 136 -18.53 -8.31 -9.84
CA ASP A 136 -18.40 -9.32 -8.81
C ASP A 136 -18.48 -10.70 -9.45
N ALA A 137 -19.43 -10.84 -10.37
CA ALA A 137 -19.62 -12.11 -11.07
C ALA A 137 -18.37 -12.43 -11.89
N MET A 138 -17.82 -11.40 -12.50
CA MET A 138 -16.62 -11.56 -13.32
C MET A 138 -15.44 -12.02 -12.47
N THR A 139 -15.25 -11.32 -11.36
CA THR A 139 -14.15 -11.64 -10.45
C THR A 139 -14.35 -13.04 -9.86
N ASP A 140 -15.55 -13.26 -9.33
CA ASP A 140 -15.87 -14.54 -8.73
C ASP A 140 -15.67 -15.65 -9.76
N HIS A 141 -16.03 -15.33 -11.01
CA HIS A 141 -15.88 -16.29 -12.09
C HIS A 141 -14.42 -16.70 -12.23
N GLU A 142 -13.55 -15.70 -12.23
CA GLU A 142 -12.12 -15.95 -12.36
C GLU A 142 -11.63 -16.79 -11.18
N MET A 143 -12.21 -16.53 -10.02
CA MET A 143 -11.83 -17.26 -8.83
C MET A 143 -12.15 -18.75 -8.96
N LYS A 144 -12.89 -19.07 -10.01
CA LYS A 144 -13.27 -20.45 -10.27
C LYS A 144 -12.17 -21.13 -11.09
N GLY A 145 -11.05 -20.44 -11.21
CA GLY A 145 -9.92 -20.96 -11.96
C GLY A 145 -8.61 -20.33 -11.48
N GLN A 146 -8.57 -19.00 -11.52
CA GLN A 146 -7.38 -18.28 -11.10
C GLN A 146 -7.76 -17.22 -10.06
N THR A 147 -6.73 -16.64 -9.46
CA THR A 147 -6.93 -15.62 -8.45
C THR A 147 -6.64 -14.23 -9.03
N ALA A 148 -7.60 -13.33 -8.86
CA ALA A 148 -7.46 -11.98 -9.36
C ALA A 148 -7.83 -10.99 -8.26
N ILE A 149 -6.94 -10.04 -8.03
CA ILE A 149 -7.15 -9.03 -7.01
C ILE A 149 -6.85 -7.65 -7.59
N LEU A 150 -7.76 -6.72 -7.33
CA LEU A 150 -7.59 -5.35 -7.81
C LEU A 150 -7.10 -4.46 -6.67
N VAL A 151 -6.12 -3.63 -7.00
CA VAL A 151 -5.56 -2.72 -6.02
C VAL A 151 -5.72 -1.28 -6.50
N ALA A 152 -6.41 -0.49 -5.70
CA ALA A 152 -6.64 0.90 -6.03
C ALA A 152 -6.01 1.79 -4.97
N ILE A 153 -5.59 2.97 -5.39
CA ILE A 153 -4.97 3.93 -4.48
C ILE A 153 -5.92 5.10 -4.26
N ASP A 154 -6.41 5.20 -3.03
CA ASP A 154 -7.33 6.27 -2.68
C ASP A 154 -8.51 6.27 -3.66
N GLY A 155 -8.98 5.07 -3.95
CA GLY A 155 -10.10 4.92 -4.87
C GLY A 155 -9.69 5.22 -6.31
N VAL A 156 -8.38 5.27 -6.51
CA VAL A 156 -7.85 5.56 -7.84
C VAL A 156 -7.10 4.34 -8.36
N LEU A 157 -7.03 4.24 -9.68
CA LEU A 157 -6.36 3.13 -10.32
C LEU A 157 -4.89 3.10 -9.87
N CYS A 158 -4.39 1.89 -9.69
CA CYS A 158 -3.01 1.70 -9.26
C CYS A 158 -2.45 0.46 -9.96
N GLY A 159 -3.14 -0.66 -9.76
CA GLY A 159 -2.73 -1.90 -10.35
C GLY A 159 -3.40 -3.09 -9.66
N MET A 160 -3.47 -4.20 -10.37
CA MET A 160 -4.09 -5.41 -9.84
C MET A 160 -3.08 -6.56 -9.80
N ILE A 161 -3.28 -7.43 -8.82
CA ILE A 161 -2.40 -8.58 -8.66
C ILE A 161 -3.15 -9.85 -9.07
N ALA A 162 -2.51 -10.64 -9.92
CA ALA A 162 -3.09 -11.88 -10.38
C ALA A 162 -2.27 -13.06 -9.89
N ILE A 163 -2.93 -13.95 -9.17
CA ILE A 163 -2.26 -15.12 -8.63
C ILE A 163 -2.76 -16.38 -9.36
N ALA A 164 -1.81 -17.20 -9.77
CA ALA A 164 -2.14 -18.43 -10.48
C ALA A 164 -1.24 -19.56 -9.99
N ASP A 165 -1.83 -20.49 -9.26
CA ASP A 165 -1.10 -21.62 -8.73
C ASP A 165 0.10 -21.11 -7.93
N ALA A 1 -9.70 -25.92 -4.46
CA ALA A 1 -10.00 -27.29 -4.12
C ALA A 1 -10.33 -27.37 -2.62
N GLY A 2 -9.36 -27.00 -1.81
CA GLY A 2 -9.52 -27.02 -0.37
C GLY A 2 -8.22 -26.64 0.34
N HIS A 3 -8.22 -25.42 0.89
CA HIS A 3 -7.05 -24.93 1.59
C HIS A 3 -5.82 -25.03 0.69
N MET A 4 -5.48 -23.91 0.06
CA MET A 4 -4.34 -23.87 -0.83
C MET A 4 -4.23 -22.51 -1.53
N VAL A 5 -3.30 -21.71 -1.05
CA VAL A 5 -3.08 -20.39 -1.62
C VAL A 5 -1.99 -20.46 -2.67
N PRO A 6 -2.34 -20.01 -3.91
CA PRO A 6 -1.39 -20.01 -5.01
C PRO A 6 -0.37 -18.89 -4.86
N ARG A 7 0.44 -18.71 -5.90
CA ARG A 7 1.45 -17.69 -5.89
C ARG A 7 1.17 -16.65 -6.98
N VAL A 8 1.84 -15.51 -6.86
CA VAL A 8 1.67 -14.43 -7.81
C VAL A 8 2.21 -14.88 -9.17
N MET A 9 1.43 -14.59 -10.21
CA MET A 9 1.82 -14.95 -11.56
C MET A 9 2.26 -13.72 -12.35
N ARG A 10 1.51 -12.65 -12.19
CA ARG A 10 1.82 -11.40 -12.87
C ARG A 10 0.99 -10.26 -12.29
N VAL A 11 1.50 -9.05 -12.47
CA VAL A 11 0.82 -7.87 -11.97
C VAL A 11 0.42 -6.98 -13.16
N LEU A 12 -0.79 -6.45 -13.07
CA LEU A 12 -1.30 -5.58 -14.12
C LEU A 12 -1.23 -4.13 -13.65
N LEU A 13 -0.87 -3.25 -14.58
CA LEU A 13 -0.76 -1.84 -14.28
C LEU A 13 -2.15 -1.21 -14.26
N LEU A 14 -2.45 -0.55 -13.16
CA LEU A 14 -3.75 0.10 -13.00
C LEU A 14 -3.55 1.47 -12.37
N GLY A 15 -2.35 2.01 -12.55
CA GLY A 15 -2.02 3.31 -12.00
C GLY A 15 -1.14 4.10 -12.96
N ASP A 16 -1.63 5.28 -13.34
CA ASP A 16 -0.90 6.14 -14.25
C ASP A 16 -0.29 7.30 -13.48
N VAL A 17 0.51 8.09 -14.18
CA VAL A 17 1.16 9.24 -13.57
C VAL A 17 0.34 10.50 -13.84
N ALA A 18 -0.97 10.29 -13.94
CA ALA A 18 -1.88 11.40 -14.20
C ALA A 18 -2.41 11.94 -12.88
N THR A 19 -2.23 11.14 -11.83
CA THR A 19 -2.68 11.51 -10.51
C THR A 19 -1.58 11.31 -9.48
N LEU A 20 -0.82 10.24 -9.68
CA LEU A 20 0.27 9.92 -8.78
C LEU A 20 1.31 9.07 -9.52
N PRO A 21 2.57 9.14 -9.03
CA PRO A 21 3.66 8.38 -9.64
C PRO A 21 3.56 6.90 -9.28
N LEU A 22 3.74 6.06 -10.30
CA LEU A 22 3.67 4.63 -10.11
C LEU A 22 4.92 4.17 -9.36
N ARG A 23 5.99 4.94 -9.51
CA ARG A 23 7.24 4.62 -8.87
C ARG A 23 7.10 4.70 -7.35
N LYS A 24 6.56 5.83 -6.91
CA LYS A 24 6.36 6.05 -5.48
C LYS A 24 5.25 5.12 -4.97
N VAL A 25 4.25 4.92 -5.81
CA VAL A 25 3.14 4.06 -5.47
C VAL A 25 3.65 2.63 -5.27
N LEU A 26 4.51 2.21 -6.19
CA LEU A 26 5.08 0.87 -6.12
C LEU A 26 5.94 0.75 -4.86
N ALA A 27 6.60 1.84 -4.53
CA ALA A 27 7.46 1.87 -3.35
C ALA A 27 6.61 1.61 -2.10
N VAL A 28 5.49 2.30 -2.05
CA VAL A 28 4.59 2.17 -0.91
C VAL A 28 3.95 0.77 -0.95
N VAL A 29 3.44 0.41 -2.12
CA VAL A 29 2.80 -0.87 -2.30
C VAL A 29 3.79 -1.98 -1.93
N GLY A 30 5.05 -1.74 -2.26
CA GLY A 30 6.10 -2.70 -1.97
C GLY A 30 6.41 -2.74 -0.48
N THR A 31 6.29 -1.58 0.15
CA THR A 31 6.57 -1.46 1.57
C THR A 31 5.56 -2.29 2.38
N ALA A 32 4.30 -2.22 1.94
CA ALA A 32 3.24 -2.95 2.61
C ALA A 32 3.21 -4.39 2.07
N GLU A 33 3.43 -4.51 0.77
CA GLU A 33 3.42 -5.81 0.13
C GLU A 33 4.41 -6.75 0.84
N ALA A 34 5.53 -6.19 1.25
CA ALA A 34 6.54 -6.96 1.93
C ALA A 34 6.05 -7.32 3.34
N SER A 35 5.12 -6.51 3.83
CA SER A 35 4.57 -6.73 5.15
C SER A 35 3.19 -7.38 5.03
N SER A 36 2.77 -7.59 3.79
CA SER A 36 1.49 -8.22 3.54
C SER A 36 1.19 -9.26 4.60
N GLU A 37 0.11 -9.03 5.34
CA GLU A 37 -0.30 -9.95 6.38
C GLU A 37 0.01 -11.39 5.98
N HIS A 38 -0.12 -11.65 4.68
CA HIS A 38 0.13 -12.98 4.15
C HIS A 38 1.62 -13.15 3.89
N PRO A 39 2.14 -14.36 4.23
CA PRO A 39 3.55 -14.66 4.04
C PRO A 39 3.86 -14.91 2.56
N LEU A 40 2.83 -14.81 1.74
CA LEU A 40 2.97 -15.01 0.32
C LEU A 40 3.30 -13.68 -0.36
N GLY A 41 2.41 -12.71 -0.14
CA GLY A 41 2.59 -11.40 -0.72
C GLY A 41 3.90 -10.77 -0.26
N VAL A 42 4.33 -11.17 0.93
CA VAL A 42 5.57 -10.65 1.49
C VAL A 42 6.74 -11.07 0.60
N ALA A 43 6.79 -12.36 0.32
CA ALA A 43 7.85 -12.90 -0.51
C ALA A 43 7.69 -12.37 -1.96
N VAL A 44 6.43 -12.15 -2.32
CA VAL A 44 6.13 -11.66 -3.66
C VAL A 44 6.83 -10.31 -3.86
N THR A 45 6.59 -9.40 -2.91
CA THR A 45 7.18 -8.09 -2.97
C THR A 45 8.70 -8.17 -2.83
N LYS A 46 9.13 -9.05 -1.94
CA LYS A 46 10.56 -9.24 -1.69
C LYS A 46 11.24 -9.63 -3.01
N TYR A 47 10.58 -10.50 -3.75
CA TYR A 47 11.10 -10.95 -5.03
C TYR A 47 11.16 -9.81 -6.04
N CYS A 48 10.06 -9.06 -6.10
CA CYS A 48 9.96 -7.95 -7.03
C CYS A 48 11.02 -6.91 -6.63
N LYS A 49 11.25 -6.81 -5.33
CA LYS A 49 12.22 -5.87 -4.81
C LYS A 49 13.62 -6.30 -5.25
N GLU A 50 13.84 -7.60 -5.23
CA GLU A 50 15.13 -8.16 -5.62
C GLU A 50 15.41 -7.84 -7.09
N GLU A 51 14.39 -8.01 -7.92
CA GLU A 51 14.52 -7.75 -9.34
C GLU A 51 14.44 -6.24 -9.61
N LEU A 52 13.87 -5.53 -8.65
CA LEU A 52 13.72 -4.10 -8.78
C LEU A 52 15.03 -3.41 -8.35
N GLY A 53 15.79 -4.13 -7.53
CA GLY A 53 17.05 -3.62 -7.04
C GLY A 53 16.83 -2.58 -5.93
N THR A 54 15.81 -2.83 -5.13
CA THR A 54 15.48 -1.92 -4.04
C THR A 54 15.14 -2.72 -2.78
N GLU A 55 15.90 -2.44 -1.73
CA GLU A 55 15.70 -3.11 -0.45
C GLU A 55 14.97 -2.19 0.52
N THR A 56 14.24 -1.24 -0.03
CA THR A 56 13.50 -0.29 0.77
C THR A 56 12.67 -1.03 1.83
N LEU A 57 12.66 -0.46 3.03
CA LEU A 57 11.90 -1.05 4.13
C LEU A 57 11.99 -0.14 5.35
N GLY A 58 10.85 0.39 5.75
CA GLY A 58 10.78 1.28 6.89
C GLY A 58 9.57 2.20 6.81
N TYR A 59 8.47 1.64 6.32
CA TYR A 59 7.25 2.40 6.18
C TYR A 59 6.27 2.07 7.32
N CYS A 60 5.33 2.98 7.52
CA CYS A 60 4.33 2.79 8.57
C CYS A 60 3.05 2.28 7.92
N THR A 61 2.72 1.03 8.24
CA THR A 61 1.54 0.41 7.70
C THR A 61 0.36 0.57 8.66
N ASP A 62 -0.84 0.41 8.13
CA ASP A 62 -2.04 0.53 8.93
C ASP A 62 -3.18 -0.24 8.25
N PHE A 63 -3.11 -1.56 8.38
CA PHE A 63 -4.12 -2.42 7.79
C PHE A 63 -5.43 -2.33 8.58
N GLN A 64 -6.53 -2.40 7.83
CA GLN A 64 -7.86 -2.33 8.44
C GLN A 64 -8.90 -2.94 7.51
N ALA A 65 -9.74 -3.79 8.07
CA ALA A 65 -10.78 -4.45 7.31
C ALA A 65 -12.04 -3.59 7.34
N VAL A 66 -12.52 -3.25 6.15
CA VAL A 66 -13.71 -2.43 6.02
C VAL A 66 -14.83 -3.26 5.38
N PRO A 67 -15.98 -3.33 6.10
CA PRO A 67 -17.13 -4.08 5.61
C PRO A 67 -17.83 -3.33 4.49
N GLY A 68 -18.32 -4.09 3.52
CA GLY A 68 -19.03 -3.51 2.40
C GLY A 68 -18.04 -2.86 1.42
N CYS A 69 -16.77 -3.06 1.69
CA CYS A 69 -15.73 -2.49 0.86
C CYS A 69 -14.71 -3.59 0.54
N GLY A 70 -13.89 -3.90 1.54
CA GLY A 70 -12.88 -4.93 1.38
C GLY A 70 -11.75 -4.74 2.39
N ILE A 71 -10.54 -4.64 1.87
CA ILE A 71 -9.37 -4.45 2.71
C ILE A 71 -8.75 -3.08 2.43
N GLY A 72 -8.38 -2.40 3.50
CA GLY A 72 -7.78 -1.08 3.39
C GLY A 72 -6.61 -0.93 4.36
N CYS A 73 -5.44 -0.67 3.79
CA CYS A 73 -4.24 -0.49 4.59
C CYS A 73 -3.58 0.83 4.19
N LYS A 74 -3.07 1.53 5.20
CA LYS A 74 -2.42 2.80 4.96
C LYS A 74 -0.91 2.63 5.12
N VAL A 75 -0.17 3.49 4.42
CA VAL A 75 1.28 3.44 4.47
C VAL A 75 1.84 4.86 4.38
N SER A 76 2.83 5.13 5.22
CA SER A 76 3.45 6.44 5.25
C SER A 76 4.92 6.31 5.66
N ASN A 77 5.72 7.25 5.17
CA ASN A 77 7.14 7.24 5.47
C ASN A 77 7.90 7.95 4.34
N VAL A 78 7.26 8.02 3.19
CA VAL A 78 7.84 8.67 2.03
C VAL A 78 8.49 9.99 2.46
N GLU A 79 7.89 10.60 3.48
CA GLU A 79 8.40 11.86 3.99
C GLU A 79 9.87 11.73 4.35
N GLY A 80 10.19 10.66 5.06
CA GLY A 80 11.56 10.41 5.47
C GLY A 80 12.40 9.90 4.31
N ILE A 81 11.74 9.20 3.40
CA ILE A 81 12.40 8.64 2.24
C ILE A 81 12.96 9.80 1.39
N LEU A 82 12.10 10.76 1.12
CA LEU A 82 12.50 11.90 0.32
C LEU A 82 13.44 12.80 1.15
N ALA A 83 13.13 12.90 2.43
CA ALA A 83 13.93 13.70 3.34
C ALA A 83 15.07 12.85 3.90
N HIS A 84 15.47 13.19 5.11
CA HIS A 84 16.55 12.47 5.76
C HIS A 84 16.66 12.93 7.22
N SER A 85 16.99 11.97 8.08
CA SER A 85 17.14 12.27 9.50
C SER A 85 18.62 12.34 9.88
N GLU A 86 19.02 13.51 10.34
CA GLU A 86 20.41 13.72 10.73
C GLU A 86 20.47 14.59 11.99
N ARG A 87 19.98 14.03 13.07
CA ARG A 87 19.98 14.74 14.34
C ARG A 87 21.29 15.51 14.52
N PRO A 88 21.19 16.65 15.26
CA PRO A 88 22.35 17.49 15.51
C PRO A 88 23.27 16.85 16.56
N LEU A 89 24.38 16.30 16.07
CA LEU A 89 25.34 15.66 16.95
C LEU A 89 26.64 15.44 16.19
N SER A 90 27.67 16.18 16.59
CA SER A 90 28.97 16.07 15.95
C SER A 90 30.07 16.08 17.01
N ALA A 91 29.92 16.98 17.97
CA ALA A 91 30.89 17.10 19.05
C ALA A 91 32.26 17.45 18.46
N PRO A 92 32.53 18.78 18.36
CA PRO A 92 33.79 19.25 17.82
C PRO A 92 34.93 19.06 18.83
N ALA A 93 36.13 19.34 18.37
CA ALA A 93 37.31 19.19 19.21
C ALA A 93 37.17 20.12 20.42
N SER A 94 37.79 21.29 20.31
CA SER A 94 37.75 22.27 21.38
C SER A 94 36.39 22.97 21.39
N HIS A 95 35.54 22.56 22.31
CA HIS A 95 34.22 23.14 22.44
C HIS A 95 33.58 22.70 23.75
N LEU A 96 34.26 23.02 24.84
CA LEU A 96 33.77 22.66 26.16
C LEU A 96 32.48 23.43 26.45
N ASN A 97 32.21 24.41 25.59
CA ASN A 97 31.01 25.22 25.74
C ASN A 97 29.80 24.31 25.94
N GLU A 98 28.84 24.81 26.70
CA GLU A 98 27.64 24.06 26.98
C GLU A 98 26.44 24.67 26.25
N ALA A 99 25.61 23.81 25.69
CA ALA A 99 24.44 24.26 24.97
C ALA A 99 24.86 25.22 23.86
N GLY A 100 23.90 25.52 22.98
CA GLY A 100 24.17 26.43 21.88
C GLY A 100 22.87 27.01 21.33
N SER A 101 22.38 26.40 20.26
CA SER A 101 21.16 26.85 19.63
C SER A 101 20.26 25.65 19.33
N LEU A 102 19.04 25.72 19.87
CA LEU A 102 18.08 24.65 19.67
C LEU A 102 17.56 24.70 18.23
N PRO A 103 17.23 23.49 17.70
CA PRO A 103 16.72 23.38 16.34
C PRO A 103 15.27 23.86 16.26
N ALA A 104 14.76 23.88 15.04
CA ALA A 104 13.39 24.32 14.81
C ALA A 104 12.43 23.25 15.34
N GLU A 105 11.93 23.50 16.54
CA GLU A 105 11.00 22.57 17.17
C GLU A 105 9.94 22.13 16.16
N LYS A 106 9.48 23.08 15.37
CA LYS A 106 8.46 22.81 14.37
C LYS A 106 8.79 21.48 13.68
N ASP A 107 7.80 20.61 13.63
CA ASP A 107 7.98 19.31 13.00
C ASP A 107 6.99 19.18 11.83
N ALA A 108 7.55 19.06 10.63
CA ALA A 108 6.75 18.93 9.43
C ALA A 108 6.12 17.53 9.40
N VAL A 109 5.02 17.40 10.10
CA VAL A 109 4.31 16.12 10.16
C VAL A 109 4.35 15.46 8.78
N PRO A 110 4.66 14.14 8.78
CA PRO A 110 4.72 13.39 7.54
C PRO A 110 3.32 13.10 7.00
N GLN A 111 3.26 12.88 5.70
CA GLN A 111 2.00 12.59 5.04
C GLN A 111 1.76 11.09 4.99
N THR A 112 0.50 10.71 5.18
CA THR A 112 0.12 9.31 5.16
C THR A 112 -0.85 9.03 4.01
N PHE A 113 -0.58 7.95 3.30
CA PHE A 113 -1.41 7.56 2.17
C PHE A 113 -2.23 6.32 2.50
N SER A 114 -3.47 6.31 2.03
CA SER A 114 -4.37 5.19 2.27
C SER A 114 -4.45 4.32 1.02
N VAL A 115 -4.28 3.02 1.23
CA VAL A 115 -4.33 2.07 0.14
C VAL A 115 -5.48 1.09 0.37
N LEU A 116 -6.19 0.80 -0.71
CA LEU A 116 -7.32 -0.13 -0.64
C LEU A 116 -7.11 -1.26 -1.64
N ILE A 117 -7.45 -2.47 -1.21
CA ILE A 117 -7.31 -3.63 -2.05
C ILE A 117 -8.53 -4.54 -1.87
N GLY A 118 -8.76 -5.36 -2.88
CA GLY A 118 -9.90 -6.28 -2.85
C GLY A 118 -10.23 -6.79 -4.25
N ASN A 119 -11.39 -7.40 -4.36
CA ASN A 119 -11.84 -7.94 -5.64
C ASN A 119 -12.11 -6.78 -6.61
N ARG A 120 -11.84 -7.05 -7.87
CA ARG A 120 -12.04 -6.05 -8.91
C ARG A 120 -13.46 -5.47 -8.82
N GLU A 121 -14.36 -6.28 -8.28
CA GLU A 121 -15.74 -5.87 -8.13
C GLU A 121 -15.85 -4.76 -7.08
N TRP A 122 -15.13 -4.94 -6.00
CA TRP A 122 -15.14 -3.97 -4.91
C TRP A 122 -14.67 -2.64 -5.48
N LEU A 123 -13.52 -2.69 -6.14
CA LEU A 123 -12.94 -1.48 -6.73
C LEU A 123 -13.91 -0.93 -7.78
N ARG A 124 -14.54 -1.85 -8.50
CA ARG A 124 -15.48 -1.47 -9.54
C ARG A 124 -16.59 -0.60 -8.94
N ARG A 125 -17.15 -1.08 -7.85
CA ARG A 125 -18.23 -0.37 -7.18
C ARG A 125 -17.67 0.87 -6.46
N ASN A 126 -16.38 0.82 -6.18
CA ASN A 126 -15.72 1.93 -5.51
C ASN A 126 -15.81 3.18 -6.39
N GLY A 127 -15.26 3.07 -7.59
CA GLY A 127 -15.28 4.18 -8.52
C GLY A 127 -14.70 3.76 -9.88
N LEU A 128 -15.32 2.72 -10.44
CA LEU A 128 -14.88 2.22 -11.74
C LEU A 128 -16.11 2.03 -12.64
N THR A 129 -15.92 1.20 -13.66
CA THR A 129 -17.00 0.92 -14.59
C THR A 129 -17.48 -0.52 -14.44
N ILE A 130 -18.24 -0.97 -15.43
CA ILE A 130 -18.77 -2.33 -15.41
C ILE A 130 -19.75 -2.47 -14.24
N SER A 131 -20.69 -3.39 -14.41
CA SER A 131 -21.67 -3.64 -13.38
C SER A 131 -21.03 -4.37 -12.19
N SER A 132 -21.52 -4.03 -11.00
CA SER A 132 -21.00 -4.65 -9.79
C SER A 132 -21.33 -6.13 -9.77
N ASP A 133 -22.50 -6.46 -10.30
CA ASP A 133 -22.95 -7.83 -10.35
C ASP A 133 -22.12 -8.60 -11.37
N VAL A 134 -21.83 -7.93 -12.47
CA VAL A 134 -21.05 -8.53 -13.54
C VAL A 134 -19.61 -8.74 -13.05
N SER A 135 -19.05 -7.68 -12.47
CA SER A 135 -17.70 -7.73 -11.96
C SER A 135 -17.62 -8.68 -10.76
N ASP A 136 -18.70 -8.70 -10.00
CA ASP A 136 -18.77 -9.55 -8.82
C ASP A 136 -18.70 -11.02 -9.26
N ALA A 137 -19.48 -11.33 -10.29
CA ALA A 137 -19.52 -12.69 -10.82
C ALA A 137 -18.19 -12.99 -11.51
N MET A 138 -17.62 -11.96 -12.13
CA MET A 138 -16.37 -12.11 -12.84
C MET A 138 -15.23 -12.43 -11.86
N THR A 139 -15.16 -11.64 -10.80
CA THR A 139 -14.14 -11.83 -9.79
C THR A 139 -14.31 -13.18 -9.10
N ASP A 140 -15.52 -13.41 -8.62
CA ASP A 140 -15.83 -14.66 -7.93
C ASP A 140 -15.56 -15.83 -8.86
N HIS A 141 -16.01 -15.67 -10.10
CA HIS A 141 -15.82 -16.70 -11.10
C HIS A 141 -14.33 -17.07 -11.20
N GLU A 142 -13.51 -16.04 -11.28
CA GLU A 142 -12.08 -16.24 -11.38
C GLU A 142 -11.57 -17.05 -10.17
N MET A 143 -12.16 -16.77 -9.02
CA MET A 143 -11.79 -17.46 -7.80
C MET A 143 -12.06 -18.96 -7.92
N LYS A 144 -12.76 -19.33 -8.98
CA LYS A 144 -13.09 -20.73 -9.22
C LYS A 144 -11.96 -21.38 -10.02
N GLY A 145 -10.85 -20.64 -10.12
CA GLY A 145 -9.70 -21.14 -10.85
C GLY A 145 -8.43 -20.40 -10.44
N GLN A 146 -8.49 -19.08 -10.57
CA GLN A 146 -7.35 -18.24 -10.23
C GLN A 146 -7.79 -17.16 -9.23
N THR A 147 -6.80 -16.40 -8.75
CA THR A 147 -7.06 -15.34 -7.80
C THR A 147 -6.52 -14.01 -8.33
N ALA A 148 -7.44 -13.06 -8.49
CA ALA A 148 -7.07 -11.75 -8.98
C ALA A 148 -7.71 -10.68 -8.10
N ILE A 149 -6.87 -9.76 -7.64
CA ILE A 149 -7.35 -8.68 -6.79
C ILE A 149 -6.82 -7.34 -7.33
N LEU A 150 -7.64 -6.31 -7.14
CA LEU A 150 -7.28 -4.98 -7.61
C LEU A 150 -6.77 -4.15 -6.42
N VAL A 151 -5.76 -3.34 -6.69
CA VAL A 151 -5.17 -2.50 -5.67
C VAL A 151 -5.30 -1.03 -6.09
N ALA A 152 -5.97 -0.26 -5.25
CA ALA A 152 -6.17 1.15 -5.52
C ALA A 152 -5.48 1.98 -4.42
N ILE A 153 -5.03 3.16 -4.82
CA ILE A 153 -4.35 4.05 -3.89
C ILE A 153 -5.29 5.22 -3.55
N ASP A 154 -5.73 5.24 -2.30
CA ASP A 154 -6.61 6.30 -1.84
C ASP A 154 -7.81 6.40 -2.79
N GLY A 155 -8.34 5.25 -3.15
CA GLY A 155 -9.48 5.20 -4.06
C GLY A 155 -9.07 5.59 -5.48
N VAL A 156 -7.76 5.60 -5.71
CA VAL A 156 -7.23 5.95 -7.01
C VAL A 156 -6.59 4.71 -7.65
N LEU A 157 -6.56 4.72 -8.98
CA LEU A 157 -5.98 3.61 -9.71
C LEU A 157 -4.51 3.47 -9.36
N CYS A 158 -4.06 2.22 -9.30
CA CYS A 158 -2.67 1.95 -8.97
C CYS A 158 -2.22 0.73 -9.78
N GLY A 159 -2.82 -0.41 -9.46
CA GLY A 159 -2.49 -1.64 -10.14
C GLY A 159 -3.14 -2.85 -9.45
N MET A 160 -3.29 -3.91 -10.21
CA MET A 160 -3.90 -5.13 -9.70
C MET A 160 -2.92 -6.30 -9.75
N ILE A 161 -3.06 -7.21 -8.79
CA ILE A 161 -2.20 -8.37 -8.72
C ILE A 161 -3.00 -9.62 -9.11
N ALA A 162 -2.39 -10.43 -9.96
CA ALA A 162 -3.03 -11.65 -10.42
C ALA A 162 -2.16 -12.85 -10.05
N ILE A 163 -2.72 -13.72 -9.21
CA ILE A 163 -2.00 -14.91 -8.78
C ILE A 163 -2.64 -16.14 -9.41
N ALA A 164 -1.79 -16.98 -9.99
CA ALA A 164 -2.25 -18.19 -10.63
C ALA A 164 -1.28 -19.33 -10.32
N ASP A 165 -1.76 -20.27 -9.52
CA ASP A 165 -0.94 -21.41 -9.14
C ASP A 165 0.40 -20.92 -8.59
N ALA A 1 -8.58 -27.14 4.23
CA ALA A 1 -7.32 -26.66 3.68
C ALA A 1 -6.19 -27.62 4.06
N GLY A 2 -5.07 -27.46 3.39
CA GLY A 2 -3.91 -28.30 3.65
C GLY A 2 -2.66 -27.45 3.91
N HIS A 3 -1.52 -28.00 3.52
CA HIS A 3 -0.26 -27.30 3.71
C HIS A 3 0.33 -26.92 2.36
N MET A 4 -0.27 -25.91 1.75
CA MET A 4 0.19 -25.43 0.45
C MET A 4 -0.09 -23.93 0.29
N VAL A 5 0.97 -23.20 0.00
CA VAL A 5 0.85 -21.76 -0.19
C VAL A 5 0.93 -21.43 -1.68
N PRO A 6 -0.07 -20.65 -2.15
CA PRO A 6 -0.11 -20.26 -3.55
C PRO A 6 0.92 -19.18 -3.86
N ARG A 7 1.08 -18.89 -5.14
CA ARG A 7 2.02 -17.88 -5.58
C ARG A 7 1.39 -16.98 -6.64
N VAL A 8 2.03 -15.84 -6.86
CA VAL A 8 1.53 -14.89 -7.84
C VAL A 8 1.72 -15.47 -9.25
N MET A 9 0.71 -15.29 -10.07
CA MET A 9 0.75 -15.79 -11.43
C MET A 9 1.07 -14.67 -12.42
N ARG A 10 0.45 -13.52 -12.19
CA ARG A 10 0.66 -12.37 -13.05
C ARG A 10 0.14 -11.10 -12.38
N VAL A 11 0.67 -9.98 -12.81
CA VAL A 11 0.26 -8.68 -12.26
C VAL A 11 -0.07 -7.73 -13.41
N LEU A 12 -1.17 -7.00 -13.22
CA LEU A 12 -1.61 -6.05 -14.23
C LEU A 12 -1.54 -4.64 -13.65
N LEU A 13 -1.08 -3.72 -14.48
CA LEU A 13 -0.96 -2.33 -14.07
C LEU A 13 -2.34 -1.66 -14.14
N LEU A 14 -2.63 -0.89 -13.11
CA LEU A 14 -3.90 -0.18 -13.04
C LEU A 14 -3.70 1.18 -12.37
N GLY A 15 -2.47 1.66 -12.43
CA GLY A 15 -2.13 2.93 -11.84
C GLY A 15 -1.54 3.89 -12.88
N ASP A 16 -2.27 4.96 -13.13
CA ASP A 16 -1.84 5.96 -14.10
C ASP A 16 -0.46 6.50 -13.69
N VAL A 17 0.36 6.74 -14.69
CA VAL A 17 1.70 7.25 -14.45
C VAL A 17 1.96 8.44 -15.37
N ALA A 18 0.88 9.14 -15.69
CA ALA A 18 0.97 10.31 -16.56
C ALA A 18 1.15 11.56 -15.71
N THR A 19 0.85 11.41 -14.43
CA THR A 19 0.97 12.53 -13.50
C THR A 19 1.73 12.10 -12.25
N LEU A 20 1.49 10.86 -11.85
CA LEU A 20 2.15 10.31 -10.67
C LEU A 20 3.33 9.44 -11.10
N PRO A 21 4.39 9.45 -10.26
CA PRO A 21 5.58 8.67 -10.55
C PRO A 21 5.34 7.18 -10.27
N LEU A 22 5.77 6.36 -11.21
CA LEU A 22 5.60 4.92 -11.08
C LEU A 22 6.65 4.37 -10.10
N ARG A 23 7.82 4.99 -10.14
CA ARG A 23 8.91 4.58 -9.27
C ARG A 23 8.54 4.84 -7.81
N LYS A 24 8.00 6.03 -7.57
CA LYS A 24 7.61 6.42 -6.24
C LYS A 24 6.42 5.56 -5.78
N VAL A 25 5.41 5.50 -6.64
CA VAL A 25 4.22 4.72 -6.35
C VAL A 25 4.62 3.27 -6.10
N LEU A 26 5.54 2.79 -6.92
CA LEU A 26 6.01 1.42 -6.80
C LEU A 26 6.74 1.25 -5.47
N ALA A 27 7.42 2.31 -5.07
CA ALA A 27 8.17 2.29 -3.82
C ALA A 27 7.19 2.08 -2.65
N VAL A 28 6.10 2.84 -2.70
CA VAL A 28 5.09 2.76 -1.67
C VAL A 28 4.39 1.40 -1.75
N VAL A 29 4.00 1.05 -2.97
CA VAL A 29 3.32 -0.21 -3.20
C VAL A 29 4.20 -1.36 -2.69
N GLY A 30 5.50 -1.22 -2.91
CA GLY A 30 6.44 -2.23 -2.49
C GLY A 30 6.65 -2.19 -0.97
N THR A 31 6.56 -0.98 -0.43
CA THR A 31 6.72 -0.79 1.01
C THR A 31 5.63 -1.54 1.78
N ALA A 32 4.42 -1.46 1.23
CA ALA A 32 3.28 -2.11 1.85
C ALA A 32 3.23 -3.58 1.40
N GLU A 33 3.43 -3.77 0.11
CA GLU A 33 3.41 -5.11 -0.47
C GLU A 33 4.41 -6.01 0.26
N ALA A 34 5.61 -5.46 0.47
CA ALA A 34 6.65 -6.20 1.15
C ALA A 34 6.37 -6.22 2.66
N SER A 35 5.58 -5.24 3.09
CA SER A 35 5.22 -5.14 4.49
C SER A 35 3.76 -5.50 4.69
N SER A 36 3.26 -6.35 3.79
CA SER A 36 1.88 -6.79 3.85
C SER A 36 1.72 -7.87 4.92
N GLU A 37 2.79 -8.63 5.11
CA GLU A 37 2.80 -9.70 6.10
C GLU A 37 2.04 -10.91 5.55
N HIS A 38 1.93 -10.97 4.23
CA HIS A 38 1.25 -12.07 3.58
C HIS A 38 2.25 -13.19 3.26
N PRO A 39 1.76 -14.45 3.42
CA PRO A 39 2.59 -15.61 3.16
C PRO A 39 2.78 -15.83 1.66
N LEU A 40 3.27 -14.78 1.01
CA LEU A 40 3.51 -14.85 -0.43
C LEU A 40 3.73 -13.44 -0.97
N GLY A 41 2.79 -12.57 -0.66
CA GLY A 41 2.88 -11.18 -1.09
C GLY A 41 4.16 -10.52 -0.61
N VAL A 42 4.56 -10.90 0.60
CA VAL A 42 5.76 -10.36 1.20
C VAL A 42 6.98 -10.78 0.37
N ALA A 43 7.02 -12.08 0.06
CA ALA A 43 8.12 -12.62 -0.73
C ALA A 43 8.05 -12.05 -2.14
N VAL A 44 6.83 -11.83 -2.60
CA VAL A 44 6.61 -11.29 -3.93
C VAL A 44 7.31 -9.93 -4.05
N THR A 45 7.05 -9.09 -3.07
CA THR A 45 7.64 -7.76 -3.04
C THR A 45 9.15 -7.85 -2.80
N LYS A 46 9.50 -8.71 -1.86
CA LYS A 46 10.90 -8.91 -1.51
C LYS A 46 11.69 -9.31 -2.76
N TYR A 47 11.07 -10.18 -3.55
CA TYR A 47 11.70 -10.65 -4.77
C TYR A 47 11.82 -9.53 -5.80
N CYS A 48 10.73 -8.79 -5.94
CA CYS A 48 10.70 -7.68 -6.89
C CYS A 48 11.74 -6.66 -6.46
N LYS A 49 11.89 -6.53 -5.14
CA LYS A 49 12.86 -5.59 -4.59
C LYS A 49 14.27 -6.05 -4.94
N GLU A 50 14.46 -7.36 -4.86
CA GLU A 50 15.77 -7.94 -5.15
C GLU A 50 16.13 -7.69 -6.63
N GLU A 51 15.14 -7.87 -7.48
CA GLU A 51 15.34 -7.68 -8.92
C GLU A 51 15.34 -6.18 -9.24
N LEU A 52 14.73 -5.41 -8.35
CA LEU A 52 14.66 -3.97 -8.54
C LEU A 52 15.95 -3.32 -8.04
N GLY A 53 16.63 -4.05 -7.16
CA GLY A 53 17.89 -3.56 -6.61
C GLY A 53 17.63 -2.52 -5.52
N THR A 54 16.51 -2.69 -4.84
CA THR A 54 16.14 -1.77 -3.77
C THR A 54 15.60 -2.55 -2.56
N GLU A 55 16.25 -2.35 -1.43
CA GLU A 55 15.86 -3.01 -0.20
C GLU A 55 15.09 -2.05 0.71
N THR A 56 14.52 -1.03 0.08
CA THR A 56 13.76 -0.04 0.82
C THR A 56 12.73 -0.71 1.72
N LEU A 57 12.63 -0.21 2.95
CA LEU A 57 11.69 -0.75 3.91
C LEU A 57 11.77 0.07 5.20
N GLY A 58 10.67 0.75 5.50
CA GLY A 58 10.60 1.57 6.70
C GLY A 58 9.35 2.46 6.68
N TYR A 59 8.27 1.89 6.15
CA TYR A 59 7.02 2.62 6.07
C TYR A 59 6.06 2.19 7.19
N CYS A 60 5.08 3.05 7.46
CA CYS A 60 4.11 2.77 8.49
C CYS A 60 2.86 2.16 7.82
N THR A 61 2.62 0.90 8.13
CA THR A 61 1.47 0.20 7.57
C THR A 61 0.29 0.28 8.53
N ASP A 62 -0.91 0.22 7.94
CA ASP A 62 -2.12 0.29 8.73
C ASP A 62 -3.24 -0.48 8.00
N PHE A 63 -3.14 -1.80 8.06
CA PHE A 63 -4.13 -2.64 7.42
C PHE A 63 -5.46 -2.64 8.19
N GLN A 64 -6.54 -2.76 7.44
CA GLN A 64 -7.86 -2.76 8.03
C GLN A 64 -8.87 -3.41 7.08
N ALA A 65 -9.75 -4.22 7.66
CA ALA A 65 -10.76 -4.90 6.87
C ALA A 65 -12.13 -4.30 7.18
N VAL A 66 -12.84 -3.94 6.12
CA VAL A 66 -14.16 -3.36 6.26
C VAL A 66 -15.21 -4.31 5.67
N PRO A 67 -16.21 -4.66 6.53
CA PRO A 67 -17.27 -5.56 6.10
C PRO A 67 -18.26 -4.84 5.18
N GLY A 68 -18.74 -5.57 4.19
CA GLY A 68 -19.68 -5.01 3.24
C GLY A 68 -18.99 -4.09 2.24
N CYS A 69 -17.66 -4.15 2.25
CA CYS A 69 -16.87 -3.33 1.35
C CYS A 69 -15.72 -4.18 0.81
N GLY A 70 -14.74 -4.41 1.66
CA GLY A 70 -13.59 -5.21 1.29
C GLY A 70 -12.45 -5.05 2.30
N ILE A 71 -11.26 -4.83 1.78
CA ILE A 71 -10.09 -4.66 2.62
C ILE A 71 -9.29 -3.45 2.14
N GLY A 72 -8.41 -2.97 3.00
CA GLY A 72 -7.57 -1.84 2.68
C GLY A 72 -6.49 -1.63 3.73
N CYS A 73 -5.40 -0.99 3.31
CA CYS A 73 -4.29 -0.73 4.20
C CYS A 73 -3.71 0.66 3.86
N LYS A 74 -3.11 1.28 4.87
CA LYS A 74 -2.53 2.60 4.68
C LYS A 74 -1.02 2.51 4.90
N VAL A 75 -0.30 3.44 4.29
CA VAL A 75 1.15 3.47 4.41
C VAL A 75 1.61 4.93 4.46
N SER A 76 2.39 5.23 5.49
CA SER A 76 2.90 6.58 5.67
C SER A 76 4.24 6.53 6.40
N ASN A 77 5.18 7.32 5.91
CA ASN A 77 6.50 7.39 6.50
C ASN A 77 7.46 8.09 5.53
N VAL A 78 7.14 7.99 4.25
CA VAL A 78 7.95 8.61 3.22
C VAL A 78 8.33 10.03 3.66
N GLU A 79 7.46 10.61 4.46
CA GLU A 79 7.69 11.96 4.95
C GLU A 79 8.88 11.98 5.90
N GLY A 80 8.90 11.02 6.81
CA GLY A 80 9.98 10.91 7.78
C GLY A 80 11.30 10.57 7.09
N ILE A 81 11.18 9.86 5.98
CA ILE A 81 12.35 9.45 5.22
C ILE A 81 12.93 10.67 4.49
N LEU A 82 12.02 11.50 4.01
CA LEU A 82 12.42 12.70 3.28
C LEU A 82 13.13 13.65 4.25
N ALA A 83 12.60 13.72 5.46
CA ALA A 83 13.16 14.59 6.49
C ALA A 83 13.06 16.05 6.02
N HIS A 84 12.79 16.91 6.98
CA HIS A 84 12.66 18.34 6.70
C HIS A 84 13.14 19.15 7.91
N SER A 85 14.42 19.02 8.20
CA SER A 85 15.01 19.73 9.32
C SER A 85 16.39 20.27 8.93
N GLU A 86 16.58 21.55 9.18
CA GLU A 86 17.84 22.20 8.87
C GLU A 86 18.36 22.99 10.08
N ARG A 87 18.51 22.28 11.18
CA ARG A 87 19.00 22.89 12.40
C ARG A 87 19.60 21.83 13.33
N PRO A 88 20.91 21.55 13.11
CA PRO A 88 21.62 20.57 13.92
C PRO A 88 21.93 21.12 15.30
N LEU A 89 22.17 20.21 16.23
CA LEU A 89 22.48 20.59 17.60
C LEU A 89 23.75 21.45 17.61
N SER A 90 24.85 20.84 17.21
CA SER A 90 26.12 21.54 17.15
C SER A 90 26.29 22.42 18.40
N ALA A 91 26.89 21.83 19.42
CA ALA A 91 27.11 22.54 20.67
C ALA A 91 27.90 21.64 21.63
N PRO A 92 29.17 21.36 21.25
CA PRO A 92 30.03 20.52 22.06
C PRO A 92 30.54 21.28 23.29
N ALA A 93 30.12 20.81 24.45
CA ALA A 93 30.51 21.44 25.70
C ALA A 93 29.92 20.66 26.87
N SER A 94 30.37 21.01 28.06
CA SER A 94 29.89 20.34 29.26
C SER A 94 28.63 21.05 29.78
N HIS A 95 28.78 22.32 30.09
CA HIS A 95 27.67 23.11 30.59
C HIS A 95 26.96 22.34 31.70
N LEU A 96 27.71 22.03 32.75
CA LEU A 96 27.16 21.30 33.88
C LEU A 96 26.08 22.15 34.55
N ASN A 97 26.05 23.42 34.17
CA ASN A 97 25.07 24.34 34.73
C ASN A 97 23.69 23.68 34.70
N GLU A 98 22.81 24.18 35.55
CA GLU A 98 21.45 23.65 35.64
C GLU A 98 20.50 24.52 34.82
N ALA A 99 19.86 23.90 33.84
CA ALA A 99 18.93 24.61 32.99
C ALA A 99 17.79 23.66 32.59
N GLY A 100 16.78 24.22 31.95
CA GLY A 100 15.63 23.44 31.52
C GLY A 100 15.02 24.02 30.24
N SER A 101 13.81 24.54 30.38
CA SER A 101 13.11 25.12 29.26
C SER A 101 12.88 24.07 28.18
N LEU A 102 11.67 24.09 27.63
CA LEU A 102 11.30 23.14 26.59
C LEU A 102 11.07 23.89 25.28
N PRO A 103 11.47 23.23 24.16
CA PRO A 103 11.31 23.81 22.83
C PRO A 103 9.84 23.77 22.39
N ALA A 104 9.58 24.44 21.28
CA ALA A 104 8.24 24.48 20.73
C ALA A 104 8.12 23.46 19.59
N GLU A 105 8.85 23.72 18.53
CA GLU A 105 8.85 22.84 17.37
C GLU A 105 7.41 22.62 16.88
N LYS A 106 7.09 23.29 15.78
CA LYS A 106 5.76 23.18 15.20
C LYS A 106 5.36 21.70 15.13
N ASP A 107 4.06 21.48 15.06
CA ASP A 107 3.52 20.13 15.00
C ASP A 107 2.60 20.01 13.78
N ALA A 108 2.98 19.12 12.87
CA ALA A 108 2.21 18.90 11.67
C ALA A 108 2.10 17.40 11.40
N VAL A 109 1.19 17.05 10.50
CA VAL A 109 0.98 15.65 10.15
C VAL A 109 1.69 15.36 8.82
N PRO A 110 2.37 14.19 8.78
CA PRO A 110 3.09 13.77 7.58
C PRO A 110 2.12 13.29 6.50
N GLN A 111 2.64 13.21 5.29
CA GLN A 111 1.83 12.75 4.16
C GLN A 111 1.56 11.26 4.27
N THR A 112 0.30 10.94 4.54
CA THR A 112 -0.11 9.55 4.67
C THR A 112 -0.94 9.12 3.46
N PHE A 113 -0.60 7.95 2.94
CA PHE A 113 -1.30 7.41 1.78
C PHE A 113 -2.23 6.27 2.19
N SER A 114 -3.40 6.25 1.56
CA SER A 114 -4.39 5.23 1.84
C SER A 114 -4.52 4.29 0.65
N VAL A 115 -4.42 2.99 0.93
CA VAL A 115 -4.53 1.99 -0.11
C VAL A 115 -5.68 1.05 0.21
N LEU A 116 -6.42 0.67 -0.82
CA LEU A 116 -7.55 -0.23 -0.66
C LEU A 116 -7.41 -1.41 -1.63
N ILE A 117 -7.92 -2.55 -1.20
CA ILE A 117 -7.85 -3.75 -2.01
C ILE A 117 -9.16 -4.54 -1.87
N GLY A 118 -9.44 -5.35 -2.87
CA GLY A 118 -10.65 -6.17 -2.85
C GLY A 118 -11.00 -6.63 -4.26
N ASN A 119 -12.15 -7.28 -4.36
CA ASN A 119 -12.63 -7.78 -5.65
C ASN A 119 -13.01 -6.60 -6.54
N ARG A 120 -12.91 -6.83 -7.84
CA ARG A 120 -13.24 -5.81 -8.81
C ARG A 120 -14.56 -5.12 -8.44
N GLU A 121 -15.45 -5.93 -7.88
CA GLU A 121 -16.75 -5.42 -7.47
C GLU A 121 -16.60 -4.48 -6.27
N TRP A 122 -15.65 -4.82 -5.41
CA TRP A 122 -15.40 -4.03 -4.21
C TRP A 122 -14.99 -2.63 -4.66
N LEU A 123 -13.99 -2.58 -5.53
CA LEU A 123 -13.49 -1.32 -6.03
C LEU A 123 -14.59 -0.65 -6.86
N ARG A 124 -15.27 -1.46 -7.65
CA ARG A 124 -16.34 -0.96 -8.51
C ARG A 124 -17.38 -0.21 -7.66
N ARG A 125 -17.77 -0.85 -6.57
CA ARG A 125 -18.75 -0.27 -5.68
C ARG A 125 -18.15 0.92 -4.92
N ASN A 126 -16.82 0.87 -4.79
CA ASN A 126 -16.11 1.93 -4.10
C ASN A 126 -16.31 3.26 -4.84
N GLY A 127 -16.08 3.20 -6.14
CA GLY A 127 -16.23 4.38 -6.98
C GLY A 127 -15.57 4.18 -8.34
N LEU A 128 -16.02 3.14 -9.03
CA LEU A 128 -15.48 2.82 -10.35
C LEU A 128 -16.62 2.78 -11.37
N THR A 129 -16.33 2.14 -12.49
CA THR A 129 -17.32 2.01 -13.55
C THR A 129 -17.79 0.56 -13.66
N ILE A 130 -18.67 0.33 -14.63
CA ILE A 130 -19.20 -1.00 -14.85
C ILE A 130 -20.02 -1.43 -13.63
N SER A 131 -20.85 -2.44 -13.84
CA SER A 131 -21.69 -2.95 -12.77
C SER A 131 -20.85 -3.79 -11.81
N SER A 132 -21.18 -3.65 -10.53
CA SER A 132 -20.46 -4.38 -9.49
C SER A 132 -20.78 -5.88 -9.60
N ASP A 133 -22.01 -6.16 -10.00
CA ASP A 133 -22.46 -7.54 -10.13
C ASP A 133 -21.77 -8.15 -11.36
N VAL A 134 -21.65 -7.35 -12.40
CA VAL A 134 -21.03 -7.81 -13.63
C VAL A 134 -19.57 -8.18 -13.35
N SER A 135 -18.86 -7.24 -12.74
CA SER A 135 -17.46 -7.46 -12.40
C SER A 135 -17.34 -8.48 -11.27
N ASP A 136 -18.33 -8.45 -10.38
CA ASP A 136 -18.35 -9.37 -9.26
C ASP A 136 -18.47 -10.80 -9.77
N ALA A 137 -19.33 -10.98 -10.76
CA ALA A 137 -19.56 -12.28 -11.35
C ALA A 137 -18.29 -12.73 -12.08
N MET A 138 -17.70 -11.78 -12.81
CA MET A 138 -16.49 -12.05 -13.55
C MET A 138 -15.36 -12.52 -12.63
N THR A 139 -15.14 -11.72 -11.59
CA THR A 139 -14.10 -12.04 -10.63
C THR A 139 -14.45 -13.32 -9.85
N ASP A 140 -15.73 -13.41 -9.50
CA ASP A 140 -16.21 -14.57 -8.76
C ASP A 140 -15.91 -15.84 -9.55
N HIS A 141 -16.22 -15.79 -10.84
CA HIS A 141 -15.98 -16.93 -11.71
C HIS A 141 -14.50 -17.28 -11.72
N GLU A 142 -13.68 -16.24 -11.81
CA GLU A 142 -12.24 -16.41 -11.82
C GLU A 142 -11.78 -17.16 -10.57
N MET A 143 -12.45 -16.85 -9.47
CA MET A 143 -12.12 -17.48 -8.20
C MET A 143 -12.38 -18.98 -8.25
N LYS A 144 -13.03 -19.40 -9.32
CA LYS A 144 -13.34 -20.82 -9.50
C LYS A 144 -12.13 -21.52 -10.14
N GLY A 145 -11.04 -20.78 -10.23
CA GLY A 145 -9.82 -21.32 -10.82
C GLY A 145 -8.59 -20.58 -10.29
N GLN A 146 -8.61 -19.27 -10.45
CA GLN A 146 -7.51 -18.44 -9.99
C GLN A 146 -8.02 -17.33 -9.07
N THR A 147 -7.10 -16.80 -8.27
CA THR A 147 -7.45 -15.73 -7.35
C THR A 147 -7.15 -14.37 -7.96
N ALA A 148 -8.20 -13.56 -8.08
CA ALA A 148 -8.07 -12.24 -8.64
C ALA A 148 -8.31 -11.19 -7.55
N ILE A 149 -7.36 -10.28 -7.44
CA ILE A 149 -7.46 -9.21 -6.45
C ILE A 149 -7.01 -7.89 -7.07
N LEU A 150 -7.84 -6.87 -6.89
CA LEU A 150 -7.54 -5.56 -7.43
C LEU A 150 -7.01 -4.67 -6.30
N VAL A 151 -6.01 -3.87 -6.65
CA VAL A 151 -5.41 -2.97 -5.68
C VAL A 151 -5.59 -1.52 -6.15
N ALA A 152 -6.28 -0.74 -5.33
CA ALA A 152 -6.53 0.65 -5.65
C ALA A 152 -5.88 1.54 -4.59
N ILE A 153 -5.47 2.73 -5.03
CA ILE A 153 -4.82 3.68 -4.13
C ILE A 153 -5.78 4.85 -3.89
N ASP A 154 -6.19 4.98 -2.63
CA ASP A 154 -7.10 6.06 -2.26
C ASP A 154 -8.36 5.98 -3.10
N GLY A 155 -8.80 4.76 -3.34
CA GLY A 155 -10.00 4.53 -4.13
C GLY A 155 -9.74 4.82 -5.60
N VAL A 156 -8.46 4.91 -5.94
CA VAL A 156 -8.07 5.18 -7.32
C VAL A 156 -7.29 3.99 -7.86
N LEU A 157 -7.32 3.86 -9.18
CA LEU A 157 -6.62 2.77 -9.84
C LEU A 157 -5.12 2.86 -9.52
N CYS A 158 -4.51 1.69 -9.40
CA CYS A 158 -3.09 1.63 -9.09
C CYS A 158 -2.50 0.39 -9.78
N GLY A 159 -3.07 -0.75 -9.43
CA GLY A 159 -2.62 -2.01 -10.00
C GLY A 159 -3.42 -3.19 -9.43
N MET A 160 -3.44 -4.27 -10.19
CA MET A 160 -4.17 -5.47 -9.78
C MET A 160 -3.23 -6.67 -9.68
N ILE A 161 -3.49 -7.51 -8.69
CA ILE A 161 -2.69 -8.70 -8.47
C ILE A 161 -3.49 -9.94 -8.85
N ALA A 162 -2.83 -10.83 -9.57
CA ALA A 162 -3.48 -12.06 -10.01
C ALA A 162 -2.64 -13.26 -9.55
N ILE A 163 -3.29 -14.12 -8.78
CA ILE A 163 -2.62 -15.32 -8.28
C ILE A 163 -3.30 -16.56 -8.83
N ALA A 164 -2.50 -17.55 -9.16
CA ALA A 164 -3.01 -18.80 -9.70
C ALA A 164 -2.50 -19.97 -8.85
N ASP A 165 -3.40 -20.49 -8.02
CA ASP A 165 -3.05 -21.61 -7.16
C ASP A 165 -2.32 -22.67 -7.98
N ALA A 1 -11.48 -27.25 1.91
CA ALA A 1 -10.47 -27.32 2.96
C ALA A 1 -9.13 -27.66 2.34
N GLY A 2 -8.07 -27.15 2.95
CA GLY A 2 -6.73 -27.40 2.47
C GLY A 2 -5.70 -26.60 3.28
N HIS A 3 -4.46 -27.06 3.23
CA HIS A 3 -3.38 -26.40 3.95
C HIS A 3 -2.21 -26.17 3.00
N MET A 4 -2.21 -24.98 2.39
CA MET A 4 -1.16 -24.62 1.46
C MET A 4 -1.39 -23.21 0.90
N VAL A 5 -0.39 -22.36 1.07
CA VAL A 5 -0.47 -20.99 0.59
C VAL A 5 0.09 -20.93 -0.84
N PRO A 6 -0.75 -20.39 -1.75
CA PRO A 6 -0.35 -20.26 -3.14
C PRO A 6 0.65 -19.12 -3.33
N ARG A 7 0.93 -18.81 -4.58
CA ARG A 7 1.86 -17.76 -4.91
C ARG A 7 1.32 -16.90 -6.05
N VAL A 8 1.90 -15.72 -6.20
CA VAL A 8 1.48 -14.80 -7.24
C VAL A 8 1.87 -15.38 -8.61
N MET A 9 0.93 -15.27 -9.54
CA MET A 9 1.16 -15.79 -10.88
C MET A 9 1.69 -14.68 -11.80
N ARG A 10 1.07 -13.51 -11.70
CA ARG A 10 1.46 -12.38 -12.51
C ARG A 10 0.80 -11.10 -12.00
N VAL A 11 1.42 -9.97 -12.32
CA VAL A 11 0.90 -8.69 -11.91
C VAL A 11 0.69 -7.80 -13.14
N LEU A 12 -0.43 -7.09 -13.13
CA LEU A 12 -0.76 -6.21 -14.23
C LEU A 12 -0.85 -4.76 -13.72
N LEU A 13 -0.54 -3.84 -14.61
CA LEU A 13 -0.58 -2.43 -14.25
C LEU A 13 -2.04 -1.95 -14.28
N LEU A 14 -2.38 -1.19 -13.24
CA LEU A 14 -3.74 -0.66 -13.13
C LEU A 14 -3.68 0.74 -12.54
N GLY A 15 -2.54 1.38 -12.72
CA GLY A 15 -2.34 2.73 -12.20
C GLY A 15 -1.74 3.64 -13.28
N ASP A 16 -2.50 4.68 -13.62
CA ASP A 16 -2.07 5.63 -14.62
C ASP A 16 -1.13 6.66 -13.96
N VAL A 17 -0.12 7.06 -14.73
CA VAL A 17 0.84 8.04 -14.23
C VAL A 17 0.36 9.45 -14.61
N ALA A 18 -0.95 9.58 -14.76
CA ALA A 18 -1.53 10.85 -15.12
C ALA A 18 -1.96 11.59 -13.84
N THR A 19 -1.82 10.89 -12.73
CA THR A 19 -2.18 11.46 -11.44
C THR A 19 -0.95 11.59 -10.54
N LEU A 20 -0.06 10.62 -10.67
CA LEU A 20 1.16 10.61 -9.90
C LEU A 20 2.18 9.69 -10.56
N PRO A 21 3.43 9.72 -10.00
CA PRO A 21 4.50 8.89 -10.53
C PRO A 21 4.31 7.43 -10.12
N LEU A 22 4.47 6.55 -11.11
CA LEU A 22 4.32 5.13 -10.86
C LEU A 22 5.51 4.63 -10.04
N ARG A 23 6.63 5.33 -10.18
CA ARG A 23 7.83 4.97 -9.46
C ARG A 23 7.62 5.11 -7.95
N LYS A 24 7.05 6.24 -7.57
CA LYS A 24 6.77 6.50 -6.17
C LYS A 24 5.62 5.61 -5.70
N VAL A 25 4.67 5.40 -6.59
CA VAL A 25 3.52 4.58 -6.28
C VAL A 25 3.98 3.16 -5.99
N LEU A 26 4.86 2.66 -6.85
CA LEU A 26 5.39 1.31 -6.70
C LEU A 26 6.22 1.25 -5.41
N ALA A 27 6.91 2.34 -5.12
CA ALA A 27 7.74 2.42 -3.94
C ALA A 27 6.87 2.23 -2.70
N VAL A 28 5.75 2.95 -2.68
CA VAL A 28 4.83 2.88 -1.57
C VAL A 28 4.13 1.51 -1.57
N VAL A 29 3.77 1.07 -2.77
CA VAL A 29 3.11 -0.20 -2.93
C VAL A 29 4.01 -1.32 -2.40
N GLY A 30 5.31 -1.16 -2.67
CA GLY A 30 6.29 -2.15 -2.23
C GLY A 30 6.55 -2.02 -0.73
N THR A 31 6.53 -0.77 -0.27
CA THR A 31 6.76 -0.50 1.14
C THR A 31 5.68 -1.15 2.00
N ALA A 32 4.46 -1.09 1.50
CA ALA A 32 3.33 -1.67 2.21
C ALA A 32 3.24 -3.16 1.89
N GLU A 33 3.36 -3.47 0.61
CA GLU A 33 3.30 -4.85 0.15
C GLU A 33 4.33 -5.70 0.90
N ALA A 34 5.53 -5.15 1.01
CA ALA A 34 6.61 -5.85 1.69
C ALA A 34 6.39 -5.76 3.21
N SER A 35 5.62 -4.77 3.60
CA SER A 35 5.32 -4.56 5.01
C SER A 35 3.83 -4.79 5.27
N SER A 36 3.26 -5.71 4.50
CA SER A 36 1.85 -6.03 4.64
C SER A 36 1.66 -7.02 5.79
N GLU A 37 1.41 -8.28 5.41
CA GLU A 37 1.20 -9.32 6.39
C GLU A 37 0.58 -10.55 5.72
N HIS A 38 1.12 -10.90 4.57
CA HIS A 38 0.62 -12.05 3.82
C HIS A 38 1.77 -13.03 3.56
N PRO A 39 1.47 -14.33 3.81
CA PRO A 39 2.47 -15.37 3.60
C PRO A 39 2.67 -15.66 2.12
N LEU A 40 3.00 -14.60 1.39
CA LEU A 40 3.22 -14.73 -0.04
C LEU A 40 3.39 -13.33 -0.65
N GLY A 41 2.45 -12.46 -0.31
CA GLY A 41 2.48 -11.09 -0.82
C GLY A 41 3.72 -10.35 -0.33
N VAL A 42 3.96 -10.47 0.97
CA VAL A 42 5.12 -9.82 1.57
C VAL A 42 6.39 -10.35 0.94
N ALA A 43 6.42 -11.67 0.73
CA ALA A 43 7.57 -12.31 0.14
C ALA A 43 7.69 -11.88 -1.32
N VAL A 44 6.54 -11.69 -1.95
CA VAL A 44 6.50 -11.27 -3.34
C VAL A 44 7.18 -9.90 -3.47
N THR A 45 6.86 -9.03 -2.54
CA THR A 45 7.41 -7.68 -2.53
C THR A 45 8.92 -7.74 -2.26
N LYS A 46 9.28 -8.54 -1.26
CA LYS A 46 10.68 -8.68 -0.90
C LYS A 46 11.48 -9.15 -2.13
N TYR A 47 10.94 -10.16 -2.80
CA TYR A 47 11.60 -10.70 -3.97
C TYR A 47 11.66 -9.65 -5.09
N CYS A 48 10.57 -8.92 -5.24
CA CYS A 48 10.48 -7.88 -6.26
C CYS A 48 11.53 -6.81 -5.94
N LYS A 49 11.70 -6.56 -4.65
CA LYS A 49 12.65 -5.56 -4.20
C LYS A 49 14.06 -6.01 -4.58
N GLU A 50 14.31 -7.29 -4.37
CA GLU A 50 15.62 -7.85 -4.69
C GLU A 50 15.90 -7.74 -6.20
N GLU A 51 14.84 -7.98 -6.97
CA GLU A 51 14.96 -7.92 -8.42
C GLU A 51 14.95 -6.45 -8.89
N LEU A 52 14.40 -5.60 -8.03
CA LEU A 52 14.32 -4.18 -8.35
C LEU A 52 15.65 -3.50 -7.99
N GLY A 53 16.38 -4.15 -7.09
CA GLY A 53 17.67 -3.63 -6.67
C GLY A 53 17.50 -2.61 -5.52
N THR A 54 16.41 -2.79 -4.79
CA THR A 54 16.12 -1.90 -3.67
C THR A 54 15.63 -2.71 -2.47
N GLU A 55 16.35 -2.56 -1.36
CA GLU A 55 15.99 -3.27 -0.14
C GLU A 55 15.46 -2.28 0.91
N THR A 56 14.96 -1.16 0.41
CA THR A 56 14.43 -0.14 1.29
C THR A 56 13.17 -0.66 2.01
N LEU A 57 12.96 -0.14 3.21
CA LEU A 57 11.82 -0.54 4.01
C LEU A 57 11.84 0.20 5.35
N GLY A 58 10.79 0.98 5.57
CA GLY A 58 10.68 1.76 6.80
C GLY A 58 9.45 2.66 6.77
N TYR A 59 8.39 2.15 6.17
CA TYR A 59 7.15 2.90 6.08
C TYR A 59 6.16 2.48 7.16
N CYS A 60 5.20 3.36 7.41
CA CYS A 60 4.20 3.09 8.43
C CYS A 60 2.96 2.54 7.74
N THR A 61 2.66 1.28 8.02
CA THR A 61 1.51 0.63 7.43
C THR A 61 0.31 0.72 8.38
N ASP A 62 -0.87 0.49 7.81
CA ASP A 62 -2.10 0.55 8.59
C ASP A 62 -3.19 -0.25 7.87
N PHE A 63 -3.09 -1.56 7.98
CA PHE A 63 -4.05 -2.44 7.35
C PHE A 63 -5.38 -2.44 8.11
N GLN A 64 -6.39 -3.01 7.47
CA GLN A 64 -7.71 -3.08 8.08
C GLN A 64 -8.69 -3.78 7.13
N ALA A 65 -9.33 -4.81 7.66
CA ALA A 65 -10.29 -5.57 6.87
C ALA A 65 -11.70 -5.04 7.15
N VAL A 66 -12.37 -4.64 6.09
CA VAL A 66 -13.72 -4.10 6.20
C VAL A 66 -14.70 -5.10 5.59
N PRO A 67 -15.69 -5.52 6.43
CA PRO A 67 -16.71 -6.46 5.98
C PRO A 67 -17.72 -5.79 5.05
N GLY A 68 -18.04 -6.48 3.98
CA GLY A 68 -18.98 -5.96 3.01
C GLY A 68 -18.34 -4.90 2.11
N CYS A 69 -17.01 -4.88 2.14
CA CYS A 69 -16.26 -3.93 1.35
C CYS A 69 -15.07 -4.65 0.72
N GLY A 70 -14.11 -4.98 1.57
CA GLY A 70 -12.92 -5.68 1.10
C GLY A 70 -11.76 -5.49 2.10
N ILE A 71 -10.58 -5.28 1.54
CA ILE A 71 -9.39 -5.10 2.35
C ILE A 71 -8.76 -3.75 2.03
N GLY A 72 -8.32 -3.06 3.07
CA GLY A 72 -7.70 -1.75 2.90
C GLY A 72 -6.52 -1.57 3.87
N CYS A 73 -5.58 -0.74 3.47
CA CYS A 73 -4.42 -0.47 4.29
C CYS A 73 -3.84 0.89 3.88
N LYS A 74 -3.11 1.48 4.82
CA LYS A 74 -2.51 2.79 4.57
C LYS A 74 -1.00 2.69 4.80
N VAL A 75 -0.27 3.54 4.10
CA VAL A 75 1.18 3.56 4.22
C VAL A 75 1.69 5.00 4.06
N SER A 76 2.48 5.42 5.04
CA SER A 76 3.01 6.77 5.02
C SER A 76 4.36 6.79 5.76
N ASN A 77 5.31 7.49 5.15
CA ASN A 77 6.65 7.60 5.74
C ASN A 77 7.66 7.86 4.63
N VAL A 78 7.27 8.71 3.69
CA VAL A 78 8.13 9.05 2.58
C VAL A 78 9.10 10.17 3.00
N GLU A 79 8.62 11.00 3.91
CA GLU A 79 9.42 12.11 4.41
C GLU A 79 10.69 11.58 5.08
N GLY A 80 10.51 10.54 5.88
CA GLY A 80 11.63 9.94 6.58
C GLY A 80 12.41 9.00 5.66
N ILE A 81 11.67 8.20 4.91
CA ILE A 81 12.28 7.26 3.98
C ILE A 81 13.16 8.02 3.00
N LEU A 82 12.71 9.21 2.63
CA LEU A 82 13.46 10.04 1.71
C LEU A 82 14.55 10.80 2.46
N ALA A 83 14.20 11.23 3.66
CA ALA A 83 15.13 11.96 4.50
C ALA A 83 15.79 11.00 5.49
N HIS A 84 16.79 10.28 4.99
CA HIS A 84 17.51 9.33 5.82
C HIS A 84 18.08 10.04 7.06
N SER A 85 18.64 9.25 7.95
CA SER A 85 19.23 9.78 9.17
C SER A 85 20.24 10.87 8.83
N GLU A 86 19.99 12.06 9.34
CA GLU A 86 20.88 13.19 9.10
C GLU A 86 20.44 14.40 9.93
N ARG A 87 20.74 14.32 11.22
CA ARG A 87 20.39 15.40 12.12
C ARG A 87 21.56 15.72 13.05
N PRO A 88 22.03 17.00 12.97
CA PRO A 88 23.14 17.45 13.78
C PRO A 88 22.70 17.66 15.24
N LEU A 89 23.67 17.58 16.13
CA LEU A 89 23.40 17.78 17.55
C LEU A 89 22.56 19.03 17.74
N SER A 90 23.23 20.17 17.68
CA SER A 90 22.57 21.45 17.85
C SER A 90 23.42 22.57 17.22
N ALA A 91 24.21 23.20 18.08
CA ALA A 91 25.07 24.29 17.62
C ALA A 91 26.22 24.47 18.61
N PRO A 92 27.38 24.91 18.06
CA PRO A 92 28.56 25.13 18.89
C PRO A 92 28.42 26.40 19.71
N ALA A 93 28.37 26.22 21.02
CA ALA A 93 28.24 27.33 21.94
C ALA A 93 28.35 26.83 23.38
N SER A 94 28.25 27.77 24.31
CA SER A 94 28.34 27.44 25.72
C SER A 94 26.94 27.34 26.32
N HIS A 95 26.38 26.14 26.25
CA HIS A 95 25.05 25.89 26.79
C HIS A 95 24.11 27.03 26.36
N LEU A 96 24.00 27.20 25.05
CA LEU A 96 23.14 28.24 24.50
C LEU A 96 21.69 27.92 24.84
N ASN A 97 21.47 26.70 25.29
CA ASN A 97 20.14 26.26 25.66
C ASN A 97 19.49 27.31 26.57
N GLU A 98 18.36 27.81 26.11
CA GLU A 98 17.63 28.82 26.88
C GLU A 98 18.50 30.05 27.08
N ALA A 99 18.16 31.12 26.37
CA ALA A 99 18.90 32.36 26.47
C ALA A 99 18.12 33.48 25.77
N GLY A 100 16.95 33.77 26.31
CA GLY A 100 16.10 34.80 25.74
C GLY A 100 14.70 34.25 25.43
N SER A 101 14.66 33.33 24.49
CA SER A 101 13.40 32.71 24.08
C SER A 101 13.65 31.32 23.52
N LEU A 102 12.59 30.53 23.47
CA LEU A 102 12.68 29.17 22.95
C LEU A 102 12.66 29.22 21.42
N PRO A 103 13.33 28.21 20.81
CA PRO A 103 13.39 28.12 19.36
C PRO A 103 12.07 27.61 18.79
N ALA A 104 12.04 27.45 17.48
CA ALA A 104 10.85 26.96 16.80
C ALA A 104 11.25 26.29 15.48
N GLU A 105 10.36 25.44 15.01
CA GLU A 105 10.61 24.73 13.76
C GLU A 105 9.29 24.42 13.06
N LYS A 106 8.45 23.65 13.74
CA LYS A 106 7.16 23.28 13.18
C LYS A 106 7.37 22.35 11.98
N ASP A 107 6.57 21.29 11.95
CA ASP A 107 6.66 20.32 10.88
C ASP A 107 5.26 20.07 10.31
N ALA A 108 5.13 20.27 9.01
CA ALA A 108 3.85 20.06 8.34
C ALA A 108 3.68 18.57 8.04
N VAL A 109 2.62 18.01 8.60
CA VAL A 109 2.33 16.60 8.40
C VAL A 109 2.70 16.20 6.97
N PRO A 110 3.37 15.02 6.84
CA PRO A 110 3.77 14.53 5.55
C PRO A 110 2.58 13.97 4.76
N GLN A 111 2.87 13.56 3.54
CA GLN A 111 1.83 13.00 2.68
C GLN A 111 1.62 11.52 2.99
N THR A 112 0.38 11.16 3.23
CA THR A 112 0.04 9.78 3.52
C THR A 112 -0.72 9.15 2.35
N PHE A 113 -0.30 7.94 2.01
CA PHE A 113 -0.92 7.21 0.91
C PHE A 113 -1.73 6.02 1.43
N SER A 114 -2.87 5.80 0.78
CA SER A 114 -3.74 4.70 1.16
C SER A 114 -3.83 3.69 0.03
N VAL A 115 -3.60 2.43 0.38
CA VAL A 115 -3.66 1.36 -0.62
C VAL A 115 -4.77 0.38 -0.23
N LEU A 116 -5.72 0.22 -1.13
CA LEU A 116 -6.83 -0.68 -0.89
C LEU A 116 -6.77 -1.82 -1.91
N ILE A 117 -7.29 -2.98 -1.48
CA ILE A 117 -7.30 -4.15 -2.34
C ILE A 117 -8.61 -4.91 -2.14
N GLY A 118 -8.98 -5.66 -3.17
CA GLY A 118 -10.22 -6.43 -3.11
C GLY A 118 -10.63 -6.90 -4.51
N ASN A 119 -11.80 -7.53 -4.56
CA ASN A 119 -12.32 -8.02 -5.83
C ASN A 119 -12.80 -6.84 -6.68
N ARG A 120 -12.90 -7.09 -7.97
CA ARG A 120 -13.36 -6.05 -8.89
C ARG A 120 -14.61 -5.37 -8.36
N GLU A 121 -15.44 -6.17 -7.69
CA GLU A 121 -16.67 -5.65 -7.12
C GLU A 121 -16.36 -4.73 -5.93
N TRP A 122 -15.33 -5.11 -5.19
CA TRP A 122 -14.92 -4.33 -4.03
C TRP A 122 -14.59 -2.91 -4.50
N LEU A 123 -13.69 -2.85 -5.47
CA LEU A 123 -13.28 -1.56 -6.02
C LEU A 123 -14.49 -0.85 -6.60
N ARG A 124 -15.35 -1.63 -7.24
CA ARG A 124 -16.56 -1.08 -7.85
C ARG A 124 -17.40 -0.35 -6.79
N ARG A 125 -17.64 -1.03 -5.69
CA ARG A 125 -18.42 -0.45 -4.61
C ARG A 125 -17.65 0.70 -3.97
N ASN A 126 -16.34 0.66 -4.09
CA ASN A 126 -15.49 1.70 -3.54
C ASN A 126 -15.70 3.00 -4.32
N GLY A 127 -15.84 2.84 -5.62
CA GLY A 127 -16.05 3.99 -6.49
C GLY A 127 -15.42 3.77 -7.87
N LEU A 128 -15.91 2.73 -8.55
CA LEU A 128 -15.40 2.41 -9.87
C LEU A 128 -16.55 2.48 -10.89
N THR A 129 -16.30 1.91 -12.05
CA THR A 129 -17.29 1.92 -13.12
C THR A 129 -17.77 0.48 -13.40
N ILE A 130 -18.47 0.35 -14.51
CA ILE A 130 -18.99 -0.96 -14.92
C ILE A 130 -20.07 -1.39 -13.92
N SER A 131 -20.91 -2.31 -14.38
CA SER A 131 -21.99 -2.83 -13.55
C SER A 131 -21.41 -3.66 -12.41
N SER A 132 -22.07 -3.57 -11.26
CA SER A 132 -21.63 -4.31 -10.09
C SER A 132 -21.82 -5.81 -10.33
N ASP A 133 -22.88 -6.14 -11.05
CA ASP A 133 -23.18 -7.53 -11.35
C ASP A 133 -22.17 -8.05 -12.38
N VAL A 134 -21.85 -7.19 -13.33
CA VAL A 134 -20.91 -7.54 -14.37
C VAL A 134 -19.52 -7.75 -13.75
N SER A 135 -19.12 -6.78 -12.95
CA SER A 135 -17.83 -6.84 -12.30
C SER A 135 -17.83 -7.94 -11.24
N ASP A 136 -18.97 -8.07 -10.58
CA ASP A 136 -19.11 -9.09 -9.54
C ASP A 136 -19.03 -10.47 -10.18
N ALA A 137 -19.64 -10.60 -11.34
CA ALA A 137 -19.65 -11.86 -12.06
C ALA A 137 -18.23 -12.15 -12.58
N MET A 138 -17.59 -11.09 -13.07
CA MET A 138 -16.24 -11.22 -13.60
C MET A 138 -15.26 -11.63 -12.51
N THR A 139 -15.32 -10.93 -11.39
CA THR A 139 -14.45 -11.21 -10.27
C THR A 139 -14.68 -12.64 -9.77
N ASP A 140 -15.96 -12.99 -9.66
CA ASP A 140 -16.32 -14.32 -9.19
C ASP A 140 -15.83 -15.36 -10.19
N HIS A 141 -15.98 -15.03 -11.46
CA HIS A 141 -15.56 -15.93 -12.53
C HIS A 141 -14.10 -16.31 -12.33
N GLU A 142 -13.29 -15.28 -12.10
CA GLU A 142 -11.86 -15.49 -11.89
C GLU A 142 -11.63 -16.44 -10.72
N MET A 143 -12.34 -16.18 -9.63
CA MET A 143 -12.21 -17.00 -8.44
C MET A 143 -12.68 -18.43 -8.72
N LYS A 144 -13.28 -18.61 -9.88
CA LYS A 144 -13.78 -19.91 -10.27
C LYS A 144 -12.66 -20.71 -10.95
N GLY A 145 -11.46 -20.17 -10.85
CA GLY A 145 -10.29 -20.80 -11.45
C GLY A 145 -9.00 -20.32 -10.78
N GLN A 146 -8.80 -19.00 -10.83
CA GLN A 146 -7.62 -18.40 -10.25
C GLN A 146 -8.02 -17.30 -9.26
N THR A 147 -7.01 -16.76 -8.59
CA THR A 147 -7.24 -15.69 -7.63
C THR A 147 -7.01 -14.33 -8.27
N ALA A 148 -8.07 -13.53 -8.28
CA ALA A 148 -7.99 -12.20 -8.86
C ALA A 148 -8.18 -11.15 -7.76
N ILE A 149 -7.23 -10.22 -7.70
CA ILE A 149 -7.28 -9.17 -6.71
C ILE A 149 -6.74 -7.87 -7.31
N LEU A 150 -7.52 -6.81 -7.13
CA LEU A 150 -7.13 -5.51 -7.66
C LEU A 150 -6.71 -4.60 -6.50
N VAL A 151 -5.71 -3.78 -6.77
CA VAL A 151 -5.20 -2.85 -5.77
C VAL A 151 -5.36 -1.42 -6.27
N ALA A 152 -6.07 -0.62 -5.48
CA ALA A 152 -6.31 0.77 -5.83
C ALA A 152 -5.64 1.67 -4.78
N ILE A 153 -5.24 2.84 -5.25
CA ILE A 153 -4.60 3.81 -4.35
C ILE A 153 -5.56 4.98 -4.11
N ASP A 154 -5.98 5.10 -2.87
CA ASP A 154 -6.90 6.16 -2.48
C ASP A 154 -8.15 6.10 -3.37
N GLY A 155 -8.59 4.88 -3.62
CA GLY A 155 -9.77 4.67 -4.44
C GLY A 155 -9.47 4.95 -5.92
N VAL A 156 -8.18 5.01 -6.22
CA VAL A 156 -7.75 5.26 -7.59
C VAL A 156 -6.98 4.05 -8.12
N LEU A 157 -6.99 3.92 -9.43
CA LEU A 157 -6.30 2.81 -10.07
C LEU A 157 -4.81 2.86 -9.72
N CYS A 158 -4.24 1.67 -9.54
CA CYS A 158 -2.83 1.57 -9.20
C CYS A 158 -2.26 0.33 -9.89
N GLY A 159 -2.73 -0.83 -9.46
CA GLY A 159 -2.27 -2.08 -10.02
C GLY A 159 -3.13 -3.25 -9.54
N MET A 160 -3.07 -4.34 -10.29
CA MET A 160 -3.83 -5.53 -9.94
C MET A 160 -2.92 -6.75 -9.81
N ILE A 161 -3.23 -7.57 -8.82
CA ILE A 161 -2.46 -8.78 -8.58
C ILE A 161 -3.29 -10.00 -8.95
N ALA A 162 -2.63 -10.92 -9.66
CA ALA A 162 -3.29 -12.14 -10.09
C ALA A 162 -2.52 -13.35 -9.55
N ILE A 163 -3.21 -14.14 -8.75
CA ILE A 163 -2.62 -15.32 -8.16
C ILE A 163 -3.18 -16.57 -8.85
N ALA A 164 -2.29 -17.53 -9.08
CA ALA A 164 -2.68 -18.76 -9.73
C ALA A 164 -1.95 -19.94 -9.07
N ASP A 165 -2.68 -20.66 -8.25
CA ASP A 165 -2.11 -21.80 -7.54
C ASP A 165 -0.68 -21.48 -7.14
N ALA A 1 -11.14 -29.05 7.42
CA ALA A 1 -10.03 -29.63 6.66
C ALA A 1 -9.58 -28.64 5.59
N GLY A 2 -8.27 -28.44 5.56
CA GLY A 2 -7.68 -27.52 4.59
C GLY A 2 -6.38 -26.92 5.13
N HIS A 3 -5.38 -26.88 4.26
CA HIS A 3 -4.09 -26.34 4.63
C HIS A 3 -3.26 -26.06 3.37
N MET A 4 -3.59 -24.96 2.71
CA MET A 4 -2.89 -24.58 1.49
C MET A 4 -3.00 -23.07 1.25
N VAL A 5 -1.84 -22.46 1.06
CA VAL A 5 -1.79 -21.02 0.83
C VAL A 5 -1.36 -20.77 -0.62
N PRO A 6 -2.13 -19.87 -1.30
CA PRO A 6 -1.84 -19.53 -2.68
C PRO A 6 -0.63 -18.61 -2.78
N ARG A 7 -0.19 -18.39 -4.01
CA ARG A 7 0.96 -17.54 -4.25
C ARG A 7 0.69 -16.60 -5.43
N VAL A 8 1.50 -15.56 -5.51
CA VAL A 8 1.35 -14.58 -6.57
C VAL A 8 1.75 -15.22 -7.91
N MET A 9 0.89 -15.03 -8.90
CA MET A 9 1.14 -15.58 -10.21
C MET A 9 1.68 -14.50 -11.16
N ARG A 10 1.06 -13.34 -11.09
CA ARG A 10 1.47 -12.23 -11.94
C ARG A 10 0.78 -10.93 -11.48
N VAL A 11 1.40 -9.82 -11.83
CA VAL A 11 0.86 -8.52 -11.46
C VAL A 11 0.57 -7.71 -12.73
N LEU A 12 -0.55 -7.01 -12.73
CA LEU A 12 -0.95 -6.20 -13.86
C LEU A 12 -1.08 -4.75 -13.41
N LEU A 13 -0.84 -3.84 -14.36
CA LEU A 13 -0.93 -2.42 -14.07
C LEU A 13 -2.41 -2.02 -14.04
N LEU A 14 -2.72 -1.14 -13.09
CA LEU A 14 -4.09 -0.67 -12.94
C LEU A 14 -4.07 0.80 -12.50
N GLY A 15 -2.96 1.45 -12.81
CA GLY A 15 -2.80 2.85 -12.46
C GLY A 15 -3.42 3.77 -13.52
N ASP A 16 -2.80 4.91 -13.72
CA ASP A 16 -3.28 5.87 -14.70
C ASP A 16 -2.35 7.08 -14.72
N VAL A 17 -2.62 7.98 -15.66
CA VAL A 17 -1.82 9.19 -15.78
C VAL A 17 -2.39 10.28 -14.87
N ALA A 18 -2.69 9.89 -13.65
CA ALA A 18 -3.24 10.81 -12.68
C ALA A 18 -2.11 11.66 -12.09
N THR A 19 -0.92 11.48 -12.66
CA THR A 19 0.23 12.22 -12.20
C THR A 19 0.88 11.52 -11.01
N LEU A 20 0.36 10.33 -10.71
CA LEU A 20 0.87 9.55 -9.60
C LEU A 20 2.14 8.81 -10.04
N PRO A 21 3.15 8.80 -9.12
CA PRO A 21 4.40 8.14 -9.41
C PRO A 21 4.26 6.62 -9.32
N LEU A 22 4.77 5.95 -10.33
CA LEU A 22 4.70 4.49 -10.38
C LEU A 22 5.70 3.91 -9.38
N ARG A 23 6.87 4.53 -9.34
CA ARG A 23 7.92 4.08 -8.43
C ARG A 23 7.46 4.20 -6.98
N LYS A 24 6.77 5.30 -6.69
CA LYS A 24 6.27 5.54 -5.36
C LYS A 24 5.19 4.51 -5.03
N VAL A 25 4.25 4.37 -5.95
CA VAL A 25 3.15 3.42 -5.75
C VAL A 25 3.73 2.02 -5.58
N LEU A 26 4.76 1.73 -6.37
CA LEU A 26 5.41 0.43 -6.30
C LEU A 26 6.05 0.25 -4.92
N ALA A 27 6.55 1.36 -4.39
CA ALA A 27 7.19 1.34 -3.09
C ALA A 27 6.12 1.14 -2.00
N VAL A 28 4.95 1.70 -2.26
CA VAL A 28 3.85 1.59 -1.33
C VAL A 28 3.33 0.15 -1.32
N VAL A 29 3.06 -0.35 -2.52
CA VAL A 29 2.56 -1.71 -2.66
C VAL A 29 3.68 -2.70 -2.31
N GLY A 30 4.90 -2.31 -2.64
CA GLY A 30 6.05 -3.14 -2.37
C GLY A 30 6.31 -3.24 -0.86
N THR A 31 6.33 -2.07 -0.23
CA THR A 31 6.58 -2.01 1.20
C THR A 31 5.50 -2.79 1.96
N ALA A 32 4.28 -2.72 1.44
CA ALA A 32 3.16 -3.41 2.06
C ALA A 32 3.29 -4.91 1.80
N GLU A 33 3.44 -5.24 0.53
CA GLU A 33 3.57 -6.64 0.13
C GLU A 33 4.72 -7.30 0.91
N ALA A 34 5.84 -6.60 0.97
CA ALA A 34 7.00 -7.11 1.68
C ALA A 34 6.65 -7.28 3.16
N SER A 35 5.64 -6.54 3.59
CA SER A 35 5.21 -6.61 4.97
C SER A 35 3.73 -6.98 5.04
N SER A 36 3.32 -7.81 4.09
CA SER A 36 1.94 -8.26 4.04
C SER A 36 1.76 -9.52 4.88
N GLU A 37 0.85 -10.37 4.44
CA GLU A 37 0.57 -11.61 5.13
C GLU A 37 0.83 -12.81 4.21
N HIS A 38 1.17 -12.50 2.97
CA HIS A 38 1.44 -13.54 1.99
C HIS A 38 2.88 -14.02 2.15
N PRO A 39 3.03 -15.37 2.13
CA PRO A 39 4.35 -15.98 2.27
C PRO A 39 5.16 -15.84 0.98
N LEU A 40 4.43 -15.75 -0.13
CA LEU A 40 5.06 -15.61 -1.43
C LEU A 40 5.05 -14.14 -1.84
N GLY A 41 4.06 -13.43 -1.34
CA GLY A 41 3.93 -12.01 -1.65
C GLY A 41 5.10 -11.21 -1.07
N VAL A 42 5.37 -11.44 0.21
CA VAL A 42 6.44 -10.76 0.89
C VAL A 42 7.78 -11.13 0.23
N ALA A 43 7.86 -12.39 -0.17
CA ALA A 43 9.07 -12.89 -0.81
C ALA A 43 9.23 -12.22 -2.17
N VAL A 44 8.09 -11.98 -2.82
CA VAL A 44 8.09 -11.36 -4.13
C VAL A 44 8.68 -9.95 -4.01
N THR A 45 8.28 -9.27 -2.95
CA THR A 45 8.75 -7.91 -2.71
C THR A 45 10.23 -7.93 -2.33
N LYS A 46 10.57 -8.85 -1.44
CA LYS A 46 11.94 -8.98 -0.98
C LYS A 46 12.86 -9.23 -2.18
N TYR A 47 12.44 -10.18 -3.01
CA TYR A 47 13.21 -10.52 -4.20
C TYR A 47 13.33 -9.32 -5.15
N CYS A 48 12.18 -8.74 -5.45
CA CYS A 48 12.14 -7.59 -6.34
C CYS A 48 12.99 -6.48 -5.72
N LYS A 49 13.00 -6.45 -4.40
CA LYS A 49 13.75 -5.44 -3.68
C LYS A 49 15.24 -5.60 -4.01
N GLU A 50 15.69 -6.84 -3.97
CA GLU A 50 17.09 -7.13 -4.26
C GLU A 50 17.42 -6.77 -5.72
N GLU A 51 16.46 -7.05 -6.59
CA GLU A 51 16.63 -6.76 -8.00
C GLU A 51 16.39 -5.27 -8.27
N LEU A 52 15.68 -4.64 -7.34
CA LEU A 52 15.38 -3.22 -7.47
C LEU A 52 16.55 -2.41 -6.92
N GLY A 53 17.32 -3.04 -6.05
CA GLY A 53 18.47 -2.39 -5.46
C GLY A 53 18.04 -1.41 -4.35
N THR A 54 16.88 -1.69 -3.79
CA THR A 54 16.34 -0.84 -2.73
C THR A 54 15.78 -1.71 -1.59
N GLU A 55 16.34 -1.51 -0.42
CA GLU A 55 15.92 -2.26 0.76
C GLU A 55 14.39 -2.31 0.83
N THR A 56 13.78 -1.22 0.39
CA THR A 56 12.33 -1.13 0.40
C THR A 56 11.77 -1.58 1.74
N LEU A 57 10.45 -1.55 1.84
CA LEU A 57 9.78 -1.96 3.07
C LEU A 57 10.07 -0.95 4.16
N GLY A 58 10.85 0.07 3.80
CA GLY A 58 11.21 1.11 4.74
C GLY A 58 9.99 1.97 5.10
N TYR A 59 8.94 1.82 4.30
CA TYR A 59 7.72 2.56 4.53
C TYR A 59 6.87 1.92 5.62
N CYS A 60 5.97 2.71 6.18
CA CYS A 60 5.09 2.22 7.23
C CYS A 60 3.79 1.75 6.58
N THR A 61 3.32 0.58 7.03
CA THR A 61 2.10 0.02 6.50
C THR A 61 1.06 -0.13 7.61
N ASP A 62 -0.19 -0.30 7.20
CA ASP A 62 -1.27 -0.45 8.15
C ASP A 62 -2.51 -1.00 7.42
N PHE A 63 -2.51 -2.32 7.24
CA PHE A 63 -3.61 -2.99 6.57
C PHE A 63 -4.84 -3.05 7.47
N GLN A 64 -5.94 -3.49 6.88
CA GLN A 64 -7.19 -3.61 7.61
C GLN A 64 -8.32 -4.03 6.68
N ALA A 65 -9.30 -4.72 7.25
CA ALA A 65 -10.43 -5.19 6.49
C ALA A 65 -11.69 -4.42 6.90
N VAL A 66 -12.43 -3.96 5.91
CA VAL A 66 -13.65 -3.21 6.15
C VAL A 66 -14.86 -4.04 5.70
N PRO A 67 -15.83 -4.20 6.64
CA PRO A 67 -17.03 -4.96 6.35
C PRO A 67 -17.98 -4.16 5.45
N GLY A 68 -18.62 -4.87 4.54
CA GLY A 68 -19.55 -4.25 3.62
C GLY A 68 -18.83 -3.27 2.68
N CYS A 69 -17.56 -3.56 2.45
CA CYS A 69 -16.74 -2.73 1.58
C CYS A 69 -15.70 -3.62 0.89
N GLY A 70 -14.77 -4.12 1.70
CA GLY A 70 -13.73 -4.98 1.19
C GLY A 70 -12.50 -4.95 2.10
N ILE A 71 -11.36 -4.62 1.49
CA ILE A 71 -10.12 -4.55 2.24
C ILE A 71 -9.42 -3.22 1.94
N GLY A 72 -8.51 -2.85 2.83
CA GLY A 72 -7.77 -1.61 2.66
C GLY A 72 -6.50 -1.61 3.51
N CYS A 73 -5.64 -0.63 3.25
CA CYS A 73 -4.40 -0.51 3.97
C CYS A 73 -3.87 0.92 3.81
N LYS A 74 -2.99 1.30 4.71
CA LYS A 74 -2.41 2.63 4.67
C LYS A 74 -0.88 2.52 4.77
N VAL A 75 -0.21 3.53 4.24
CA VAL A 75 1.24 3.56 4.26
C VAL A 75 1.71 4.99 4.55
N SER A 76 2.77 5.08 5.33
CA SER A 76 3.34 6.38 5.68
C SER A 76 4.83 6.24 5.96
N ASN A 77 5.58 7.21 5.47
CA ASN A 77 7.03 7.21 5.65
C ASN A 77 7.66 8.18 4.64
N VAL A 78 7.11 8.17 3.43
CA VAL A 78 7.61 9.03 2.38
C VAL A 78 7.76 10.45 2.91
N GLU A 79 6.98 10.75 3.95
CA GLU A 79 7.00 12.06 4.56
C GLU A 79 8.37 12.32 5.21
N GLY A 80 8.84 11.31 5.92
CA GLY A 80 10.13 11.41 6.59
C GLY A 80 11.28 11.28 5.60
N ILE A 81 11.00 10.61 4.50
CA ILE A 81 12.00 10.41 3.47
C ILE A 81 12.35 11.76 2.84
N LEU A 82 11.31 12.49 2.46
CA LEU A 82 11.49 13.79 1.86
C LEU A 82 11.95 14.80 2.92
N ALA A 83 11.40 14.63 4.12
CA ALA A 83 11.74 15.50 5.22
C ALA A 83 11.20 16.91 4.95
N HIS A 84 12.06 17.73 4.34
CA HIS A 84 11.68 19.09 4.02
C HIS A 84 11.77 19.96 5.28
N SER A 85 12.76 20.84 5.28
CA SER A 85 12.97 21.74 6.41
C SER A 85 13.55 20.97 7.58
N GLU A 86 13.84 21.70 8.64
CA GLU A 86 14.40 21.10 9.84
C GLU A 86 15.79 20.52 9.54
N ARG A 87 16.67 21.38 9.07
CA ARG A 87 18.02 20.96 8.74
C ARG A 87 18.88 20.90 10.00
N PRO A 88 19.84 19.93 9.99
CA PRO A 88 20.73 19.75 11.12
C PRO A 88 21.78 20.86 11.19
N LEU A 89 21.37 21.98 11.74
CA LEU A 89 22.26 23.13 11.87
C LEU A 89 21.62 24.17 12.79
N SER A 90 20.34 24.38 12.58
CA SER A 90 19.59 25.35 13.37
C SER A 90 19.67 24.97 14.85
N ALA A 91 19.93 25.98 15.67
CA ALA A 91 20.03 25.77 17.11
C ALA A 91 20.40 27.10 17.79
N PRO A 92 19.35 27.85 18.18
CA PRO A 92 19.55 29.13 18.84
C PRO A 92 20.00 28.93 20.29
N ALA A 93 21.18 29.46 20.59
CA ALA A 93 21.73 29.35 21.93
C ALA A 93 21.86 27.87 22.30
N SER A 94 22.63 27.62 23.34
CA SER A 94 22.84 26.26 23.82
C SER A 94 22.71 26.21 25.34
N HIS A 95 23.73 26.72 26.01
CA HIS A 95 23.75 26.74 27.47
C HIS A 95 23.65 28.19 27.95
N LEU A 96 24.21 29.09 27.16
CA LEU A 96 24.19 30.50 27.51
C LEU A 96 22.75 30.99 27.58
N ASN A 97 21.85 30.18 27.04
CA ASN A 97 20.44 30.51 27.03
C ASN A 97 20.06 31.14 28.38
N GLU A 98 19.40 32.29 28.29
CA GLU A 98 18.98 33.00 29.48
C GLU A 98 17.46 33.17 29.49
N ALA A 99 16.97 33.78 28.42
CA ALA A 99 15.54 34.01 28.29
C ALA A 99 15.27 34.75 26.98
N GLY A 100 14.27 34.24 26.25
CA GLY A 100 13.91 34.84 24.98
C GLY A 100 13.97 33.81 23.86
N SER A 101 12.80 33.56 23.27
CA SER A 101 12.71 32.59 22.18
C SER A 101 11.28 32.54 21.65
N LEU A 102 11.15 32.06 20.42
CA LEU A 102 9.85 31.97 19.78
C LEU A 102 9.41 30.49 19.76
N PRO A 103 8.07 30.30 19.70
CA PRO A 103 7.51 28.95 19.68
C PRO A 103 7.69 28.32 18.30
N ALA A 104 7.43 29.11 17.28
CA ALA A 104 7.55 28.64 15.91
C ALA A 104 6.53 27.53 15.66
N GLU A 105 5.42 27.92 15.04
CA GLU A 105 4.36 26.97 14.74
C GLU A 105 4.73 26.12 13.52
N LYS A 106 4.97 26.81 12.41
CA LYS A 106 5.34 26.14 11.18
C LYS A 106 4.18 25.24 10.73
N ASP A 107 4.20 24.88 9.46
CA ASP A 107 3.18 24.02 8.89
C ASP A 107 3.81 23.07 7.88
N ALA A 108 3.59 21.79 8.11
CA ALA A 108 4.13 20.77 7.23
C ALA A 108 3.48 19.42 7.54
N VAL A 109 2.22 19.31 7.15
CA VAL A 109 1.48 18.08 7.39
C VAL A 109 2.21 16.90 6.75
N PRO A 110 2.14 15.73 7.43
CA PRO A 110 2.79 14.53 6.93
C PRO A 110 2.01 13.93 5.76
N GLN A 111 2.75 13.50 4.75
CA GLN A 111 2.15 12.92 3.56
C GLN A 111 1.94 11.41 3.77
N THR A 112 0.67 11.03 3.83
CA THR A 112 0.31 9.64 4.03
C THR A 112 -0.55 9.14 2.87
N PHE A 113 -0.19 7.96 2.37
CA PHE A 113 -0.91 7.37 1.27
C PHE A 113 -1.76 6.18 1.74
N SER A 114 -2.95 6.08 1.16
CA SER A 114 -3.87 5.00 1.51
C SER A 114 -4.17 4.15 0.29
N VAL A 115 -3.99 2.85 0.45
CA VAL A 115 -4.24 1.92 -0.64
C VAL A 115 -5.42 1.01 -0.27
N LEU A 116 -6.27 0.76 -1.26
CA LEU A 116 -7.43 -0.08 -1.05
C LEU A 116 -7.22 -1.42 -1.75
N ILE A 117 -7.68 -2.48 -1.10
CA ILE A 117 -7.55 -3.81 -1.65
C ILE A 117 -8.91 -4.51 -1.62
N GLY A 118 -9.24 -5.14 -2.74
CA GLY A 118 -10.51 -5.84 -2.86
C GLY A 118 -10.74 -6.32 -4.30
N ASN A 119 -11.85 -7.02 -4.48
CA ASN A 119 -12.19 -7.54 -5.79
C ASN A 119 -12.55 -6.38 -6.72
N ARG A 120 -12.82 -6.72 -7.97
CA ARG A 120 -13.17 -5.72 -8.96
C ARG A 120 -14.50 -5.05 -8.59
N GLU A 121 -15.32 -5.81 -7.87
CA GLU A 121 -16.61 -5.30 -7.44
C GLU A 121 -16.44 -4.16 -6.43
N TRP A 122 -15.52 -4.39 -5.50
CA TRP A 122 -15.24 -3.40 -4.48
C TRP A 122 -14.81 -2.10 -5.17
N LEU A 123 -13.80 -2.23 -6.02
CA LEU A 123 -13.30 -1.08 -6.75
C LEU A 123 -14.41 -0.50 -7.62
N ARG A 124 -15.20 -1.39 -8.21
CA ARG A 124 -16.30 -0.96 -9.06
C ARG A 124 -17.25 -0.04 -8.28
N ARG A 125 -17.64 -0.52 -7.11
CA ARG A 125 -18.55 0.25 -6.26
C ARG A 125 -17.81 1.45 -5.65
N ASN A 126 -16.49 1.33 -5.62
CA ASN A 126 -15.66 2.39 -5.06
C ASN A 126 -15.82 3.66 -5.91
N GLY A 127 -15.73 3.48 -7.21
CA GLY A 127 -15.88 4.59 -8.14
C GLY A 127 -15.29 4.24 -9.51
N LEU A 128 -15.80 3.16 -10.08
CA LEU A 128 -15.33 2.71 -11.38
C LEU A 128 -16.53 2.61 -12.33
N THR A 129 -16.31 1.91 -13.43
CA THR A 129 -17.35 1.72 -14.43
C THR A 129 -17.90 0.29 -14.38
N ILE A 130 -18.64 -0.06 -15.41
CA ILE A 130 -19.22 -1.39 -15.50
C ILE A 130 -20.19 -1.59 -14.34
N SER A 131 -21.14 -2.49 -14.55
CA SER A 131 -22.13 -2.79 -13.53
C SER A 131 -21.49 -3.56 -12.38
N SER A 132 -21.97 -3.28 -11.18
CA SER A 132 -21.45 -3.93 -10.00
C SER A 132 -21.76 -5.43 -10.04
N ASP A 133 -22.93 -5.74 -10.57
CA ASP A 133 -23.37 -7.12 -10.67
C ASP A 133 -22.53 -7.83 -11.74
N VAL A 134 -22.33 -7.12 -12.85
CA VAL A 134 -21.56 -7.66 -13.96
C VAL A 134 -20.12 -7.92 -13.50
N SER A 135 -19.55 -6.90 -12.87
CA SER A 135 -18.19 -6.99 -12.38
C SER A 135 -18.12 -7.97 -11.21
N ASP A 136 -19.21 -8.02 -10.45
CA ASP A 136 -19.29 -8.91 -9.31
C ASP A 136 -19.25 -10.36 -9.79
N ALA A 137 -20.01 -10.62 -10.84
CA ALA A 137 -20.07 -11.96 -11.41
C ALA A 137 -18.71 -12.31 -12.02
N MET A 138 -18.10 -11.31 -12.64
CA MET A 138 -16.80 -11.51 -13.26
C MET A 138 -15.74 -11.82 -12.22
N THR A 139 -15.69 -10.98 -11.19
CA THR A 139 -14.72 -11.16 -10.13
C THR A 139 -14.91 -12.52 -9.44
N ASP A 140 -16.17 -12.82 -9.15
CA ASP A 140 -16.51 -14.08 -8.51
C ASP A 140 -16.17 -15.23 -9.45
N HIS A 141 -16.45 -15.02 -10.73
CA HIS A 141 -16.18 -16.04 -11.74
C HIS A 141 -14.73 -16.47 -11.64
N GLU A 142 -13.85 -15.48 -11.55
CA GLU A 142 -12.42 -15.74 -11.46
C GLU A 142 -12.11 -16.57 -10.21
N MET A 143 -12.85 -16.28 -9.14
CA MET A 143 -12.66 -16.99 -7.90
C MET A 143 -13.03 -18.46 -8.04
N LYS A 144 -13.63 -18.78 -9.18
CA LYS A 144 -14.03 -20.15 -9.45
C LYS A 144 -12.90 -20.88 -10.16
N GLY A 145 -11.74 -20.24 -10.16
CA GLY A 145 -10.57 -20.81 -10.81
C GLY A 145 -9.28 -20.22 -10.22
N GLN A 146 -9.19 -18.90 -10.29
CA GLN A 146 -8.02 -18.21 -9.76
C GLN A 146 -8.43 -17.14 -8.75
N THR A 147 -7.45 -16.53 -8.14
CA THR A 147 -7.70 -15.49 -7.16
C THR A 147 -6.81 -14.27 -7.43
N ALA A 148 -7.47 -13.15 -7.70
CA ALA A 148 -6.76 -11.91 -7.98
C ALA A 148 -7.40 -10.77 -7.20
N ILE A 149 -6.56 -9.95 -6.60
CA ILE A 149 -7.03 -8.82 -5.81
C ILE A 149 -6.63 -7.52 -6.52
N LEU A 150 -7.50 -6.52 -6.37
CA LEU A 150 -7.25 -5.23 -6.99
C LEU A 150 -6.68 -4.28 -5.94
N VAL A 151 -5.68 -3.50 -6.37
CA VAL A 151 -5.05 -2.54 -5.48
C VAL A 151 -5.25 -1.13 -6.03
N ALA A 152 -5.89 -0.31 -5.22
CA ALA A 152 -6.16 1.07 -5.60
C ALA A 152 -5.40 2.01 -4.68
N ILE A 153 -5.05 3.17 -5.21
CA ILE A 153 -4.32 4.17 -4.44
C ILE A 153 -5.24 5.35 -4.15
N ASP A 154 -5.60 5.50 -2.88
CA ASP A 154 -6.47 6.58 -2.47
C ASP A 154 -7.77 6.51 -3.26
N GLY A 155 -8.25 5.30 -3.46
CA GLY A 155 -9.48 5.08 -4.20
C GLY A 155 -9.27 5.33 -5.70
N VAL A 156 -8.00 5.38 -6.08
CA VAL A 156 -7.66 5.61 -7.48
C VAL A 156 -6.94 4.38 -8.02
N LEU A 157 -7.04 4.21 -9.34
CA LEU A 157 -6.41 3.09 -10.00
C LEU A 157 -4.90 3.13 -9.75
N CYS A 158 -4.32 1.96 -9.56
CA CYS A 158 -2.90 1.84 -9.32
C CYS A 158 -2.39 0.56 -9.98
N GLY A 159 -2.88 -0.56 -9.47
CA GLY A 159 -2.49 -1.85 -10.00
C GLY A 159 -3.14 -2.99 -9.21
N MET A 160 -3.21 -4.15 -9.85
CA MET A 160 -3.80 -5.31 -9.22
C MET A 160 -2.86 -6.52 -9.28
N ILE A 161 -2.96 -7.35 -8.26
CA ILE A 161 -2.12 -8.54 -8.18
C ILE A 161 -2.97 -9.78 -8.45
N ALA A 162 -2.43 -10.64 -9.30
CA ALA A 162 -3.13 -11.88 -9.66
C ALA A 162 -2.43 -13.06 -8.97
N ILE A 163 -3.25 -13.86 -8.29
CA ILE A 163 -2.74 -15.02 -7.59
C ILE A 163 -3.25 -16.29 -8.27
N ALA A 164 -2.32 -17.19 -8.55
CA ALA A 164 -2.67 -18.45 -9.20
C ALA A 164 -1.87 -19.58 -8.56
N ASP A 165 -2.59 -20.43 -7.83
CA ASP A 165 -1.96 -21.56 -7.17
C ASP A 165 -0.93 -22.18 -8.11
N ALA A 1 -13.24 -25.47 0.72
CA ALA A 1 -12.68 -25.70 2.04
C ALA A 1 -11.20 -26.05 1.90
N GLY A 2 -10.46 -25.80 2.98
CA GLY A 2 -9.04 -26.08 2.99
C GLY A 2 -8.23 -24.81 3.28
N HIS A 3 -6.94 -25.01 3.52
CA HIS A 3 -6.05 -23.89 3.80
C HIS A 3 -4.80 -23.99 2.92
N MET A 4 -4.70 -23.07 1.97
CA MET A 4 -3.57 -23.06 1.07
C MET A 4 -3.65 -21.86 0.12
N VAL A 5 -2.55 -21.12 0.05
CA VAL A 5 -2.48 -19.95 -0.81
C VAL A 5 -1.28 -20.09 -1.75
N PRO A 6 -1.58 -19.99 -3.08
CA PRO A 6 -0.53 -20.10 -4.09
C PRO A 6 0.30 -18.82 -4.15
N ARG A 7 1.07 -18.71 -5.21
CA ARG A 7 1.92 -17.54 -5.40
C ARG A 7 1.37 -16.66 -6.53
N VAL A 8 1.86 -15.44 -6.57
CA VAL A 8 1.43 -14.48 -7.59
C VAL A 8 1.94 -14.95 -8.95
N MET A 9 1.06 -14.85 -9.94
CA MET A 9 1.40 -15.26 -11.29
C MET A 9 1.85 -14.06 -12.13
N ARG A 10 1.12 -12.96 -11.97
CA ARG A 10 1.43 -11.75 -12.70
C ARG A 10 0.64 -10.57 -12.12
N VAL A 11 1.17 -9.37 -12.36
CA VAL A 11 0.53 -8.16 -11.87
C VAL A 11 0.16 -7.27 -13.05
N LEU A 12 -1.03 -6.70 -12.97
CA LEU A 12 -1.52 -5.83 -14.02
C LEU A 12 -1.48 -4.38 -13.54
N LEU A 13 -1.05 -3.50 -14.44
CA LEU A 13 -0.96 -2.08 -14.11
C LEU A 13 -2.35 -1.45 -14.23
N LEU A 14 -2.70 -0.69 -13.19
CA LEU A 14 -4.00 -0.03 -13.16
C LEU A 14 -3.85 1.32 -12.46
N GLY A 15 -2.64 1.85 -12.51
CA GLY A 15 -2.35 3.13 -11.89
C GLY A 15 -1.69 4.09 -12.88
N ASP A 16 -2.39 5.19 -13.16
CA ASP A 16 -1.88 6.19 -14.08
C ASP A 16 -0.70 6.91 -13.44
N VAL A 17 0.46 6.76 -14.07
CA VAL A 17 1.67 7.40 -13.57
C VAL A 17 1.85 8.74 -14.26
N ALA A 18 0.73 9.37 -14.56
CA ALA A 18 0.75 10.67 -15.22
C ALA A 18 0.73 11.78 -14.17
N THR A 19 0.47 11.37 -12.93
CA THR A 19 0.42 12.32 -11.83
C THR A 19 1.34 11.86 -10.69
N LEU A 20 1.39 10.55 -10.50
CA LEU A 20 2.21 9.98 -9.46
C LEU A 20 3.34 9.16 -10.09
N PRO A 21 4.50 9.12 -9.38
CA PRO A 21 5.65 8.38 -9.86
C PRO A 21 5.44 6.87 -9.69
N LEU A 22 5.84 6.13 -10.71
CA LEU A 22 5.71 4.68 -10.69
C LEU A 22 6.76 4.09 -9.74
N ARG A 23 7.96 4.66 -9.81
CA ARG A 23 9.06 4.21 -8.96
C ARG A 23 8.68 4.35 -7.49
N LYS A 24 8.17 5.52 -7.14
CA LYS A 24 7.78 5.80 -5.77
C LYS A 24 6.61 4.87 -5.39
N VAL A 25 5.65 4.77 -6.29
CA VAL A 25 4.50 3.93 -6.06
C VAL A 25 4.96 2.49 -5.82
N LEU A 26 5.94 2.08 -6.60
CA LEU A 26 6.49 0.74 -6.48
C LEU A 26 7.15 0.59 -5.11
N ALA A 27 7.76 1.66 -4.66
CA ALA A 27 8.44 1.66 -3.37
C ALA A 27 7.40 1.54 -2.25
N VAL A 28 6.36 2.36 -2.37
CA VAL A 28 5.29 2.36 -1.39
C VAL A 28 4.63 0.98 -1.35
N VAL A 29 4.35 0.46 -2.54
CA VAL A 29 3.72 -0.83 -2.67
C VAL A 29 4.70 -1.92 -2.19
N GLY A 30 5.97 -1.68 -2.48
CA GLY A 30 7.01 -2.62 -2.08
C GLY A 30 7.07 -2.77 -0.57
N THR A 31 7.05 -1.63 0.11
CA THR A 31 7.12 -1.62 1.56
C THR A 31 5.76 -2.02 2.15
N ALA A 32 4.71 -1.64 1.44
CA ALA A 32 3.35 -1.95 1.88
C ALA A 32 3.21 -3.46 2.05
N GLU A 33 3.55 -4.18 0.99
CA GLU A 33 3.46 -5.63 1.01
C GLU A 33 4.62 -6.22 1.81
N ALA A 34 5.82 -5.70 1.54
CA ALA A 34 7.00 -6.17 2.23
C ALA A 34 6.81 -6.03 3.74
N SER A 35 5.90 -5.13 4.10
CA SER A 35 5.60 -4.88 5.50
C SER A 35 4.18 -5.33 5.82
N SER A 36 3.72 -6.31 5.06
CA SER A 36 2.37 -6.84 5.26
C SER A 36 2.45 -8.19 5.98
N GLU A 37 1.32 -8.57 6.58
CA GLU A 37 1.24 -9.82 7.30
C GLU A 37 0.95 -10.96 6.34
N HIS A 38 1.50 -10.85 5.14
CA HIS A 38 1.31 -11.88 4.12
C HIS A 38 2.64 -12.56 3.83
N PRO A 39 2.65 -13.91 3.99
CA PRO A 39 3.84 -14.69 3.74
C PRO A 39 4.10 -14.83 2.25
N LEU A 40 3.27 -14.16 1.46
CA LEU A 40 3.40 -14.22 0.02
C LEU A 40 3.58 -12.80 -0.52
N GLY A 41 2.75 -11.89 0.00
CA GLY A 41 2.82 -10.51 -0.42
C GLY A 41 4.16 -9.87 -0.05
N VAL A 42 4.64 -10.23 1.14
CA VAL A 42 5.90 -9.71 1.62
C VAL A 42 7.04 -10.24 0.74
N ALA A 43 6.97 -11.54 0.46
CA ALA A 43 7.97 -12.19 -0.36
C ALA A 43 7.90 -11.62 -1.79
N VAL A 44 6.68 -11.33 -2.22
CA VAL A 44 6.47 -10.79 -3.55
C VAL A 44 7.21 -9.46 -3.67
N THR A 45 7.01 -8.61 -2.69
CA THR A 45 7.64 -7.30 -2.67
C THR A 45 9.15 -7.44 -2.44
N LYS A 46 9.48 -8.30 -1.48
CA LYS A 46 10.88 -8.53 -1.14
C LYS A 46 11.63 -8.99 -2.39
N TYR A 47 10.97 -9.86 -3.15
CA TYR A 47 11.57 -10.38 -4.37
C TYR A 47 11.73 -9.27 -5.42
N CYS A 48 10.66 -8.49 -5.58
CA CYS A 48 10.68 -7.40 -6.54
C CYS A 48 11.81 -6.45 -6.17
N LYS A 49 12.01 -6.29 -4.87
CA LYS A 49 13.05 -5.41 -4.38
C LYS A 49 14.42 -6.00 -4.73
N GLU A 50 14.51 -7.32 -4.58
CA GLU A 50 15.76 -8.02 -4.88
C GLU A 50 16.10 -7.88 -6.36
N GLU A 51 15.07 -8.00 -7.18
CA GLU A 51 15.23 -7.89 -8.62
C GLU A 51 15.37 -6.42 -9.04
N LEU A 52 14.88 -5.55 -8.17
CA LEU A 52 14.94 -4.13 -8.44
C LEU A 52 16.31 -3.59 -8.00
N GLY A 53 16.93 -4.32 -7.09
CA GLY A 53 18.23 -3.92 -6.59
C GLY A 53 18.11 -2.82 -5.54
N THR A 54 17.01 -2.87 -4.81
CA THR A 54 16.75 -1.89 -3.76
C THR A 54 16.21 -2.56 -2.51
N GLU A 55 16.92 -2.36 -1.41
CA GLU A 55 16.52 -2.95 -0.14
C GLU A 55 15.76 -1.92 0.69
N THR A 56 15.36 -0.83 0.04
CA THR A 56 14.63 0.21 0.71
C THR A 56 13.40 -0.35 1.41
N LEU A 57 13.07 0.26 2.55
CA LEU A 57 11.93 -0.18 3.33
C LEU A 57 11.99 0.46 4.72
N GLY A 58 10.81 0.56 5.34
CA GLY A 58 10.72 1.15 6.65
C GLY A 58 9.55 2.13 6.74
N TYR A 59 8.47 1.78 6.05
CA TYR A 59 7.29 2.62 6.04
C TYR A 59 6.30 2.18 7.12
N CYS A 60 5.39 3.08 7.44
CA CYS A 60 4.38 2.80 8.45
C CYS A 60 3.11 2.31 7.74
N THR A 61 2.80 1.05 7.98
CA THR A 61 1.62 0.45 7.37
C THR A 61 0.44 0.51 8.34
N ASP A 62 -0.75 0.31 7.78
CA ASP A 62 -1.97 0.34 8.57
C ASP A 62 -3.04 -0.49 7.89
N PHE A 63 -2.88 -1.80 7.97
CA PHE A 63 -3.84 -2.72 7.37
C PHE A 63 -5.10 -2.83 8.20
N GLN A 64 -6.23 -2.75 7.53
CA GLN A 64 -7.53 -2.84 8.19
C GLN A 64 -8.59 -3.35 7.23
N ALA A 65 -9.37 -4.32 7.70
CA ALA A 65 -10.42 -4.90 6.89
C ALA A 65 -11.72 -4.14 7.12
N VAL A 66 -12.33 -3.71 6.03
CA VAL A 66 -13.57 -2.97 6.09
C VAL A 66 -14.70 -3.80 5.48
N PRO A 67 -15.83 -3.89 6.23
CA PRO A 67 -16.98 -4.65 5.77
C PRO A 67 -17.73 -3.90 4.67
N GLY A 68 -18.38 -4.66 3.81
CA GLY A 68 -19.13 -4.08 2.72
C GLY A 68 -18.22 -3.31 1.77
N CYS A 69 -16.94 -3.65 1.82
CA CYS A 69 -15.96 -3.00 0.97
C CYS A 69 -14.91 -4.03 0.58
N GLY A 70 -14.05 -4.36 1.52
CA GLY A 70 -13.01 -5.34 1.29
C GLY A 70 -11.87 -5.19 2.31
N ILE A 71 -10.65 -5.14 1.80
CA ILE A 71 -9.49 -4.99 2.66
C ILE A 71 -8.66 -3.79 2.19
N GLY A 72 -8.23 -3.01 3.17
CA GLY A 72 -7.43 -1.82 2.88
C GLY A 72 -6.20 -1.75 3.78
N CYS A 73 -5.31 -0.83 3.45
CA CYS A 73 -4.09 -0.65 4.22
C CYS A 73 -3.50 0.72 3.87
N LYS A 74 -3.02 1.40 4.90
CA LYS A 74 -2.43 2.71 4.72
C LYS A 74 -0.91 2.61 4.90
N VAL A 75 -0.21 3.53 4.27
CA VAL A 75 1.25 3.57 4.37
C VAL A 75 1.72 5.02 4.44
N SER A 76 2.57 5.29 5.42
CA SER A 76 3.11 6.62 5.61
C SER A 76 4.50 6.55 6.22
N ASN A 77 5.39 7.35 5.67
CA ASN A 77 6.77 7.38 6.15
C ASN A 77 7.67 8.02 5.09
N VAL A 78 7.24 7.88 3.84
CA VAL A 78 7.99 8.42 2.73
C VAL A 78 8.35 9.89 3.03
N GLU A 79 7.54 10.49 3.88
CA GLU A 79 7.76 11.88 4.27
C GLU A 79 9.07 12.01 5.03
N GLY A 80 9.28 11.10 5.98
CA GLY A 80 10.48 11.11 6.78
C GLY A 80 11.68 10.58 5.98
N ILE A 81 11.38 9.65 5.09
CA ILE A 81 12.42 9.05 4.26
C ILE A 81 12.95 10.11 3.29
N LEU A 82 12.06 10.98 2.86
CA LEU A 82 12.42 12.03 1.93
C LEU A 82 12.98 13.22 2.71
N ALA A 83 12.39 13.45 3.88
CA ALA A 83 12.81 14.55 4.73
C ALA A 83 13.31 13.99 6.06
N HIS A 84 14.59 14.24 6.32
CA HIS A 84 15.21 13.78 7.55
C HIS A 84 16.66 14.25 7.62
N SER A 85 17.34 13.82 8.66
CA SER A 85 18.74 14.21 8.85
C SER A 85 19.63 12.97 8.71
N GLU A 86 20.93 13.21 8.85
CA GLU A 86 21.90 12.13 8.74
C GLU A 86 23.01 12.31 9.78
N ARG A 87 22.62 12.20 11.05
CA ARG A 87 23.56 12.34 12.14
C ARG A 87 24.45 11.10 12.24
N PRO A 88 25.79 11.33 12.09
CA PRO A 88 26.74 10.24 12.17
C PRO A 88 26.94 9.79 13.61
N LEU A 89 26.63 8.53 13.86
CA LEU A 89 26.77 7.96 15.19
C LEU A 89 25.75 8.61 16.13
N SER A 90 24.93 7.76 16.73
CA SER A 90 23.91 8.23 17.65
C SER A 90 24.42 8.17 19.09
N ALA A 91 24.08 7.09 19.76
CA ALA A 91 24.50 6.90 21.14
C ALA A 91 24.46 5.41 21.49
N PRO A 92 25.40 4.65 20.88
CA PRO A 92 25.49 3.22 21.10
C PRO A 92 26.08 2.91 22.48
N ALA A 93 25.27 2.27 23.31
CA ALA A 93 25.71 1.91 24.65
C ALA A 93 24.76 0.85 25.23
N SER A 94 24.59 0.90 26.53
CA SER A 94 23.72 -0.04 27.21
C SER A 94 22.39 0.62 27.54
N HIS A 95 21.69 1.05 26.50
CA HIS A 95 20.40 1.70 26.67
C HIS A 95 20.61 3.16 27.05
N LEU A 96 21.41 3.85 26.24
CA LEU A 96 21.69 5.24 26.48
C LEU A 96 20.39 6.05 26.43
N ASN A 97 19.36 5.41 25.90
CA ASN A 97 18.06 6.05 25.79
C ASN A 97 17.57 6.44 27.20
N GLU A 98 17.91 7.66 27.58
CA GLU A 98 17.52 8.17 28.88
C GLU A 98 16.94 9.57 28.76
N ALA A 99 16.28 9.80 27.63
CA ALA A 99 15.68 11.11 27.37
C ALA A 99 14.43 10.91 26.52
N GLY A 100 13.91 12.02 26.00
CA GLY A 100 12.72 11.99 25.18
C GLY A 100 12.03 13.36 25.16
N SER A 101 12.50 14.19 24.24
CA SER A 101 11.94 15.53 24.10
C SER A 101 12.56 16.23 22.89
N LEU A 102 11.71 16.65 21.98
CA LEU A 102 12.15 17.33 20.78
C LEU A 102 11.44 18.68 20.67
N PRO A 103 12.10 19.62 19.94
CA PRO A 103 11.54 20.96 19.74
C PRO A 103 10.40 20.92 18.73
N ALA A 104 10.73 20.48 17.53
CA ALA A 104 9.76 20.39 16.46
C ALA A 104 9.31 21.81 16.07
N GLU A 105 10.14 22.46 15.28
CA GLU A 105 9.85 23.81 14.83
C GLU A 105 9.20 23.78 13.44
N LYS A 106 9.94 23.24 12.49
CA LYS A 106 9.44 23.14 11.13
C LYS A 106 7.98 22.69 11.14
N ASP A 107 7.28 22.99 10.07
CA ASP A 107 5.88 22.63 9.95
C ASP A 107 5.64 22.00 8.56
N ALA A 108 5.47 20.69 8.57
CA ALA A 108 5.22 19.96 7.34
C ALA A 108 4.50 18.64 7.66
N VAL A 109 3.26 18.79 8.12
CA VAL A 109 2.45 17.63 8.46
C VAL A 109 2.73 16.50 7.46
N PRO A 110 2.92 15.28 8.01
CA PRO A 110 3.19 14.12 7.18
C PRO A 110 1.92 13.64 6.47
N GLN A 111 2.11 13.18 5.24
CA GLN A 111 0.98 12.69 4.46
C GLN A 111 0.93 11.16 4.49
N THR A 112 -0.29 10.65 4.55
CA THR A 112 -0.50 9.21 4.60
C THR A 112 -1.35 8.75 3.42
N PHE A 113 -0.93 7.67 2.79
CA PHE A 113 -1.63 7.12 1.66
C PHE A 113 -2.41 5.86 2.04
N SER A 114 -3.62 5.75 1.51
CA SER A 114 -4.46 4.60 1.79
C SER A 114 -4.79 3.86 0.49
N VAL A 115 -4.58 2.55 0.53
CA VAL A 115 -4.85 1.72 -0.62
C VAL A 115 -5.91 0.67 -0.27
N LEU A 116 -6.94 0.61 -1.10
CA LEU A 116 -8.02 -0.34 -0.88
C LEU A 116 -7.93 -1.46 -1.92
N ILE A 117 -7.78 -2.67 -1.43
CA ILE A 117 -7.68 -3.83 -2.30
C ILE A 117 -8.81 -4.81 -1.98
N GLY A 118 -9.13 -5.64 -2.96
CA GLY A 118 -10.18 -6.63 -2.79
C GLY A 118 -10.60 -7.23 -4.13
N ASN A 119 -11.83 -7.70 -4.18
CA ASN A 119 -12.36 -8.30 -5.40
C ASN A 119 -12.53 -7.22 -6.47
N ARG A 120 -12.25 -7.60 -7.70
CA ARG A 120 -12.36 -6.68 -8.81
C ARG A 120 -13.76 -6.07 -8.85
N GLU A 121 -14.71 -6.83 -8.33
CA GLU A 121 -16.11 -6.39 -8.30
C GLU A 121 -16.27 -5.24 -7.30
N TRP A 122 -15.57 -5.36 -6.19
CA TRP A 122 -15.63 -4.34 -5.15
C TRP A 122 -14.84 -3.13 -5.64
N LEU A 123 -13.60 -3.39 -6.04
CA LEU A 123 -12.73 -2.33 -6.53
C LEU A 123 -13.43 -1.60 -7.68
N ARG A 124 -13.96 -2.38 -8.60
CA ARG A 124 -14.65 -1.83 -9.75
C ARG A 124 -15.87 -1.02 -9.30
N ARG A 125 -16.67 -1.65 -8.46
CA ARG A 125 -17.88 -1.01 -7.95
C ARG A 125 -17.50 0.19 -7.09
N ASN A 126 -16.24 0.22 -6.68
CA ASN A 126 -15.74 1.31 -5.85
C ASN A 126 -15.53 2.56 -6.72
N GLY A 127 -14.56 2.45 -7.62
CA GLY A 127 -14.24 3.54 -8.51
C GLY A 127 -15.42 3.86 -9.43
N LEU A 128 -15.70 2.93 -10.32
CA LEU A 128 -16.80 3.09 -11.27
C LEU A 128 -16.84 1.89 -12.21
N THR A 129 -18.00 1.24 -12.22
CA THR A 129 -18.18 0.08 -13.08
C THR A 129 -19.67 -0.23 -13.25
N ILE A 130 -19.94 -1.25 -14.06
CA ILE A 130 -21.31 -1.66 -14.31
C ILE A 130 -21.97 -2.05 -12.98
N SER A 131 -22.96 -2.92 -13.08
CA SER A 131 -23.68 -3.39 -11.92
C SER A 131 -22.75 -4.22 -11.03
N SER A 132 -22.94 -4.07 -9.72
CA SER A 132 -22.13 -4.80 -8.77
C SER A 132 -22.42 -6.30 -8.86
N ASP A 133 -23.67 -6.61 -9.19
CA ASP A 133 -24.08 -7.99 -9.32
C ASP A 133 -23.45 -8.60 -10.58
N VAL A 134 -23.40 -7.78 -11.62
CA VAL A 134 -22.82 -8.23 -12.88
C VAL A 134 -21.30 -8.38 -12.71
N SER A 135 -20.69 -7.34 -12.16
CA SER A 135 -19.26 -7.35 -11.94
C SER A 135 -18.90 -8.39 -10.87
N ASP A 136 -19.80 -8.57 -9.93
CA ASP A 136 -19.59 -9.52 -8.86
C ASP A 136 -19.59 -10.94 -9.44
N ALA A 137 -20.53 -11.17 -10.34
CA ALA A 137 -20.64 -12.48 -10.98
C ALA A 137 -19.41 -12.72 -11.85
N MET A 138 -18.95 -11.65 -12.48
CA MET A 138 -17.78 -11.73 -13.35
C MET A 138 -16.54 -12.09 -12.55
N THR A 139 -16.33 -11.37 -11.46
CA THR A 139 -15.18 -11.61 -10.60
C THR A 139 -15.28 -12.99 -9.94
N ASP A 140 -16.47 -13.28 -9.43
CA ASP A 140 -16.71 -14.55 -8.77
C ASP A 140 -16.42 -15.69 -9.76
N HIS A 141 -16.86 -15.49 -10.99
CA HIS A 141 -16.66 -16.49 -12.03
C HIS A 141 -15.16 -16.73 -12.22
N GLU A 142 -14.41 -15.64 -12.31
CA GLU A 142 -12.98 -15.72 -12.50
C GLU A 142 -12.32 -16.33 -11.25
N MET A 143 -12.86 -15.97 -10.10
CA MET A 143 -12.33 -16.48 -8.85
C MET A 143 -12.57 -17.98 -8.72
N LYS A 144 -13.36 -18.50 -9.64
CA LYS A 144 -13.68 -19.93 -9.65
C LYS A 144 -12.63 -20.67 -10.47
N GLY A 145 -11.82 -19.90 -11.18
CA GLY A 145 -10.78 -20.48 -12.02
C GLY A 145 -9.39 -20.01 -11.57
N GLN A 146 -9.22 -18.69 -11.55
CA GLN A 146 -7.96 -18.11 -11.15
C GLN A 146 -8.18 -17.07 -10.05
N THR A 147 -7.09 -16.55 -9.53
CA THR A 147 -7.14 -15.55 -8.47
C THR A 147 -6.87 -14.17 -9.03
N ALA A 148 -7.83 -13.27 -8.82
CA ALA A 148 -7.70 -11.90 -9.30
C ALA A 148 -8.02 -10.93 -8.16
N ILE A 149 -7.11 -10.00 -7.93
CA ILE A 149 -7.28 -9.02 -6.88
C ILE A 149 -6.95 -7.63 -7.42
N LEU A 150 -7.86 -6.70 -7.20
CA LEU A 150 -7.67 -5.34 -7.67
C LEU A 150 -7.24 -4.46 -6.49
N VAL A 151 -6.22 -3.65 -6.74
CA VAL A 151 -5.71 -2.76 -5.71
C VAL A 151 -5.84 -1.32 -6.19
N ALA A 152 -6.58 -0.54 -5.43
CA ALA A 152 -6.78 0.86 -5.75
C ALA A 152 -6.18 1.74 -4.66
N ILE A 153 -5.77 2.93 -5.05
CA ILE A 153 -5.17 3.87 -4.11
C ILE A 153 -6.15 5.02 -3.86
N ASP A 154 -6.64 5.08 -2.63
CA ASP A 154 -7.57 6.13 -2.25
C ASP A 154 -8.78 6.09 -3.18
N GLY A 155 -9.21 4.88 -3.51
CA GLY A 155 -10.34 4.69 -4.39
C GLY A 155 -9.98 5.04 -5.83
N VAL A 156 -8.68 5.14 -6.07
CA VAL A 156 -8.19 5.48 -7.40
C VAL A 156 -7.41 4.28 -7.96
N LEU A 157 -7.39 4.21 -9.29
CA LEU A 157 -6.69 3.12 -9.96
C LEU A 157 -5.21 3.16 -9.59
N CYS A 158 -4.63 1.98 -9.45
CA CYS A 158 -3.22 1.87 -9.09
C CYS A 158 -2.65 0.64 -9.79
N GLY A 159 -3.19 -0.52 -9.44
CA GLY A 159 -2.74 -1.76 -10.03
C GLY A 159 -3.47 -2.95 -9.41
N MET A 160 -3.47 -4.06 -10.15
CA MET A 160 -4.12 -5.27 -9.68
C MET A 160 -3.14 -6.45 -9.68
N ILE A 161 -3.36 -7.35 -8.73
CA ILE A 161 -2.51 -8.53 -8.62
C ILE A 161 -3.30 -9.76 -9.04
N ALA A 162 -2.65 -10.59 -9.85
CA ALA A 162 -3.27 -11.80 -10.34
C ALA A 162 -2.47 -13.02 -9.86
N ILE A 163 -3.17 -13.93 -9.20
CA ILE A 163 -2.54 -15.13 -8.69
C ILE A 163 -3.07 -16.35 -9.45
N ALA A 164 -2.15 -17.24 -9.79
CA ALA A 164 -2.50 -18.45 -10.51
C ALA A 164 -1.68 -19.62 -9.97
N ASP A 165 -2.36 -20.48 -9.23
CA ASP A 165 -1.71 -21.65 -8.66
C ASP A 165 -0.89 -22.35 -9.73
N ALA A 1 -8.51 -20.42 6.99
CA ALA A 1 -7.66 -20.92 5.92
C ALA A 1 -6.83 -22.09 6.45
N GLY A 2 -6.52 -23.02 5.55
CA GLY A 2 -5.74 -24.19 5.91
C GLY A 2 -4.24 -23.89 5.82
N HIS A 3 -3.48 -24.93 5.55
CA HIS A 3 -2.04 -24.80 5.43
C HIS A 3 -1.61 -25.05 3.98
N MET A 4 -2.06 -24.16 3.10
CA MET A 4 -1.73 -24.27 1.70
C MET A 4 -2.37 -23.13 0.90
N VAL A 5 -1.54 -22.15 0.59
CA VAL A 5 -2.00 -20.99 -0.16
C VAL A 5 -1.23 -20.91 -1.49
N PRO A 6 -1.96 -20.45 -2.55
CA PRO A 6 -1.36 -20.32 -3.87
C PRO A 6 -0.42 -19.12 -3.93
N ARG A 7 0.39 -19.09 -4.98
CA ARG A 7 1.33 -18.01 -5.17
C ARG A 7 0.88 -17.11 -6.34
N VAL A 8 1.46 -15.93 -6.38
CA VAL A 8 1.13 -14.97 -7.44
C VAL A 8 1.64 -15.51 -8.78
N MET A 9 0.79 -15.39 -9.78
CA MET A 9 1.15 -15.85 -11.12
C MET A 9 1.73 -14.71 -11.96
N ARG A 10 1.09 -13.56 -11.84
CA ARG A 10 1.53 -12.39 -12.58
C ARG A 10 0.82 -11.13 -12.07
N VAL A 11 1.44 -10.00 -12.31
CA VAL A 11 0.88 -8.72 -11.88
C VAL A 11 0.57 -7.87 -13.11
N LEU A 12 -0.58 -7.23 -13.07
CA LEU A 12 -1.01 -6.37 -14.17
C LEU A 12 -0.91 -4.90 -13.74
N LEU A 13 -0.27 -4.11 -14.58
CA LEU A 13 -0.10 -2.70 -14.30
C LEU A 13 -1.33 -1.94 -14.80
N LEU A 14 -2.10 -1.43 -13.84
CA LEU A 14 -3.30 -0.68 -14.16
C LEU A 14 -3.45 0.48 -13.19
N GLY A 15 -2.79 1.58 -13.50
CA GLY A 15 -2.84 2.76 -12.66
C GLY A 15 -2.87 4.03 -13.50
N ASP A 16 -2.17 5.05 -13.01
CA ASP A 16 -2.11 6.32 -13.71
C ASP A 16 -0.78 7.01 -13.41
N VAL A 17 -0.27 7.69 -14.42
CA VAL A 17 1.00 8.39 -14.29
C VAL A 17 0.84 9.83 -14.78
N ALA A 18 -0.34 10.37 -14.56
CA ALA A 18 -0.63 11.73 -14.97
C ALA A 18 -0.14 12.71 -13.90
N THR A 19 0.54 12.15 -12.92
CA THR A 19 1.07 12.95 -11.83
C THR A 19 1.58 12.05 -10.70
N LEU A 20 0.95 10.89 -10.57
CA LEU A 20 1.33 9.94 -9.54
C LEU A 20 2.53 9.13 -10.03
N PRO A 21 3.60 9.12 -9.20
CA PRO A 21 4.81 8.39 -9.54
C PRO A 21 4.61 6.88 -9.34
N LEU A 22 5.03 6.13 -10.34
CA LEU A 22 4.89 4.68 -10.30
C LEU A 22 6.00 4.11 -9.40
N ARG A 23 7.17 4.70 -9.51
CA ARG A 23 8.31 4.26 -8.72
C ARG A 23 8.04 4.51 -7.23
N LYS A 24 7.59 5.72 -6.93
CA LYS A 24 7.29 6.08 -5.56
C LYS A 24 6.14 5.24 -5.05
N VAL A 25 5.09 5.15 -5.87
CA VAL A 25 3.92 4.38 -5.51
C VAL A 25 4.33 2.93 -5.24
N LEU A 26 5.19 2.42 -6.12
CA LEU A 26 5.66 1.05 -6.00
C LEU A 26 6.47 0.91 -4.71
N ALA A 27 7.17 1.99 -4.36
CA ALA A 27 7.99 2.01 -3.16
C ALA A 27 7.09 1.81 -1.94
N VAL A 28 6.00 2.57 -1.92
CA VAL A 28 5.05 2.49 -0.82
C VAL A 28 4.34 1.14 -0.86
N VAL A 29 3.87 0.79 -2.04
CA VAL A 29 3.16 -0.46 -2.23
C VAL A 29 4.06 -1.62 -1.79
N GLY A 30 5.34 -1.49 -2.10
CA GLY A 30 6.31 -2.50 -1.74
C GLY A 30 6.60 -2.47 -0.23
N THR A 31 6.61 -1.27 0.31
CA THR A 31 6.88 -1.09 1.73
C THR A 31 5.82 -1.81 2.57
N ALA A 32 4.59 -1.71 2.10
CA ALA A 32 3.48 -2.35 2.80
C ALA A 32 3.38 -3.82 2.36
N GLU A 33 3.54 -4.02 1.06
CA GLU A 33 3.47 -5.36 0.50
C GLU A 33 4.47 -6.28 1.20
N ALA A 34 5.66 -5.76 1.41
CA ALA A 34 6.72 -6.51 2.07
C ALA A 34 6.42 -6.58 3.57
N SER A 35 5.63 -5.63 4.03
CA SER A 35 5.27 -5.57 5.44
C SER A 35 3.77 -5.86 5.60
N SER A 36 3.25 -6.69 4.71
CA SER A 36 1.85 -7.05 4.73
C SER A 36 1.57 -7.97 5.94
N GLU A 37 0.62 -8.87 5.74
CA GLU A 37 0.25 -9.80 6.79
C GLU A 37 0.05 -11.21 6.20
N HIS A 38 0.47 -11.36 4.95
CA HIS A 38 0.33 -12.63 4.27
C HIS A 38 1.72 -13.22 4.01
N PRO A 39 1.89 -14.49 4.46
CA PRO A 39 3.16 -15.18 4.28
C PRO A 39 3.35 -15.62 2.83
N LEU A 40 3.24 -14.65 1.93
CA LEU A 40 3.40 -14.93 0.51
C LEU A 40 3.53 -13.60 -0.24
N GLY A 41 2.58 -12.71 0.00
CA GLY A 41 2.59 -11.41 -0.66
C GLY A 41 3.86 -10.63 -0.31
N VAL A 42 4.35 -10.87 0.90
CA VAL A 42 5.55 -10.20 1.35
C VAL A 42 6.76 -10.73 0.57
N ALA A 43 6.73 -12.03 0.31
CA ALA A 43 7.80 -12.67 -0.42
C ALA A 43 7.79 -12.18 -1.88
N VAL A 44 6.59 -11.96 -2.38
CA VAL A 44 6.43 -11.48 -3.74
C VAL A 44 7.06 -10.09 -3.87
N THR A 45 6.62 -9.20 -3.01
CA THR A 45 7.13 -7.83 -3.02
C THR A 45 8.62 -7.82 -2.66
N LYS A 46 8.96 -8.63 -1.67
CA LYS A 46 10.34 -8.73 -1.22
C LYS A 46 11.23 -9.14 -2.40
N TYR A 47 10.77 -10.14 -3.13
CA TYR A 47 11.51 -10.64 -4.27
C TYR A 47 11.64 -9.55 -5.35
N CYS A 48 10.56 -8.82 -5.53
CA CYS A 48 10.55 -7.75 -6.52
C CYS A 48 11.58 -6.69 -6.11
N LYS A 49 11.71 -6.53 -4.79
CA LYS A 49 12.66 -5.56 -4.26
C LYS A 49 14.08 -6.01 -4.58
N GLU A 50 14.32 -7.30 -4.39
CA GLU A 50 15.62 -7.87 -4.65
C GLU A 50 15.98 -7.72 -6.13
N GLU A 51 14.99 -7.96 -6.97
CA GLU A 51 15.19 -7.87 -8.41
C GLU A 51 15.14 -6.39 -8.85
N LEU A 52 14.54 -5.58 -7.99
CA LEU A 52 14.42 -4.15 -8.28
C LEU A 52 15.72 -3.45 -7.88
N GLY A 53 16.45 -4.08 -6.98
CA GLY A 53 17.71 -3.53 -6.52
C GLY A 53 17.48 -2.27 -5.66
N THR A 54 16.48 -2.37 -4.80
CA THR A 54 16.14 -1.26 -3.92
C THR A 54 15.90 -1.77 -2.50
N GLU A 55 16.68 -1.23 -1.57
CA GLU A 55 16.57 -1.61 -0.18
C GLU A 55 15.59 -0.69 0.55
N THR A 56 14.79 0.01 -0.24
CA THR A 56 13.81 0.93 0.31
C THR A 56 12.90 0.21 1.29
N LEU A 57 12.65 0.87 2.42
CA LEU A 57 11.81 0.31 3.46
C LEU A 57 11.92 1.15 4.73
N GLY A 58 10.93 1.00 5.60
CA GLY A 58 10.90 1.75 6.85
C GLY A 58 9.69 2.69 6.89
N TYR A 59 8.65 2.29 6.19
CA TYR A 59 7.43 3.08 6.15
C TYR A 59 6.44 2.62 7.22
N CYS A 60 5.49 3.50 7.52
CA CYS A 60 4.48 3.19 8.52
C CYS A 60 3.26 2.63 7.80
N THR A 61 2.98 1.36 8.06
CA THR A 61 1.85 0.70 7.45
C THR A 61 0.64 0.73 8.39
N ASP A 62 -0.52 0.47 7.82
CA ASP A 62 -1.75 0.47 8.60
C ASP A 62 -2.81 -0.35 7.86
N PHE A 63 -2.64 -1.66 7.91
CA PHE A 63 -3.57 -2.57 7.25
C PHE A 63 -4.88 -2.67 8.03
N GLN A 64 -5.92 -3.13 7.34
CA GLN A 64 -7.22 -3.27 7.96
C GLN A 64 -8.22 -3.85 6.95
N ALA A 65 -8.92 -4.89 7.38
CA ALA A 65 -9.90 -5.54 6.54
C ALA A 65 -11.28 -4.96 6.83
N VAL A 66 -11.99 -4.62 5.76
CA VAL A 66 -13.33 -4.05 5.89
C VAL A 66 -14.34 -5.02 5.28
N PRO A 67 -15.40 -5.32 6.08
CA PRO A 67 -16.45 -6.22 5.63
C PRO A 67 -17.36 -5.53 4.62
N GLY A 68 -17.88 -6.33 3.69
CA GLY A 68 -18.76 -5.82 2.67
C GLY A 68 -18.07 -4.76 1.81
N CYS A 69 -16.75 -4.92 1.69
CA CYS A 69 -15.96 -4.01 0.91
C CYS A 69 -14.74 -4.76 0.36
N GLY A 70 -13.83 -5.09 1.27
CA GLY A 70 -12.62 -5.81 0.89
C GLY A 70 -11.53 -5.62 1.93
N ILE A 71 -10.35 -5.24 1.44
CA ILE A 71 -9.22 -5.02 2.32
C ILE A 71 -8.60 -3.65 2.00
N GLY A 72 -7.95 -3.09 3.01
CA GLY A 72 -7.31 -1.80 2.85
C GLY A 72 -6.10 -1.66 3.79
N CYS A 73 -5.22 -0.74 3.44
CA CYS A 73 -4.02 -0.50 4.24
C CYS A 73 -3.48 0.89 3.89
N LYS A 74 -2.81 1.49 4.86
CA LYS A 74 -2.24 2.82 4.67
C LYS A 74 -0.73 2.75 4.88
N VAL A 75 -0.04 3.67 4.23
CA VAL A 75 1.42 3.73 4.33
C VAL A 75 1.87 5.18 4.32
N SER A 76 2.70 5.52 5.28
CA SER A 76 3.22 6.87 5.39
C SER A 76 4.63 6.85 6.01
N ASN A 77 5.47 7.73 5.50
CA ASN A 77 6.84 7.83 5.98
C ASN A 77 7.65 8.71 5.04
N VAL A 78 7.37 8.57 3.75
CA VAL A 78 8.05 9.36 2.74
C VAL A 78 8.08 10.82 3.16
N GLU A 79 7.10 11.19 3.97
CA GLU A 79 6.98 12.56 4.45
C GLU A 79 8.22 12.93 5.27
N GLY A 80 8.58 12.02 6.18
CA GLY A 80 9.73 12.24 7.04
C GLY A 80 11.03 12.02 6.27
N ILE A 81 10.95 11.20 5.23
CA ILE A 81 12.10 10.90 4.42
C ILE A 81 12.60 12.18 3.75
N LEU A 82 11.66 12.89 3.14
CA LEU A 82 11.98 14.13 2.46
C LEU A 82 12.26 15.21 3.50
N ALA A 83 11.46 15.20 4.55
CA ALA A 83 11.60 16.18 5.62
C ALA A 83 10.85 15.68 6.85
N HIS A 84 11.59 15.56 7.95
CA HIS A 84 11.00 15.10 9.21
C HIS A 84 10.68 16.31 10.09
N SER A 85 9.78 16.09 11.04
CA SER A 85 9.40 17.15 11.96
C SER A 85 8.47 16.58 13.03
N GLU A 86 8.48 17.24 14.18
CA GLU A 86 7.65 16.83 15.30
C GLU A 86 7.81 17.78 16.48
N ARG A 87 7.17 18.93 16.36
CA ARG A 87 7.23 19.94 17.40
C ARG A 87 6.78 19.35 18.75
N PRO A 88 7.41 19.87 19.84
CA PRO A 88 7.09 19.40 21.17
C PRO A 88 5.74 19.95 21.63
N LEU A 89 5.20 19.30 22.66
CA LEU A 89 3.91 19.71 23.20
C LEU A 89 4.07 21.05 23.93
N SER A 90 4.79 21.00 25.04
CA SER A 90 5.02 22.20 25.82
C SER A 90 6.38 22.13 26.51
N ALA A 91 6.36 21.67 27.76
CA ALA A 91 7.58 21.54 28.53
C ALA A 91 7.30 20.70 29.78
N PRO A 92 8.14 19.64 29.96
CA PRO A 92 7.99 18.76 31.09
C PRO A 92 8.50 19.42 32.38
N ALA A 93 7.58 19.66 33.29
CA ALA A 93 7.93 20.28 34.56
C ALA A 93 6.69 20.31 35.46
N SER A 94 6.57 19.27 36.27
CA SER A 94 5.45 19.16 37.19
C SER A 94 4.14 19.03 36.40
N HIS A 95 3.19 18.35 37.02
CA HIS A 95 1.89 18.14 36.39
C HIS A 95 0.92 17.50 37.39
N LEU A 96 0.75 18.18 38.51
CA LEU A 96 -0.13 17.67 39.55
C LEU A 96 -1.57 17.66 39.03
N ASN A 97 -1.76 18.32 37.90
CA ASN A 97 -3.08 18.39 37.28
C ASN A 97 -3.68 16.99 37.23
N GLU A 98 -4.98 16.92 37.48
CA GLU A 98 -5.69 15.66 37.45
C GLU A 98 -5.36 14.88 36.17
N ALA A 99 -5.81 13.64 36.14
CA ALA A 99 -5.58 12.80 34.98
C ALA A 99 -5.77 13.61 33.70
N GLY A 100 -6.99 14.11 33.54
CA GLY A 100 -7.31 14.91 32.36
C GLY A 100 -7.41 14.04 31.11
N SER A 101 -8.61 13.99 30.54
CA SER A 101 -8.83 13.20 29.34
C SER A 101 -7.71 13.43 28.34
N LEU A 102 -7.70 12.61 27.30
CA LEU A 102 -6.69 12.71 26.27
C LEU A 102 -6.88 14.02 25.51
N PRO A 103 -5.73 14.65 25.14
CA PRO A 103 -5.77 15.91 24.41
C PRO A 103 -6.15 15.68 22.95
N ALA A 104 -5.37 14.84 22.28
CA ALA A 104 -5.62 14.54 20.88
C ALA A 104 -5.00 15.62 20.01
N GLU A 105 -5.51 16.83 20.18
CA GLU A 105 -5.01 17.97 19.41
C GLU A 105 -4.83 17.58 17.94
N LYS A 106 -3.61 17.19 17.61
CA LYS A 106 -3.29 16.79 16.25
C LYS A 106 -3.19 18.04 15.36
N ASP A 107 -1.96 18.35 14.99
CA ASP A 107 -1.71 19.52 14.15
C ASP A 107 -0.64 19.17 13.11
N ALA A 108 -0.95 19.51 11.86
CA ALA A 108 -0.02 19.25 10.78
C ALA A 108 0.11 17.72 10.58
N VAL A 109 -0.64 17.22 9.62
CA VAL A 109 -0.62 15.80 9.33
C VAL A 109 0.21 15.55 8.07
N PRO A 110 1.08 14.51 8.15
CA PRO A 110 1.94 14.17 7.03
C PRO A 110 1.15 13.46 5.93
N GLN A 111 1.69 13.52 4.73
CA GLN A 111 1.04 12.89 3.58
C GLN A 111 0.98 11.38 3.77
N THR A 112 -0.23 10.86 3.82
CA THR A 112 -0.44 9.44 4.00
C THR A 112 -1.21 8.86 2.81
N PHE A 113 -0.72 7.73 2.33
CA PHE A 113 -1.34 7.07 1.20
C PHE A 113 -2.09 5.80 1.64
N SER A 114 -3.32 5.69 1.17
CA SER A 114 -4.15 4.54 1.51
C SER A 114 -4.45 3.73 0.26
N VAL A 115 -4.11 2.44 0.33
CA VAL A 115 -4.34 1.54 -0.79
C VAL A 115 -5.40 0.51 -0.39
N LEU A 116 -6.28 0.22 -1.34
CA LEU A 116 -7.34 -0.74 -1.10
C LEU A 116 -7.26 -1.85 -2.16
N ILE A 117 -7.38 -3.07 -1.69
CA ILE A 117 -7.33 -4.22 -2.59
C ILE A 117 -8.49 -5.17 -2.27
N GLY A 118 -8.84 -5.98 -3.26
CA GLY A 118 -9.93 -6.94 -3.10
C GLY A 118 -10.47 -7.38 -4.46
N ASN A 119 -11.77 -7.64 -4.47
CA ASN A 119 -12.43 -8.07 -5.70
C ASN A 119 -12.44 -6.91 -6.70
N ARG A 120 -12.18 -7.25 -7.96
CA ARG A 120 -12.17 -6.25 -9.01
C ARG A 120 -13.44 -5.41 -8.97
N GLU A 121 -14.50 -6.03 -8.46
CA GLU A 121 -15.78 -5.35 -8.37
C GLU A 121 -15.71 -4.22 -7.34
N TRP A 122 -14.96 -4.47 -6.27
CA TRP A 122 -14.81 -3.48 -5.22
C TRP A 122 -14.04 -2.29 -5.80
N LEU A 123 -12.95 -2.60 -6.48
CA LEU A 123 -12.12 -1.58 -7.09
C LEU A 123 -12.91 -0.88 -8.19
N ARG A 124 -13.72 -1.67 -8.89
CA ARG A 124 -14.53 -1.15 -9.97
C ARG A 124 -15.57 -0.17 -9.42
N ARG A 125 -16.21 -0.58 -8.33
CA ARG A 125 -17.23 0.24 -7.70
C ARG A 125 -16.59 1.45 -7.01
N ASN A 126 -15.31 1.30 -6.70
CA ASN A 126 -14.57 2.36 -6.05
C ASN A 126 -14.10 3.37 -7.09
N GLY A 127 -13.21 2.91 -7.95
CA GLY A 127 -12.68 3.77 -9.00
C GLY A 127 -13.79 4.24 -9.94
N LEU A 128 -14.60 3.28 -10.38
CA LEU A 128 -15.69 3.60 -11.27
C LEU A 128 -17.00 3.09 -10.67
N THR A 129 -18.00 2.93 -11.52
CA THR A 129 -19.30 2.46 -11.08
C THR A 129 -19.75 1.26 -11.93
N ILE A 130 -20.75 0.57 -11.43
CA ILE A 130 -21.28 -0.60 -12.13
C ILE A 130 -22.13 -1.42 -11.16
N SER A 131 -22.84 -2.38 -11.72
CA SER A 131 -23.70 -3.26 -10.93
C SER A 131 -22.84 -4.14 -10.01
N SER A 132 -23.33 -4.33 -8.80
CA SER A 132 -22.63 -5.15 -7.83
C SER A 132 -22.72 -6.62 -8.23
N ASP A 133 -23.89 -7.01 -8.72
CA ASP A 133 -24.11 -8.38 -9.13
C ASP A 133 -23.34 -8.65 -10.43
N VAL A 134 -23.39 -7.66 -11.31
CA VAL A 134 -22.70 -7.78 -12.59
C VAL A 134 -21.19 -7.83 -12.35
N SER A 135 -20.71 -6.88 -11.57
CA SER A 135 -19.30 -6.80 -11.26
C SER A 135 -18.88 -7.99 -10.40
N ASP A 136 -19.69 -8.27 -9.39
CA ASP A 136 -19.42 -9.38 -8.50
C ASP A 136 -19.43 -10.68 -9.30
N ALA A 137 -20.33 -10.74 -10.26
CA ALA A 137 -20.46 -11.92 -11.10
C ALA A 137 -19.17 -12.11 -11.90
N MET A 138 -18.69 -11.01 -12.46
CA MET A 138 -17.47 -11.05 -13.25
C MET A 138 -16.28 -11.50 -12.39
N THR A 139 -16.15 -10.84 -11.24
CA THR A 139 -15.06 -11.16 -10.32
C THR A 139 -15.17 -12.61 -9.85
N ASP A 140 -16.38 -12.97 -9.45
CA ASP A 140 -16.64 -14.32 -8.96
C ASP A 140 -16.27 -15.33 -10.05
N HIS A 141 -16.68 -15.00 -11.28
CA HIS A 141 -16.40 -15.87 -12.41
C HIS A 141 -14.90 -16.16 -12.48
N GLU A 142 -14.12 -15.10 -12.35
CA GLU A 142 -12.67 -15.22 -12.39
C GLU A 142 -12.19 -16.13 -11.26
N MET A 143 -12.83 -16.00 -10.12
CA MET A 143 -12.47 -16.79 -8.96
C MET A 143 -12.99 -18.23 -9.09
N LYS A 144 -13.79 -18.44 -10.14
CA LYS A 144 -14.35 -19.76 -10.39
C LYS A 144 -13.38 -20.56 -11.24
N GLY A 145 -12.18 -20.02 -11.39
CA GLY A 145 -11.15 -20.68 -12.17
C GLY A 145 -9.76 -20.33 -11.64
N GLN A 146 -9.47 -19.04 -11.64
CA GLN A 146 -8.17 -18.57 -11.17
C GLN A 146 -8.36 -17.49 -10.10
N THR A 147 -7.24 -17.07 -9.53
CA THR A 147 -7.27 -16.04 -8.49
C THR A 147 -6.98 -14.67 -9.10
N ALA A 148 -7.94 -13.78 -8.97
CA ALA A 148 -7.80 -12.43 -9.49
C ALA A 148 -8.11 -11.42 -8.40
N ILE A 149 -7.17 -10.50 -8.20
CA ILE A 149 -7.34 -9.47 -7.18
C ILE A 149 -6.90 -8.12 -7.75
N LEU A 150 -7.71 -7.11 -7.51
CA LEU A 150 -7.42 -5.77 -7.99
C LEU A 150 -6.84 -4.95 -6.85
N VAL A 151 -5.81 -4.18 -7.18
CA VAL A 151 -5.16 -3.33 -6.19
C VAL A 151 -5.24 -1.88 -6.64
N ALA A 152 -5.82 -1.06 -5.76
CA ALA A 152 -5.97 0.36 -6.06
C ALA A 152 -5.27 1.17 -4.97
N ILE A 153 -4.68 2.28 -5.40
CA ILE A 153 -3.97 3.15 -4.48
C ILE A 153 -4.73 4.48 -4.35
N ASP A 154 -4.94 4.89 -3.12
CA ASP A 154 -5.64 6.13 -2.84
C ASP A 154 -7.01 6.10 -3.54
N GLY A 155 -7.57 4.90 -3.60
CA GLY A 155 -8.88 4.72 -4.22
C GLY A 155 -8.76 4.84 -5.75
N VAL A 156 -7.53 4.77 -6.22
CA VAL A 156 -7.28 4.87 -7.66
C VAL A 156 -6.61 3.59 -8.13
N LEU A 157 -6.81 3.29 -9.41
CA LEU A 157 -6.23 2.09 -10.01
C LEU A 157 -4.71 2.18 -9.94
N CYS A 158 -4.08 1.02 -9.82
CA CYS A 158 -2.63 0.96 -9.75
C CYS A 158 -2.17 -0.32 -10.45
N GLY A 159 -2.86 -1.41 -10.13
CA GLY A 159 -2.52 -2.70 -10.72
C GLY A 159 -3.21 -3.83 -9.97
N MET A 160 -3.40 -4.94 -10.68
CA MET A 160 -4.05 -6.11 -10.10
C MET A 160 -3.08 -7.29 -10.01
N ILE A 161 -3.29 -8.11 -9.00
CA ILE A 161 -2.45 -9.28 -8.80
C ILE A 161 -3.23 -10.54 -9.16
N ALA A 162 -2.63 -11.36 -10.00
CA ALA A 162 -3.26 -12.60 -10.43
C ALA A 162 -2.51 -13.79 -9.82
N ILE A 163 -3.25 -14.64 -9.15
CA ILE A 163 -2.67 -15.81 -8.52
C ILE A 163 -3.12 -17.07 -9.28
N ALA A 164 -2.19 -17.98 -9.46
CA ALA A 164 -2.48 -19.22 -10.16
C ALA A 164 -1.92 -20.40 -9.35
N ASP A 165 -2.83 -21.11 -8.70
CA ASP A 165 -2.45 -22.26 -7.89
C ASP A 165 -1.69 -23.26 -8.77
N ALA A 1 -13.74 -19.50 3.44
CA ALA A 1 -13.50 -20.75 4.14
C ALA A 1 -12.33 -21.49 3.47
N GLY A 2 -11.38 -21.90 4.30
CA GLY A 2 -10.22 -22.61 3.80
C GLY A 2 -8.93 -22.06 4.41
N HIS A 3 -7.91 -22.90 4.41
CA HIS A 3 -6.62 -22.50 4.95
C HIS A 3 -5.51 -22.87 3.97
N MET A 4 -5.37 -22.05 2.95
CA MET A 4 -4.35 -22.28 1.94
C MET A 4 -4.36 -21.17 0.89
N VAL A 5 -3.28 -20.40 0.87
CA VAL A 5 -3.15 -19.31 -0.07
C VAL A 5 -1.95 -19.56 -0.99
N PRO A 6 -2.23 -19.55 -2.32
CA PRO A 6 -1.18 -19.78 -3.30
C PRO A 6 -0.28 -18.55 -3.44
N ARG A 7 0.55 -18.58 -4.48
CA ARG A 7 1.45 -17.48 -4.75
C ARG A 7 0.94 -16.63 -5.90
N VAL A 8 1.47 -15.41 -5.99
CA VAL A 8 1.08 -14.49 -7.04
C VAL A 8 1.58 -15.03 -8.39
N MET A 9 0.71 -14.95 -9.38
CA MET A 9 1.06 -15.41 -10.72
C MET A 9 1.44 -14.24 -11.62
N ARG A 10 0.72 -13.14 -11.44
CA ARG A 10 0.98 -11.95 -12.24
C ARG A 10 0.17 -10.77 -11.70
N VAL A 11 0.64 -9.57 -12.04
CA VAL A 11 -0.03 -8.36 -11.59
C VAL A 11 -0.38 -7.50 -12.81
N LEU A 12 -1.59 -6.96 -12.78
CA LEU A 12 -2.06 -6.12 -13.87
C LEU A 12 -1.96 -4.65 -13.45
N LEU A 13 -1.79 -3.80 -14.46
CA LEU A 13 -1.67 -2.37 -14.20
C LEU A 13 -3.06 -1.74 -14.32
N LEU A 14 -3.38 -0.92 -13.33
CA LEU A 14 -4.66 -0.23 -13.30
C LEU A 14 -4.50 1.14 -12.65
N GLY A 15 -3.28 1.66 -12.73
CA GLY A 15 -2.98 2.95 -12.15
C GLY A 15 -2.80 4.01 -13.25
N ASP A 16 -1.94 4.97 -12.96
CA ASP A 16 -1.66 6.05 -13.90
C ASP A 16 -0.72 7.07 -13.26
N VAL A 17 -0.24 7.98 -14.09
CA VAL A 17 0.67 9.01 -13.61
C VAL A 17 -0.02 10.38 -13.71
N ALA A 18 -1.34 10.35 -13.63
CA ALA A 18 -2.13 11.56 -13.71
C ALA A 18 -2.39 12.09 -12.30
N THR A 19 -1.99 11.31 -11.32
CA THR A 19 -2.17 11.68 -9.93
C THR A 19 -0.91 11.37 -9.12
N LEU A 20 -0.30 10.24 -9.45
CA LEU A 20 0.92 9.83 -8.77
C LEU A 20 1.74 8.94 -9.69
N PRO A 21 3.09 9.00 -9.50
CA PRO A 21 4.00 8.21 -10.30
C PRO A 21 3.97 6.74 -9.89
N LEU A 22 3.87 5.88 -10.89
CA LEU A 22 3.83 4.44 -10.64
C LEU A 22 5.13 4.02 -9.97
N ARG A 23 6.18 4.77 -10.23
CA ARG A 23 7.49 4.49 -9.67
C ARG A 23 7.43 4.59 -8.14
N LYS A 24 6.88 5.70 -7.68
CA LYS A 24 6.75 5.94 -6.25
C LYS A 24 5.81 4.90 -5.64
N VAL A 25 4.75 4.61 -6.37
CA VAL A 25 3.76 3.64 -5.91
C VAL A 25 4.42 2.27 -5.82
N LEU A 26 5.28 1.99 -6.78
CA LEU A 26 5.98 0.72 -6.83
C LEU A 26 6.90 0.62 -5.60
N ALA A 27 7.49 1.75 -5.24
CA ALA A 27 8.39 1.80 -4.10
C ALA A 27 7.59 1.57 -2.81
N VAL A 28 6.46 2.24 -2.73
CA VAL A 28 5.59 2.11 -1.56
C VAL A 28 5.08 0.67 -1.47
N VAL A 29 4.73 0.12 -2.62
CA VAL A 29 4.23 -1.25 -2.67
C VAL A 29 5.37 -2.21 -2.35
N GLY A 30 6.56 -1.83 -2.78
CA GLY A 30 7.74 -2.66 -2.54
C GLY A 30 7.98 -2.84 -1.05
N THR A 31 7.95 -1.72 -0.34
CA THR A 31 8.17 -1.73 1.10
C THR A 31 6.90 -2.19 1.84
N ALA A 32 5.77 -1.86 1.23
CA ALA A 32 4.49 -2.22 1.81
C ALA A 32 4.38 -3.75 1.88
N GLU A 33 4.59 -4.38 0.73
CA GLU A 33 4.51 -5.83 0.64
C GLU A 33 5.71 -6.46 1.35
N ALA A 34 6.88 -5.90 1.08
CA ALA A 34 8.10 -6.41 1.68
C ALA A 34 7.94 -6.43 3.21
N SER A 35 7.25 -5.42 3.71
CA SER A 35 7.02 -5.31 5.15
C SER A 35 5.52 -5.41 5.44
N SER A 36 4.84 -6.22 4.65
CA SER A 36 3.41 -6.40 4.81
C SER A 36 3.13 -7.50 5.84
N GLU A 37 4.07 -8.42 5.93
CA GLU A 37 3.96 -9.53 6.87
C GLU A 37 3.24 -10.71 6.22
N HIS A 38 3.39 -10.78 4.90
CA HIS A 38 2.78 -11.85 4.14
C HIS A 38 3.86 -12.80 3.61
N PRO A 39 3.67 -14.11 3.90
CA PRO A 39 4.62 -15.12 3.47
C PRO A 39 4.47 -15.40 1.97
N LEU A 40 4.55 -14.33 1.19
CA LEU A 40 4.43 -14.45 -0.25
C LEU A 40 4.60 -13.07 -0.89
N GLY A 41 3.82 -12.12 -0.39
CA GLY A 41 3.89 -10.76 -0.91
C GLY A 41 5.22 -10.10 -0.55
N VAL A 42 5.75 -10.47 0.61
CA VAL A 42 7.01 -9.93 1.07
C VAL A 42 8.14 -10.48 0.20
N ALA A 43 7.99 -11.73 -0.19
CA ALA A 43 8.98 -12.39 -1.03
C ALA A 43 8.97 -11.75 -2.42
N VAL A 44 7.77 -11.44 -2.88
CA VAL A 44 7.60 -10.83 -4.19
C VAL A 44 8.34 -9.49 -4.22
N THR A 45 8.05 -8.67 -3.22
CA THR A 45 8.68 -7.36 -3.12
C THR A 45 10.16 -7.51 -2.81
N LYS A 46 10.46 -8.48 -1.96
CA LYS A 46 11.84 -8.72 -1.57
C LYS A 46 12.68 -9.01 -2.83
N TYR A 47 12.14 -9.89 -3.66
CA TYR A 47 12.82 -10.26 -4.89
C TYR A 47 13.01 -9.04 -5.81
N CYS A 48 11.93 -8.27 -5.93
CA CYS A 48 11.97 -7.09 -6.76
C CYS A 48 13.01 -6.13 -6.21
N LYS A 49 13.13 -6.13 -4.89
CA LYS A 49 14.08 -5.28 -4.21
C LYS A 49 15.50 -5.73 -4.55
N GLU A 50 15.66 -7.04 -4.63
CA GLU A 50 16.96 -7.62 -4.94
C GLU A 50 17.40 -7.21 -6.35
N GLU A 51 16.46 -7.28 -7.27
CA GLU A 51 16.73 -6.92 -8.66
C GLU A 51 16.75 -5.41 -8.82
N LEU A 52 16.11 -4.74 -7.86
CA LEU A 52 16.05 -3.28 -7.88
C LEU A 52 17.33 -2.71 -7.26
N GLY A 53 17.96 -3.53 -6.44
CA GLY A 53 19.19 -3.12 -5.78
C GLY A 53 18.92 -2.06 -4.72
N THR A 54 17.83 -2.26 -4.00
CA THR A 54 17.44 -1.32 -2.96
C THR A 54 16.97 -2.09 -1.71
N GLU A 55 17.66 -1.84 -0.61
CA GLU A 55 17.33 -2.48 0.65
C GLU A 55 16.40 -1.59 1.47
N THR A 56 15.66 -0.74 0.77
CA THR A 56 14.73 0.15 1.42
C THR A 56 13.66 -0.63 2.17
N LEU A 57 13.53 -0.33 3.46
CA LEU A 57 12.56 -1.01 4.30
C LEU A 57 12.23 -0.11 5.50
N GLY A 58 10.92 0.12 5.67
CA GLY A 58 10.47 0.95 6.77
C GLY A 58 9.04 1.45 6.51
N TYR A 59 8.23 0.56 5.95
CA TYR A 59 6.85 0.90 5.65
C TYR A 59 5.96 0.75 6.88
N CYS A 60 5.01 1.65 7.02
CA CYS A 60 4.10 1.62 8.15
C CYS A 60 2.78 1.02 7.67
N THR A 61 2.35 -0.03 8.36
CA THR A 61 1.11 -0.70 8.03
C THR A 61 -0.05 -0.12 8.84
N ASP A 62 -1.17 0.08 8.15
CA ASP A 62 -2.35 0.62 8.80
C ASP A 62 -3.57 0.33 7.92
N PHE A 63 -4.05 -0.90 7.99
CA PHE A 63 -5.20 -1.31 7.22
C PHE A 63 -6.43 -1.50 8.11
N GLN A 64 -7.45 -2.12 7.54
CA GLN A 64 -8.68 -2.36 8.27
C GLN A 64 -9.72 -3.03 7.36
N ALA A 65 -10.63 -3.75 7.99
CA ALA A 65 -11.68 -4.44 7.26
C ALA A 65 -12.91 -3.54 7.18
N VAL A 66 -13.39 -3.35 5.95
CA VAL A 66 -14.56 -2.51 5.74
C VAL A 66 -15.70 -3.38 5.21
N PRO A 67 -16.85 -3.31 5.91
CA PRO A 67 -18.02 -4.08 5.53
C PRO A 67 -18.71 -3.47 4.30
N GLY A 68 -19.36 -4.32 3.53
CA GLY A 68 -20.06 -3.88 2.34
C GLY A 68 -19.16 -3.01 1.47
N CYS A 69 -17.86 -3.25 1.60
CA CYS A 69 -16.88 -2.49 0.84
C CYS A 69 -15.76 -3.45 0.41
N GLY A 70 -14.96 -3.86 1.38
CA GLY A 70 -13.86 -4.76 1.12
C GLY A 70 -12.78 -4.65 2.19
N ILE A 71 -11.55 -4.44 1.75
CA ILE A 71 -10.43 -4.30 2.65
C ILE A 71 -9.56 -3.12 2.21
N GLY A 72 -9.16 -2.32 3.18
CA GLY A 72 -8.33 -1.16 2.92
C GLY A 72 -7.07 -1.17 3.77
N CYS A 73 -5.94 -0.94 3.13
CA CYS A 73 -4.66 -0.93 3.82
C CYS A 73 -4.01 0.44 3.60
N LYS A 74 -3.31 0.90 4.64
CA LYS A 74 -2.65 2.19 4.57
C LYS A 74 -1.14 1.99 4.74
N VAL A 75 -0.39 2.92 4.17
CA VAL A 75 1.06 2.86 4.26
C VAL A 75 1.62 4.27 4.47
N SER A 76 2.57 4.35 5.40
CA SER A 76 3.19 5.63 5.71
C SER A 76 4.64 5.41 6.17
N ASN A 77 5.52 6.24 5.63
CA ASN A 77 6.93 6.15 5.97
C ASN A 77 7.77 6.60 4.77
N VAL A 78 7.17 6.49 3.60
CA VAL A 78 7.84 6.89 2.37
C VAL A 78 8.27 8.35 2.48
N GLU A 79 7.59 9.06 3.36
CA GLU A 79 7.88 10.47 3.57
C GLU A 79 9.28 10.64 4.16
N GLY A 80 9.57 9.82 5.16
CA GLY A 80 10.86 9.87 5.82
C GLY A 80 11.94 9.21 4.97
N ILE A 81 11.53 8.19 4.22
CA ILE A 81 12.44 7.47 3.36
C ILE A 81 12.90 8.39 2.22
N LEU A 82 11.99 9.25 1.80
CA LEU A 82 12.27 10.18 0.73
C LEU A 82 12.98 11.40 1.30
N ALA A 83 12.56 11.78 2.50
CA ALA A 83 13.15 12.94 3.16
C ALA A 83 14.41 12.49 3.92
N HIS A 84 14.66 13.17 5.02
CA HIS A 84 15.82 12.86 5.85
C HIS A 84 15.82 13.73 7.09
N SER A 85 16.66 13.36 8.05
CA SER A 85 16.77 14.10 9.29
C SER A 85 18.04 14.95 9.29
N GLU A 86 17.89 16.18 9.75
CA GLU A 86 19.01 17.10 9.81
C GLU A 86 18.64 18.36 10.60
N ARG A 87 18.66 18.21 11.91
CA ARG A 87 18.32 19.33 12.78
C ARG A 87 19.49 19.63 13.73
N PRO A 88 20.25 20.71 13.38
CA PRO A 88 21.38 21.11 14.18
C PRO A 88 20.94 21.81 15.46
N LEU A 89 21.83 21.82 16.45
CA LEU A 89 21.53 22.45 17.72
C LEU A 89 21.23 23.93 17.49
N SER A 90 22.24 24.64 17.00
CA SER A 90 22.10 26.07 16.74
C SER A 90 21.87 26.82 18.05
N ALA A 91 20.60 27.05 18.34
CA ALA A 91 20.24 27.76 19.55
C ALA A 91 20.93 29.13 19.57
N PRO A 92 20.27 30.11 18.92
CA PRO A 92 20.82 31.46 18.86
C PRO A 92 20.65 32.18 20.19
N ALA A 93 21.77 32.68 20.71
CA ALA A 93 21.75 33.39 21.98
C ALA A 93 20.80 32.68 22.94
N SER A 94 21.33 31.66 23.61
CA SER A 94 20.53 30.90 24.57
C SER A 94 20.76 31.45 25.98
N HIS A 95 21.71 32.36 26.08
CA HIS A 95 22.04 32.97 27.37
C HIS A 95 20.80 33.69 27.92
N LEU A 96 19.84 33.90 27.04
CA LEU A 96 18.61 34.59 27.42
C LEU A 96 17.97 33.84 28.59
N ASN A 97 18.23 32.54 28.64
CA ASN A 97 17.68 31.71 29.69
C ASN A 97 16.32 32.26 30.12
N GLU A 98 15.29 31.80 29.44
CA GLU A 98 13.93 32.23 29.73
C GLU A 98 12.92 31.39 28.95
N ALA A 99 12.91 31.58 27.65
CA ALA A 99 11.99 30.84 26.78
C ALA A 99 10.57 31.38 26.98
N GLY A 100 9.71 31.01 26.05
CA GLY A 100 8.32 31.44 26.10
C GLY A 100 7.46 30.68 25.09
N SER A 101 7.85 30.81 23.82
CA SER A 101 7.14 30.14 22.76
C SER A 101 8.12 29.45 21.81
N LEU A 102 7.63 28.41 21.16
CA LEU A 102 8.46 27.65 20.23
C LEU A 102 8.17 28.11 18.80
N PRO A 103 9.26 28.25 18.01
CA PRO A 103 9.13 28.68 16.62
C PRO A 103 8.58 27.55 15.75
N ALA A 104 7.84 27.95 14.72
CA ALA A 104 7.26 26.99 13.80
C ALA A 104 6.17 26.20 14.53
N GLU A 105 6.59 25.45 15.54
CA GLU A 105 5.66 24.64 16.32
C GLU A 105 4.88 23.71 15.40
N LYS A 106 4.18 22.77 16.03
CA LYS A 106 3.38 21.80 15.29
C LYS A 106 4.31 20.85 14.54
N ASP A 107 3.79 19.67 14.25
CA ASP A 107 4.57 18.66 13.54
C ASP A 107 3.93 18.40 12.17
N ALA A 108 4.65 18.79 11.14
CA ALA A 108 4.16 18.59 9.78
C ALA A 108 3.82 17.12 9.57
N VAL A 109 2.55 16.80 9.78
CA VAL A 109 2.08 15.44 9.63
C VAL A 109 2.75 14.80 8.40
N PRO A 110 3.18 13.53 8.58
CA PRO A 110 3.84 12.82 7.50
C PRO A 110 2.83 12.36 6.44
N GLN A 111 3.29 12.35 5.20
CA GLN A 111 2.43 11.95 4.09
C GLN A 111 2.02 10.48 4.25
N THR A 112 0.71 10.28 4.28
CA THR A 112 0.17 8.94 4.43
C THR A 112 -0.72 8.59 3.23
N PHE A 113 -0.45 7.43 2.65
CA PHE A 113 -1.21 6.97 1.51
C PHE A 113 -2.17 5.84 1.91
N SER A 114 -3.35 5.86 1.30
CA SER A 114 -4.36 4.85 1.57
C SER A 114 -4.65 4.05 0.30
N VAL A 115 -4.62 2.73 0.46
CA VAL A 115 -4.89 1.84 -0.66
C VAL A 115 -6.05 0.91 -0.30
N LEU A 116 -7.02 0.87 -1.20
CA LEU A 116 -8.19 0.03 -0.99
C LEU A 116 -8.13 -1.17 -1.94
N ILE A 117 -8.17 -2.35 -1.35
CA ILE A 117 -8.11 -3.58 -2.13
C ILE A 117 -9.39 -4.39 -1.88
N GLY A 118 -9.69 -5.25 -2.84
CA GLY A 118 -10.88 -6.09 -2.74
C GLY A 118 -11.32 -6.59 -4.12
N ASN A 119 -12.54 -7.09 -4.18
CA ASN A 119 -13.08 -7.60 -5.42
C ASN A 119 -13.31 -6.45 -6.39
N ARG A 120 -13.19 -6.75 -7.67
CA ARG A 120 -13.37 -5.74 -8.70
C ARG A 120 -14.72 -5.04 -8.52
N GLU A 121 -15.69 -5.81 -8.05
CA GLU A 121 -17.03 -5.27 -7.82
C GLU A 121 -16.98 -4.16 -6.76
N TRP A 122 -16.13 -4.39 -5.76
CA TRP A 122 -16.00 -3.42 -4.68
C TRP A 122 -15.51 -2.11 -5.29
N LEU A 123 -14.42 -2.20 -6.04
CA LEU A 123 -13.85 -1.03 -6.68
C LEU A 123 -14.89 -0.41 -7.62
N ARG A 124 -15.59 -1.28 -8.32
CA ARG A 124 -16.61 -0.83 -9.25
C ARG A 124 -17.68 0.00 -8.52
N ARG A 125 -18.11 -0.52 -7.38
CA ARG A 125 -19.11 0.15 -6.58
C ARG A 125 -18.52 1.39 -5.92
N ASN A 126 -17.20 1.37 -5.78
CA ASN A 126 -16.50 2.49 -5.17
C ASN A 126 -16.59 3.71 -6.08
N GLY A 127 -16.25 3.50 -7.35
CA GLY A 127 -16.30 4.57 -8.33
C GLY A 127 -15.63 4.13 -9.64
N LEU A 128 -16.08 2.99 -10.15
CA LEU A 128 -15.54 2.46 -11.39
C LEU A 128 -16.69 2.04 -12.30
N THR A 129 -16.54 2.35 -13.58
CA THR A 129 -17.56 2.02 -14.56
C THR A 129 -17.90 0.52 -14.49
N ILE A 130 -18.66 0.07 -15.47
CA ILE A 130 -19.07 -1.32 -15.52
C ILE A 130 -19.99 -1.63 -14.33
N SER A 131 -20.90 -2.56 -14.57
CA SER A 131 -21.85 -2.95 -13.54
C SER A 131 -21.14 -3.72 -12.44
N SER A 132 -21.59 -3.49 -11.21
CA SER A 132 -20.99 -4.16 -10.06
C SER A 132 -21.26 -5.65 -10.13
N ASP A 133 -22.43 -6.00 -10.64
CA ASP A 133 -22.82 -7.39 -10.76
C ASP A 133 -21.99 -8.06 -11.85
N VAL A 134 -21.74 -7.29 -12.91
CA VAL A 134 -20.97 -7.79 -14.04
C VAL A 134 -19.53 -8.07 -13.57
N SER A 135 -18.96 -7.08 -12.91
CA SER A 135 -17.60 -7.21 -12.40
C SER A 135 -17.57 -8.21 -11.25
N ASP A 136 -18.64 -8.23 -10.48
CA ASP A 136 -18.75 -9.13 -9.35
C ASP A 136 -18.75 -10.57 -9.86
N ALA A 137 -19.55 -10.80 -10.89
CA ALA A 137 -19.65 -12.12 -11.48
C ALA A 137 -18.31 -12.51 -12.10
N MET A 138 -17.66 -11.52 -12.68
CA MET A 138 -16.37 -11.74 -13.32
C MET A 138 -15.32 -12.15 -12.30
N THR A 139 -15.24 -11.36 -11.23
CA THR A 139 -14.29 -11.63 -10.17
C THR A 139 -14.58 -12.98 -9.51
N ASP A 140 -15.84 -13.16 -9.16
CA ASP A 140 -16.27 -14.40 -8.51
C ASP A 140 -15.99 -15.58 -9.45
N HIS A 141 -16.26 -15.35 -10.73
CA HIS A 141 -16.05 -16.38 -11.73
C HIS A 141 -14.60 -16.84 -11.69
N GLU A 142 -13.70 -15.87 -11.65
CA GLU A 142 -12.28 -16.16 -11.61
C GLU A 142 -11.95 -17.01 -10.38
N MET A 143 -12.63 -16.69 -9.28
CA MET A 143 -12.42 -17.41 -8.04
C MET A 143 -12.80 -18.88 -8.18
N LYS A 144 -13.45 -19.20 -9.31
CA LYS A 144 -13.87 -20.55 -9.58
C LYS A 144 -12.73 -21.31 -10.26
N GLY A 145 -11.57 -20.67 -10.30
CA GLY A 145 -10.41 -21.27 -10.91
C GLY A 145 -9.11 -20.67 -10.34
N GLN A 146 -9.01 -19.36 -10.46
CA GLN A 146 -7.84 -18.64 -9.97
C GLN A 146 -8.26 -17.53 -9.02
N THR A 147 -7.26 -16.89 -8.43
CA THR A 147 -7.51 -15.80 -7.50
C THR A 147 -7.19 -14.45 -8.15
N ALA A 148 -8.19 -13.59 -8.19
CA ALA A 148 -8.04 -12.28 -8.78
C ALA A 148 -8.55 -11.21 -7.81
N ILE A 149 -7.71 -10.22 -7.57
CA ILE A 149 -8.06 -9.14 -6.66
C ILE A 149 -7.68 -7.80 -7.29
N LEU A 150 -8.50 -6.80 -7.01
CA LEU A 150 -8.26 -5.47 -7.54
C LEU A 150 -7.61 -4.60 -6.47
N VAL A 151 -6.66 -3.78 -6.91
CA VAL A 151 -5.95 -2.91 -5.99
C VAL A 151 -6.18 -1.45 -6.42
N ALA A 152 -6.75 -0.69 -5.49
CA ALA A 152 -7.03 0.72 -5.75
C ALA A 152 -6.29 1.58 -4.73
N ILE A 153 -5.92 2.77 -5.17
CA ILE A 153 -5.20 3.70 -4.32
C ILE A 153 -6.12 4.87 -3.97
N ASP A 154 -6.48 4.94 -2.70
CA ASP A 154 -7.35 6.00 -2.22
C ASP A 154 -8.64 6.02 -3.06
N GLY A 155 -9.13 4.83 -3.35
CA GLY A 155 -10.34 4.69 -4.14
C GLY A 155 -10.08 5.03 -5.61
N VAL A 156 -8.80 5.09 -5.95
CA VAL A 156 -8.40 5.40 -7.31
C VAL A 156 -7.71 4.19 -7.92
N LEU A 157 -7.77 4.11 -9.24
CA LEU A 157 -7.16 3.00 -9.96
C LEU A 157 -5.65 3.02 -9.70
N CYS A 158 -5.09 1.82 -9.60
CA CYS A 158 -3.66 1.68 -9.34
C CYS A 158 -3.17 0.40 -10.05
N GLY A 159 -3.76 -0.71 -9.66
CA GLY A 159 -3.40 -1.99 -10.25
C GLY A 159 -4.23 -3.12 -9.66
N MET A 160 -3.79 -4.35 -9.93
CA MET A 160 -4.48 -5.52 -9.43
C MET A 160 -3.51 -6.69 -9.23
N ILE A 161 -3.85 -7.54 -8.27
CA ILE A 161 -3.02 -8.69 -7.97
C ILE A 161 -3.72 -9.96 -8.47
N ALA A 162 -2.94 -10.80 -9.15
CA ALA A 162 -3.46 -12.04 -9.68
C ALA A 162 -2.67 -13.21 -9.11
N ILE A 163 -3.38 -14.10 -8.43
CA ILE A 163 -2.75 -15.26 -7.83
C ILE A 163 -3.38 -16.52 -8.43
N ALA A 164 -2.51 -17.49 -8.71
CA ALA A 164 -2.96 -18.75 -9.29
C ALA A 164 -2.15 -19.89 -8.69
N ASP A 165 -2.84 -20.75 -7.93
CA ASP A 165 -2.20 -21.88 -7.31
C ASP A 165 -1.64 -22.82 -8.38
#